data_1IVQ
# 
_entry.id   1IVQ 
# 
_audit_conform.dict_name       mmcif_pdbx.dic 
_audit_conform.dict_version    5.386 
_audit_conform.dict_location   http://mmcif.pdb.org/dictionaries/ascii/mmcif_pdbx.dic 
# 
loop_
_database_2.database_id 
_database_2.database_code 
_database_2.pdbx_database_accession 
_database_2.pdbx_DOI 
PDB   1IVQ         pdb_00001ivq 10.2210/pdb1ivq/pdb 
WWPDB D_1000174283 ?            ?                   
# 
loop_
_pdbx_audit_revision_history.ordinal 
_pdbx_audit_revision_history.data_content_type 
_pdbx_audit_revision_history.major_revision 
_pdbx_audit_revision_history.minor_revision 
_pdbx_audit_revision_history.revision_date 
1 'Structure model' 1 0 1993-07-15 
2 'Structure model' 1 1 2008-03-24 
3 'Structure model' 1 2 2011-07-13 
4 'Structure model' 1 3 2012-12-12 
5 'Structure model' 1 4 2017-11-29 
6 'Structure model' 1 5 2024-02-07 
# 
_pdbx_audit_revision_details.ordinal             1 
_pdbx_audit_revision_details.revision_ordinal    1 
_pdbx_audit_revision_details.data_content_type   'Structure model' 
_pdbx_audit_revision_details.provider            repository 
_pdbx_audit_revision_details.type                'Initial release' 
_pdbx_audit_revision_details.description         ? 
_pdbx_audit_revision_details.details             ? 
# 
loop_
_pdbx_audit_revision_group.ordinal 
_pdbx_audit_revision_group.revision_ordinal 
_pdbx_audit_revision_group.data_content_type 
_pdbx_audit_revision_group.group 
1  2 'Structure model' 'Version format compliance' 
2  3 'Structure model' 'Atomic model'              
3  3 'Structure model' 'Database references'       
4  3 'Structure model' 'Derived calculations'      
5  3 'Structure model' 'Non-polymer description'   
6  3 'Structure model' 'Structure summary'         
7  3 'Structure model' 'Version format compliance' 
8  4 'Structure model' Other                       
9  5 'Structure model' 'Derived calculations'      
10 5 'Structure model' Other                       
11 6 'Structure model' 'Data collection'           
12 6 'Structure model' 'Database references'       
13 6 'Structure model' 'Derived calculations'      
14 6 'Structure model' 'Structure summary'         
# 
loop_
_pdbx_audit_revision_category.ordinal 
_pdbx_audit_revision_category.revision_ordinal 
_pdbx_audit_revision_category.data_content_type 
_pdbx_audit_revision_category.category 
1  5 'Structure model' pdbx_database_status 
2  5 'Structure model' struct_conf          
3  5 'Structure model' struct_conf_type     
4  6 'Structure model' chem_comp            
5  6 'Structure model' chem_comp_atom       
6  6 'Structure model' chem_comp_bond       
7  6 'Structure model' database_2           
8  6 'Structure model' entity               
9  6 'Structure model' pdbx_entity_nonpoly  
10 6 'Structure model' struct_ref_seq_dif   
11 6 'Structure model' struct_site          
# 
loop_
_pdbx_audit_revision_item.ordinal 
_pdbx_audit_revision_item.revision_ordinal 
_pdbx_audit_revision_item.data_content_type 
_pdbx_audit_revision_item.item 
1  5 'Structure model' '_pdbx_database_status.process_site'  
2  6 'Structure model' '_chem_comp.name'                     
3  6 'Structure model' '_database_2.pdbx_DOI'                
4  6 'Structure model' '_database_2.pdbx_database_accession' 
5  6 'Structure model' '_entity.pdbx_description'            
6  6 'Structure model' '_pdbx_entity_nonpoly.name'           
7  6 'Structure model' '_struct_ref_seq_dif.details'         
8  6 'Structure model' '_struct_site.pdbx_auth_asym_id'      
9  6 'Structure model' '_struct_site.pdbx_auth_comp_id'      
10 6 'Structure model' '_struct_site.pdbx_auth_seq_id'       
# 
_pdbx_database_status.status_code                     REL 
_pdbx_database_status.entry_id                        1IVQ 
_pdbx_database_status.recvd_initial_deposition_date   1993-03-18 
_pdbx_database_status.deposit_site                    ? 
_pdbx_database_status.process_site                    BNL 
_pdbx_database_status.SG_entry                        . 
_pdbx_database_status.pdb_format_compatible           Y 
_pdbx_database_status.status_code_mr                  ? 
_pdbx_database_status.status_code_sf                  ? 
_pdbx_database_status.status_code_cs                  ? 
_pdbx_database_status.methods_development_category    ? 
_pdbx_database_status.status_code_nmr_data            ? 
# 
_pdbx_database_related.db_name        PDB 
_pdbx_database_related.db_id          1IVP 
_pdbx_database_related.details        . 
_pdbx_database_related.content_type   unspecified 
# 
loop_
_audit_author.name 
_audit_author.pdbx_ordinal 
'Mulichak, A.M.'   1 
'Watenpaugh, K.D.' 2 
# 
_citation.id                        primary 
_citation.title                     
;The crystallographic structure of the protease from human immunodeficiency virus type 2 with two synthetic peptidic transition state analog inhibitors.
;
_citation.journal_abbrev            J.Biol.Chem. 
_citation.journal_volume            268 
_citation.page_first                13103 
_citation.page_last                 13109 
_citation.year                      1993 
_citation.journal_id_ASTM           JBCHA3 
_citation.country                   US 
_citation.journal_id_ISSN           0021-9258 
_citation.journal_id_CSD            0071 
_citation.book_publisher            ? 
_citation.pdbx_database_id_PubMed   8514751 
_citation.pdbx_database_id_DOI      ? 
# 
loop_
_citation_author.citation_id 
_citation_author.name 
_citation_author.ordinal 
_citation_author.identifier_ORCID 
primary 'Mulichak, A.M.'   1 ? 
primary 'Hui, J.O.'        2 ? 
primary 'Tomasselli, A.G.' 3 ? 
primary 'Heinrikson, R.L.' 4 ? 
primary 'Curry, K.A.'      5 ? 
primary 'Tomich, C.S.'     6 ? 
primary 'Thaisrivongs, S.' 7 ? 
primary 'Sawyer, T.K.'     8 ? 
primary 'Watenpaugh, K.D.' 9 ? 
# 
loop_
_entity.id 
_entity.type 
_entity.src_method 
_entity.pdbx_description 
_entity.formula_weight 
_entity.pdbx_number_of_molecules 
_entity.pdbx_ec 
_entity.pdbx_mutation 
_entity.pdbx_fragment 
_entity.details 
1 polymer     man 'HIV-2 PROTEASE' 10712.315 2  ? ? ? ? 
2 non-polymer syn 
;N~1~-{(1S,2S,4S)-1-(cyclohexylmethyl)-4-[(2,2-dimethylpropyl)carbamoyl]-2-hydroxy-5-methylhexyl}-N~2~-(quinolin-2-ylcar bonyl)-L-aspartamide
;
609.799   1  ? ? ? ? 
3 water       nat water 18.015    46 ? ? ? ? 
# 
_entity_poly.entity_id                      1 
_entity_poly.type                           'polypeptide(L)' 
_entity_poly.nstd_linkage                   no 
_entity_poly.nstd_monomer                   no 
_entity_poly.pdbx_seq_one_letter_code       
;PQFSLWKRPVVTAYIEGQPVEVLLDTGADDSIVAGIELGNNYSPKIVGGIGGFINTLEYKNVEIEVLNKKVRATIMTGDT
PINIFGRNILTALGMSLNL
;
_entity_poly.pdbx_seq_one_letter_code_can   
;PQFSLWKRPVVTAYIEGQPVEVLLDTGADDSIVAGIELGNNYSPKIVGGIGGFINTLEYKNVEIEVLNKKVRATIMTGDT
PINIFGRNILTALGMSLNL
;
_entity_poly.pdbx_strand_id                 A,B 
_entity_poly.pdbx_target_identifier         ? 
# 
loop_
_pdbx_entity_nonpoly.entity_id 
_pdbx_entity_nonpoly.name 
_pdbx_entity_nonpoly.comp_id 
2 
;N~1~-{(1S,2S,4S)-1-(cyclohexylmethyl)-4-[(2,2-dimethylpropyl)carbamoyl]-2-hydroxy-5-methylhexyl}-N~2~-(quinolin-2-ylcar bonyl)-L-aspartamide
;
0PX 
3 water HOH 
# 
loop_
_entity_poly_seq.entity_id 
_entity_poly_seq.num 
_entity_poly_seq.mon_id 
_entity_poly_seq.hetero 
1 1  PRO n 
1 2  GLN n 
1 3  PHE n 
1 4  SER n 
1 5  LEU n 
1 6  TRP n 
1 7  LYS n 
1 8  ARG n 
1 9  PRO n 
1 10 VAL n 
1 11 VAL n 
1 12 THR n 
1 13 ALA n 
1 14 TYR n 
1 15 ILE n 
1 16 GLU n 
1 17 GLY n 
1 18 GLN n 
1 19 PRO n 
1 20 VAL n 
1 21 GLU n 
1 22 VAL n 
1 23 LEU n 
1 24 LEU n 
1 25 ASP n 
1 26 THR n 
1 27 GLY n 
1 28 ALA n 
1 29 ASP n 
1 30 ASP n 
1 31 SER n 
1 32 ILE n 
1 33 VAL n 
1 34 ALA n 
1 35 GLY n 
1 36 ILE n 
1 37 GLU n 
1 38 LEU n 
1 39 GLY n 
1 40 ASN n 
1 41 ASN n 
1 42 TYR n 
1 43 SER n 
1 44 PRO n 
1 45 LYS n 
1 46 ILE n 
1 47 VAL n 
1 48 GLY n 
1 49 GLY n 
1 50 ILE n 
1 51 GLY n 
1 52 GLY n 
1 53 PHE n 
1 54 ILE n 
1 55 ASN n 
1 56 THR n 
1 57 LEU n 
1 58 GLU n 
1 59 TYR n 
1 60 LYS n 
1 61 ASN n 
1 62 VAL n 
1 63 GLU n 
1 64 ILE n 
1 65 GLU n 
1 66 VAL n 
1 67 LEU n 
1 68 ASN n 
1 69 LYS n 
1 70 LYS n 
1 71 VAL n 
1 72 ARG n 
1 73 ALA n 
1 74 THR n 
1 75 ILE n 
1 76 MET n 
1 77 THR n 
1 78 GLY n 
1 79 ASP n 
1 80 THR n 
1 81 PRO n 
1 82 ILE n 
1 83 ASN n 
1 84 ILE n 
1 85 PHE n 
1 86 GLY n 
1 87 ARG n 
1 88 ASN n 
1 89 ILE n 
1 90 LEU n 
1 91 THR n 
1 92 ALA n 
1 93 LEU n 
1 94 GLY n 
1 95 MET n 
1 96 SER n 
1 97 LEU n 
1 98 ASN n 
1 99 LEU n 
# 
_entity_src_gen.entity_id                          1 
_entity_src_gen.pdbx_src_id                        1 
_entity_src_gen.pdbx_alt_source_flag               sample 
_entity_src_gen.pdbx_seq_type                      ? 
_entity_src_gen.pdbx_beg_seq_num                   ? 
_entity_src_gen.pdbx_end_seq_num                   ? 
_entity_src_gen.gene_src_common_name               ? 
_entity_src_gen.gene_src_genus                     Lentivirus 
_entity_src_gen.pdbx_gene_src_gene                 ? 
_entity_src_gen.gene_src_species                   ? 
_entity_src_gen.gene_src_strain                    ? 
_entity_src_gen.gene_src_tissue                    ? 
_entity_src_gen.gene_src_tissue_fraction           ? 
_entity_src_gen.gene_src_details                   ? 
_entity_src_gen.pdbx_gene_src_fragment             ? 
_entity_src_gen.pdbx_gene_src_scientific_name      'Human immunodeficiency virus 2' 
_entity_src_gen.pdbx_gene_src_ncbi_taxonomy_id     11709 
_entity_src_gen.pdbx_gene_src_variant              ? 
_entity_src_gen.pdbx_gene_src_cell_line            ? 
_entity_src_gen.pdbx_gene_src_atcc                 ? 
_entity_src_gen.pdbx_gene_src_organ                ? 
_entity_src_gen.pdbx_gene_src_organelle            ? 
_entity_src_gen.pdbx_gene_src_cell                 ? 
_entity_src_gen.pdbx_gene_src_cellular_location    ? 
_entity_src_gen.host_org_common_name               ? 
_entity_src_gen.pdbx_host_org_scientific_name      'Escherichia coli' 
_entity_src_gen.pdbx_host_org_ncbi_taxonomy_id     562 
_entity_src_gen.host_org_genus                     Escherichia 
_entity_src_gen.pdbx_host_org_gene                 ? 
_entity_src_gen.pdbx_host_org_organ                ? 
_entity_src_gen.host_org_species                   ? 
_entity_src_gen.pdbx_host_org_tissue               ? 
_entity_src_gen.pdbx_host_org_tissue_fraction      ? 
_entity_src_gen.pdbx_host_org_strain               ? 
_entity_src_gen.pdbx_host_org_variant              ? 
_entity_src_gen.pdbx_host_org_cell_line            ? 
_entity_src_gen.pdbx_host_org_atcc                 ? 
_entity_src_gen.pdbx_host_org_culture_collection   ? 
_entity_src_gen.pdbx_host_org_cell                 ? 
_entity_src_gen.pdbx_host_org_organelle            ? 
_entity_src_gen.pdbx_host_org_cellular_location    ? 
_entity_src_gen.pdbx_host_org_vector_type          ? 
_entity_src_gen.pdbx_host_org_vector               ? 
_entity_src_gen.host_org_details                   ? 
_entity_src_gen.expression_system_id               ? 
_entity_src_gen.plasmid_name                       ? 
_entity_src_gen.plasmid_details                    ? 
_entity_src_gen.pdbx_description                   ? 
# 
loop_
_chem_comp.id 
_chem_comp.type 
_chem_comp.mon_nstd_flag 
_chem_comp.name 
_chem_comp.pdbx_synonyms 
_chem_comp.formula 
_chem_comp.formula_weight 
0PX peptide-like        . 
;N~1~-{(1S,2S,4S)-1-(cyclohexylmethyl)-4-[(2,2-dimethylpropyl)carbamoyl]-2-hydroxy-5-methylhexyl}-N~2~-(quinolin-2-ylcar bonyl)-L-aspartamide
;
U92163 'C34 H51 N5 O5'  609.799 
ALA 'L-peptide linking' y ALANINE ?      'C3 H7 N O2'     89.093  
ARG 'L-peptide linking' y ARGININE ?      'C6 H15 N4 O2 1' 175.209 
ASN 'L-peptide linking' y ASPARAGINE ?      'C4 H8 N2 O3'    132.118 
ASP 'L-peptide linking' y 'ASPARTIC ACID' ?      'C4 H7 N O4'     133.103 
GLN 'L-peptide linking' y GLUTAMINE ?      'C5 H10 N2 O3'   146.144 
GLU 'L-peptide linking' y 'GLUTAMIC ACID' ?      'C5 H9 N O4'     147.129 
GLY 'peptide linking'   y GLYCINE ?      'C2 H5 N O2'     75.067  
HOH non-polymer         . WATER ?      'H2 O'           18.015  
ILE 'L-peptide linking' y ISOLEUCINE ?      'C6 H13 N O2'    131.173 
LEU 'L-peptide linking' y LEUCINE ?      'C6 H13 N O2'    131.173 
LYS 'L-peptide linking' y LYSINE ?      'C6 H15 N2 O2 1' 147.195 
MET 'L-peptide linking' y METHIONINE ?      'C5 H11 N O2 S'  149.211 
PHE 'L-peptide linking' y PHENYLALANINE ?      'C9 H11 N O2'    165.189 
PRO 'L-peptide linking' y PROLINE ?      'C5 H9 N O2'     115.130 
SER 'L-peptide linking' y SERINE ?      'C3 H7 N O3'     105.093 
THR 'L-peptide linking' y THREONINE ?      'C4 H9 N O3'     119.119 
TRP 'L-peptide linking' y TRYPTOPHAN ?      'C11 H12 N2 O2'  204.225 
TYR 'L-peptide linking' y TYROSINE ?      'C9 H11 N O3'    181.189 
VAL 'L-peptide linking' y VALINE ?      'C5 H11 N O2'    117.146 
# 
loop_
_pdbx_poly_seq_scheme.asym_id 
_pdbx_poly_seq_scheme.entity_id 
_pdbx_poly_seq_scheme.seq_id 
_pdbx_poly_seq_scheme.mon_id 
_pdbx_poly_seq_scheme.ndb_seq_num 
_pdbx_poly_seq_scheme.pdb_seq_num 
_pdbx_poly_seq_scheme.auth_seq_num 
_pdbx_poly_seq_scheme.pdb_mon_id 
_pdbx_poly_seq_scheme.auth_mon_id 
_pdbx_poly_seq_scheme.pdb_strand_id 
_pdbx_poly_seq_scheme.pdb_ins_code 
_pdbx_poly_seq_scheme.hetero 
A 1 1  PRO 1  1  1  PRO PRO A . n 
A 1 2  GLN 2  2  2  GLN GLN A . n 
A 1 3  PHE 3  3  3  PHE PHE A . n 
A 1 4  SER 4  4  4  SER SER A . n 
A 1 5  LEU 5  5  5  LEU LEU A . n 
A 1 6  TRP 6  6  6  TRP TRP A . n 
A 1 7  LYS 7  7  7  LYS LYS A . n 
A 1 8  ARG 8  8  8  ARG ARG A . n 
A 1 9  PRO 9  9  9  PRO PRO A . n 
A 1 10 VAL 10 10 10 VAL VAL A . n 
A 1 11 VAL 11 11 11 VAL VAL A . n 
A 1 12 THR 12 12 12 THR THR A . n 
A 1 13 ALA 13 13 13 ALA ALA A . n 
A 1 14 TYR 14 14 14 TYR TYR A . n 
A 1 15 ILE 15 15 15 ILE ILE A . n 
A 1 16 GLU 16 16 16 GLU GLU A . n 
A 1 17 GLY 17 17 17 GLY GLY A . n 
A 1 18 GLN 18 18 18 GLN GLN A . n 
A 1 19 PRO 19 19 19 PRO PRO A . n 
A 1 20 VAL 20 20 20 VAL VAL A . n 
A 1 21 GLU 21 21 21 GLU GLU A . n 
A 1 22 VAL 22 22 22 VAL VAL A . n 
A 1 23 LEU 23 23 23 LEU LEU A . n 
A 1 24 LEU 24 24 24 LEU LEU A . n 
A 1 25 ASP 25 25 25 ASP ASP A . n 
A 1 26 THR 26 26 26 THR THR A . n 
A 1 27 GLY 27 27 27 GLY GLY A . n 
A 1 28 ALA 28 28 28 ALA ALA A . n 
A 1 29 ASP 29 29 29 ASP ASP A . n 
A 1 30 ASP 30 30 30 ASP ASP A . n 
A 1 31 SER 31 31 31 SER SER A . n 
A 1 32 ILE 32 32 32 ILE ILE A . n 
A 1 33 VAL 33 33 33 VAL VAL A . n 
A 1 34 ALA 34 34 34 ALA ALA A . n 
A 1 35 GLY 35 35 35 GLY GLY A . n 
A 1 36 ILE 36 36 36 ILE ILE A . n 
A 1 37 GLU 37 37 37 GLU GLU A . n 
A 1 38 LEU 38 38 38 LEU LEU A . n 
A 1 39 GLY 39 39 39 GLY GLY A . n 
A 1 40 ASN 40 40 40 ASN ASN A . n 
A 1 41 ASN 41 41 41 ASN ASN A . n 
A 1 42 TYR 42 42 42 TYR TYR A . n 
A 1 43 SER 43 43 43 SER SER A . n 
A 1 44 PRO 44 44 44 PRO PRO A . n 
A 1 45 LYS 45 45 45 LYS LYS A . n 
A 1 46 ILE 46 46 46 ILE ILE A . n 
A 1 47 VAL 47 47 47 VAL VAL A . n 
A 1 48 GLY 48 48 48 GLY GLY A . n 
A 1 49 GLY 49 49 49 GLY GLY A . n 
A 1 50 ILE 50 50 50 ILE ILE A . n 
A 1 51 GLY 51 51 51 GLY GLY A . n 
A 1 52 GLY 52 52 52 GLY GLY A . n 
A 1 53 PHE 53 53 53 PHE PHE A . n 
A 1 54 ILE 54 54 54 ILE ILE A . n 
A 1 55 ASN 55 55 55 ASN ASN A . n 
A 1 56 THR 56 56 56 THR THR A . n 
A 1 57 LEU 57 57 57 LEU LEU A . n 
A 1 58 GLU 58 58 58 GLU GLU A . n 
A 1 59 TYR 59 59 59 TYR TYR A . n 
A 1 60 LYS 60 60 60 LYS LYS A . n 
A 1 61 ASN 61 61 61 ASN ASN A . n 
A 1 62 VAL 62 62 62 VAL VAL A . n 
A 1 63 GLU 63 63 63 GLU GLU A . n 
A 1 64 ILE 64 64 64 ILE ILE A . n 
A 1 65 GLU 65 65 65 GLU GLU A . n 
A 1 66 VAL 66 66 66 VAL VAL A . n 
A 1 67 LEU 67 67 67 LEU LEU A . n 
A 1 68 ASN 68 68 68 ASN ASN A . n 
A 1 69 LYS 69 69 69 LYS LYS A . n 
A 1 70 LYS 70 70 70 LYS LYS A . n 
A 1 71 VAL 71 71 71 VAL VAL A . n 
A 1 72 ARG 72 72 72 ARG ARG A . n 
A 1 73 ALA 73 73 73 ALA ALA A . n 
A 1 74 THR 74 74 74 THR THR A . n 
A 1 75 ILE 75 75 75 ILE ILE A . n 
A 1 76 MET 76 76 76 MET MET A . n 
A 1 77 THR 77 77 77 THR THR A . n 
A 1 78 GLY 78 78 78 GLY GLY A . n 
A 1 79 ASP 79 79 79 ASP ASP A . n 
A 1 80 THR 80 80 80 THR THR A . n 
A 1 81 PRO 81 81 81 PRO PRO A . n 
A 1 82 ILE 82 82 82 ILE ILE A . n 
A 1 83 ASN 83 83 83 ASN ASN A . n 
A 1 84 ILE 84 84 84 ILE ILE A . n 
A 1 85 PHE 85 85 85 PHE PHE A . n 
A 1 86 GLY 86 86 86 GLY GLY A . n 
A 1 87 ARG 87 87 87 ARG ARG A . n 
A 1 88 ASN 88 88 88 ASN ASN A . n 
A 1 89 ILE 89 89 89 ILE ILE A . n 
A 1 90 LEU 90 90 90 LEU LEU A . n 
A 1 91 THR 91 91 91 THR THR A . n 
A 1 92 ALA 92 92 92 ALA ALA A . n 
A 1 93 LEU 93 93 93 LEU LEU A . n 
A 1 94 GLY 94 94 94 GLY GLY A . n 
A 1 95 MET 95 95 95 MET MET A . n 
A 1 96 SER 96 96 96 SER SER A . n 
A 1 97 LEU 97 97 97 LEU LEU A . n 
A 1 98 ASN 98 98 98 ASN ASN A . n 
A 1 99 LEU 99 99 99 LEU LEU A . n 
B 1 1  PRO 1  1  1  PRO PRO B . n 
B 1 2  GLN 2  2  2  GLN GLN B . n 
B 1 3  PHE 3  3  3  PHE PHE B . n 
B 1 4  SER 4  4  4  SER SER B . n 
B 1 5  LEU 5  5  5  LEU LEU B . n 
B 1 6  TRP 6  6  6  TRP TRP B . n 
B 1 7  LYS 7  7  7  LYS LYS B . n 
B 1 8  ARG 8  8  8  ARG ARG B . n 
B 1 9  PRO 9  9  9  PRO PRO B . n 
B 1 10 VAL 10 10 10 VAL VAL B . n 
B 1 11 VAL 11 11 11 VAL VAL B . n 
B 1 12 THR 12 12 12 THR THR B . n 
B 1 13 ALA 13 13 13 ALA ALA B . n 
B 1 14 TYR 14 14 14 TYR TYR B . n 
B 1 15 ILE 15 15 15 ILE ILE B . n 
B 1 16 GLU 16 16 16 GLU GLU B . n 
B 1 17 GLY 17 17 17 GLY GLY B . n 
B 1 18 GLN 18 18 18 GLN GLN B . n 
B 1 19 PRO 19 19 19 PRO PRO B . n 
B 1 20 VAL 20 20 20 VAL VAL B . n 
B 1 21 GLU 21 21 21 GLU GLU B . n 
B 1 22 VAL 22 22 22 VAL VAL B . n 
B 1 23 LEU 23 23 23 LEU LEU B . n 
B 1 24 LEU 24 24 24 LEU LEU B . n 
B 1 25 ASP 25 25 25 ASP ASP B . n 
B 1 26 THR 26 26 26 THR THR B . n 
B 1 27 GLY 27 27 27 GLY GLY B . n 
B 1 28 ALA 28 28 28 ALA ALA B . n 
B 1 29 ASP 29 29 29 ASP ASP B . n 
B 1 30 ASP 30 30 30 ASP ASP B . n 
B 1 31 SER 31 31 31 SER SER B . n 
B 1 32 ILE 32 32 32 ILE ILE B . n 
B 1 33 VAL 33 33 33 VAL VAL B . n 
B 1 34 ALA 34 34 34 ALA ALA B . n 
B 1 35 GLY 35 35 35 GLY GLY B . n 
B 1 36 ILE 36 36 36 ILE ILE B . n 
B 1 37 GLU 37 37 37 GLU GLU B . n 
B 1 38 LEU 38 38 38 LEU LEU B . n 
B 1 39 GLY 39 39 39 GLY GLY B . n 
B 1 40 ASN 40 40 40 ASN ASN B . n 
B 1 41 ASN 41 41 41 ASN ASN B . n 
B 1 42 TYR 42 42 42 TYR TYR B . n 
B 1 43 SER 43 43 43 SER SER B . n 
B 1 44 PRO 44 44 44 PRO PRO B . n 
B 1 45 LYS 45 45 45 LYS LYS B . n 
B 1 46 ILE 46 46 46 ILE ILE B . n 
B 1 47 VAL 47 47 47 VAL VAL B . n 
B 1 48 GLY 48 48 48 GLY GLY B . n 
B 1 49 GLY 49 49 49 GLY GLY B . n 
B 1 50 ILE 50 50 50 ILE ILE B . n 
B 1 51 GLY 51 51 51 GLY GLY B . n 
B 1 52 GLY 52 52 52 GLY GLY B . n 
B 1 53 PHE 53 53 53 PHE PHE B . n 
B 1 54 ILE 54 54 54 ILE ILE B . n 
B 1 55 ASN 55 55 55 ASN ASN B . n 
B 1 56 THR 56 56 56 THR THR B . n 
B 1 57 LEU 57 57 57 LEU LEU B . n 
B 1 58 GLU 58 58 58 GLU GLU B . n 
B 1 59 TYR 59 59 59 TYR TYR B . n 
B 1 60 LYS 60 60 60 LYS LYS B . n 
B 1 61 ASN 61 61 61 ASN ASN B . n 
B 1 62 VAL 62 62 62 VAL VAL B . n 
B 1 63 GLU 63 63 63 GLU GLU B . n 
B 1 64 ILE 64 64 64 ILE ILE B . n 
B 1 65 GLU 65 65 65 GLU GLU B . n 
B 1 66 VAL 66 66 66 VAL VAL B . n 
B 1 67 LEU 67 67 67 LEU LEU B . n 
B 1 68 ASN 68 68 68 ASN ASN B . n 
B 1 69 LYS 69 69 69 LYS LYS B . n 
B 1 70 LYS 70 70 70 LYS LYS B . n 
B 1 71 VAL 71 71 71 VAL VAL B . n 
B 1 72 ARG 72 72 72 ARG ARG B . n 
B 1 73 ALA 73 73 73 ALA ALA B . n 
B 1 74 THR 74 74 74 THR THR B . n 
B 1 75 ILE 75 75 75 ILE ILE B . n 
B 1 76 MET 76 76 76 MET MET B . n 
B 1 77 THR 77 77 77 THR THR B . n 
B 1 78 GLY 78 78 78 GLY GLY B . n 
B 1 79 ASP 79 79 79 ASP ASP B . n 
B 1 80 THR 80 80 80 THR THR B . n 
B 1 81 PRO 81 81 81 PRO PRO B . n 
B 1 82 ILE 82 82 82 ILE ILE B . n 
B 1 83 ASN 83 83 83 ASN ASN B . n 
B 1 84 ILE 84 84 84 ILE ILE B . n 
B 1 85 PHE 85 85 85 PHE PHE B . n 
B 1 86 GLY 86 86 86 GLY GLY B . n 
B 1 87 ARG 87 87 87 ARG ARG B . n 
B 1 88 ASN 88 88 88 ASN ASN B . n 
B 1 89 ILE 89 89 89 ILE ILE B . n 
B 1 90 LEU 90 90 90 LEU LEU B . n 
B 1 91 THR 91 91 91 THR THR B . n 
B 1 92 ALA 92 92 92 ALA ALA B . n 
B 1 93 LEU 93 93 93 LEU LEU B . n 
B 1 94 GLY 94 94 94 GLY GLY B . n 
B 1 95 MET 95 95 95 MET MET B . n 
B 1 96 SER 96 96 96 SER SER B . n 
B 1 97 LEU 97 97 97 LEU LEU B . n 
B 1 98 ASN 98 98 98 ASN ASN B . n 
B 1 99 LEU 99 99 99 LEU LEU B . n 
# 
loop_
_pdbx_nonpoly_scheme.asym_id 
_pdbx_nonpoly_scheme.entity_id 
_pdbx_nonpoly_scheme.mon_id 
_pdbx_nonpoly_scheme.ndb_seq_num 
_pdbx_nonpoly_scheme.pdb_seq_num 
_pdbx_nonpoly_scheme.auth_seq_num 
_pdbx_nonpoly_scheme.pdb_mon_id 
_pdbx_nonpoly_scheme.auth_mon_id 
_pdbx_nonpoly_scheme.pdb_strand_id 
_pdbx_nonpoly_scheme.pdb_ins_code 
C 2 0PX 1  100 1   0PX QNC A . 
D 3 HOH 1  300 300 HOH HOH A . 
D 3 HOH 2  301 301 HOH HOH A . 
D 3 HOH 3  302 302 HOH HOH A . 
D 3 HOH 4  303 303 HOH HOH A . 
D 3 HOH 5  304 304 HOH HOH A . 
D 3 HOH 6  305 305 HOH HOH A . 
D 3 HOH 7  306 306 HOH HOH A . 
D 3 HOH 8  307 307 HOH HOH A . 
D 3 HOH 9  308 308 HOH HOH A . 
D 3 HOH 10 309 309 HOH HOH A . 
D 3 HOH 11 311 311 HOH HOH A . 
D 3 HOH 12 333 333 HOH HOH A . 
D 3 HOH 13 334 334 HOH HOH A . 
D 3 HOH 14 335 335 HOH HOH A . 
D 3 HOH 15 336 336 HOH HOH A . 
D 3 HOH 16 337 337 HOH HOH A . 
D 3 HOH 17 339 339 HOH HOH A . 
D 3 HOH 18 340 340 HOH HOH A . 
D 3 HOH 19 341 341 HOH HOH A . 
E 3 HOH 1  310 310 HOH HOH B . 
E 3 HOH 2  312 312 HOH HOH B . 
E 3 HOH 3  313 313 HOH HOH B . 
E 3 HOH 4  314 314 HOH HOH B . 
E 3 HOH 5  315 315 HOH HOH B . 
E 3 HOH 6  316 316 HOH HOH B . 
E 3 HOH 7  317 317 HOH HOH B . 
E 3 HOH 8  318 318 HOH HOH B . 
E 3 HOH 9  319 319 HOH HOH B . 
E 3 HOH 10 320 320 HOH HOH B . 
E 3 HOH 11 321 321 HOH HOH B . 
E 3 HOH 12 322 322 HOH HOH B . 
E 3 HOH 13 323 323 HOH HOH B . 
E 3 HOH 14 324 324 HOH HOH B . 
E 3 HOH 15 325 325 HOH HOH B . 
E 3 HOH 16 326 326 HOH HOH B . 
E 3 HOH 17 327 327 HOH HOH B . 
E 3 HOH 18 328 328 HOH HOH B . 
E 3 HOH 19 329 329 HOH HOH B . 
E 3 HOH 20 330 330 HOH HOH B . 
E 3 HOH 21 331 331 HOH HOH B . 
E 3 HOH 22 332 332 HOH HOH B . 
E 3 HOH 23 338 338 HOH HOH B . 
E 3 HOH 24 342 342 HOH HOH B . 
E 3 HOH 25 343 343 HOH HOH B . 
E 3 HOH 26 344 344 HOH HOH B . 
E 3 HOH 27 345 345 HOH HOH B . 
# 
loop_
_pdbx_unobs_or_zero_occ_atoms.id 
_pdbx_unobs_or_zero_occ_atoms.PDB_model_num 
_pdbx_unobs_or_zero_occ_atoms.polymer_flag 
_pdbx_unobs_or_zero_occ_atoms.occupancy_flag 
_pdbx_unobs_or_zero_occ_atoms.auth_asym_id 
_pdbx_unobs_or_zero_occ_atoms.auth_comp_id 
_pdbx_unobs_or_zero_occ_atoms.auth_seq_id 
_pdbx_unobs_or_zero_occ_atoms.PDB_ins_code 
_pdbx_unobs_or_zero_occ_atoms.auth_atom_id 
_pdbx_unobs_or_zero_occ_atoms.label_alt_id 
_pdbx_unobs_or_zero_occ_atoms.label_asym_id 
_pdbx_unobs_or_zero_occ_atoms.label_comp_id 
_pdbx_unobs_or_zero_occ_atoms.label_seq_id 
_pdbx_unobs_or_zero_occ_atoms.label_atom_id 
1  1 Y 1 A GLN 2  ? CG  ? A GLN 2  CG  
2  1 Y 1 A GLN 2  ? CD  ? A GLN 2  CD  
3  1 Y 1 A GLN 2  ? OE1 ? A GLN 2  OE1 
4  1 Y 1 A GLN 2  ? NE2 ? A GLN 2  NE2 
5  1 Y 1 A LYS 7  ? CG  ? A LYS 7  CG  
6  1 Y 1 A LYS 7  ? CD  ? A LYS 7  CD  
7  1 Y 1 A LYS 7  ? CE  ? A LYS 7  CE  
8  1 Y 1 A LYS 7  ? NZ  ? A LYS 7  NZ  
9  1 Y 1 A GLU 63 ? CG  ? A GLU 63 CG  
10 1 Y 1 A GLU 63 ? CD  ? A GLU 63 CD  
11 1 Y 1 A GLU 63 ? OE1 ? A GLU 63 OE1 
12 1 Y 1 A GLU 63 ? OE2 ? A GLU 63 OE2 
13 1 Y 1 A LYS 69 ? CE  ? A LYS 69 CE  
14 1 Y 1 A LYS 69 ? NZ  ? A LYS 69 NZ  
15 1 Y 1 A LYS 70 ? CD  ? A LYS 70 CD  
16 1 Y 1 A LYS 70 ? CE  ? A LYS 70 CE  
17 1 Y 1 A LYS 70 ? NZ  ? A LYS 70 NZ  
18 1 Y 1 B ASN 41 ? CG  ? B ASN 41 CG  
19 1 Y 1 B ASN 41 ? OD1 ? B ASN 41 OD1 
20 1 Y 1 B ASN 41 ? ND2 ? B ASN 41 ND2 
21 1 Y 1 B LYS 70 ? CG  ? B LYS 70 CG  
22 1 Y 1 B LYS 70 ? CD  ? B LYS 70 CD  
23 1 Y 1 B LYS 70 ? CE  ? B LYS 70 CE  
24 1 Y 1 B LYS 70 ? NZ  ? B LYS 70 NZ  
# 
_software.name             PROLSQ 
_software.classification   refinement 
_software.version          . 
_software.citation_id      ? 
_software.pdbx_ordinal     1 
# 
_cell.entry_id           1IVQ 
_cell.length_a           32.200 
_cell.length_b           46.230 
_cell.length_c           135.590 
_cell.angle_alpha        90.00 
_cell.angle_beta         90.00 
_cell.angle_gamma        90.00 
_cell.Z_PDB              8 
_cell.pdbx_unique_axis   ? 
# 
_symmetry.entry_id                         1IVQ 
_symmetry.space_group_name_H-M             'P 21 21 21' 
_symmetry.pdbx_full_space_group_name_H-M   ? 
_symmetry.cell_setting                     ? 
_symmetry.Int_Tables_number                19 
# 
_exptl.entry_id          1IVQ 
_exptl.method            'X-RAY DIFFRACTION' 
_exptl.crystals_number   ? 
# 
_exptl_crystal.id                    1 
_exptl_crystal.density_meas          ? 
_exptl_crystal.density_Matthews      2.29 
_exptl_crystal.density_percent_sol   46.30 
_exptl_crystal.description           ? 
# 
_diffrn.id                     1 
_diffrn.ambient_temp           ? 
_diffrn.ambient_temp_details   ? 
_diffrn.crystal_id             1 
# 
_diffrn_radiation.diffrn_id                        1 
_diffrn_radiation.wavelength_id                    1 
_diffrn_radiation.pdbx_monochromatic_or_laue_m_l   ? 
_diffrn_radiation.monochromator                    ? 
_diffrn_radiation.pdbx_diffrn_protocol             ? 
_diffrn_radiation.pdbx_scattering_type             x-ray 
# 
_diffrn_radiation_wavelength.id           1 
_diffrn_radiation_wavelength.wavelength   . 
_diffrn_radiation_wavelength.wt           1.0 
# 
_refine.entry_id                                 1IVQ 
_refine.ls_number_reflns_obs                     ? 
_refine.ls_number_reflns_all                     ? 
_refine.pdbx_ls_sigma_I                          ? 
_refine.pdbx_ls_sigma_F                          ? 
_refine.pdbx_data_cutoff_high_absF               ? 
_refine.pdbx_data_cutoff_low_absF                ? 
_refine.pdbx_data_cutoff_high_rms_absF           ? 
_refine.ls_d_res_low                             ? 
_refine.ls_d_res_high                            2.6 
_refine.ls_percent_reflns_obs                    ? 
_refine.ls_R_factor_obs                          0.1860000 
_refine.ls_R_factor_all                          ? 
_refine.ls_R_factor_R_work                       ? 
_refine.ls_R_factor_R_free                       ? 
_refine.ls_R_factor_R_free_error                 ? 
_refine.ls_R_factor_R_free_error_details         ? 
_refine.ls_percent_reflns_R_free                 ? 
_refine.ls_number_reflns_R_free                  ? 
_refine.ls_number_parameters                     ? 
_refine.ls_number_restraints                     ? 
_refine.occupancy_min                            ? 
_refine.occupancy_max                            ? 
_refine.B_iso_mean                               ? 
_refine.aniso_B[1][1]                            ? 
_refine.aniso_B[2][2]                            ? 
_refine.aniso_B[3][3]                            ? 
_refine.aniso_B[1][2]                            ? 
_refine.aniso_B[1][3]                            ? 
_refine.aniso_B[2][3]                            ? 
_refine.solvent_model_details                    ? 
_refine.solvent_model_param_ksol                 ? 
_refine.solvent_model_param_bsol                 ? 
_refine.pdbx_ls_cross_valid_method               ? 
_refine.details                                  ? 
_refine.pdbx_starting_model                      ? 
_refine.pdbx_method_to_determine_struct          ? 
_refine.pdbx_isotropic_thermal_model             ? 
_refine.pdbx_stereochemistry_target_values       ? 
_refine.pdbx_stereochem_target_val_spec_case     ? 
_refine.pdbx_R_Free_selection_details            ? 
_refine.pdbx_overall_ESU_R                       ? 
_refine.pdbx_overall_ESU_R_Free                  ? 
_refine.overall_SU_ML                            ? 
_refine.overall_SU_B                             ? 
_refine.pdbx_refine_id                           'X-RAY DIFFRACTION' 
_refine.pdbx_diffrn_id                           1 
_refine.pdbx_TLS_residual_ADP_flag               ? 
_refine.correlation_coeff_Fo_to_Fc               ? 
_refine.correlation_coeff_Fo_to_Fc_free          ? 
_refine.pdbx_solvent_vdw_probe_radii             ? 
_refine.pdbx_solvent_ion_probe_radii             ? 
_refine.pdbx_solvent_shrinkage_radii             ? 
_refine.pdbx_overall_phase_error                 ? 
_refine.overall_SU_R_Cruickshank_DPI             ? 
_refine.pdbx_overall_SU_R_free_Cruickshank_DPI   ? 
_refine.pdbx_overall_SU_R_Blow_DPI               ? 
_refine.pdbx_overall_SU_R_free_Blow_DPI          ? 
# 
_refine_hist.pdbx_refine_id                   'X-RAY DIFFRACTION' 
_refine_hist.cycle_id                         LAST 
_refine_hist.pdbx_number_atoms_protein        1482 
_refine_hist.pdbx_number_atoms_nucleic_acid   0 
_refine_hist.pdbx_number_atoms_ligand         44 
_refine_hist.number_atoms_solvent             46 
_refine_hist.number_atoms_total               1572 
_refine_hist.d_res_high                       2.6 
_refine_hist.d_res_low                        . 
# 
loop_
_refine_ls_restr.type 
_refine_ls_restr.dev_ideal 
_refine_ls_restr.dev_ideal_target 
_refine_ls_restr.weight 
_refine_ls_restr.number 
_refine_ls_restr.pdbx_refine_id 
_refine_ls_restr.pdbx_restraint_function 
p_bond_d            0.013 ? ? ? 'X-RAY DIFFRACTION' ? 
p_angle_d           ?     ? ? ? 'X-RAY DIFFRACTION' ? 
p_angle_deg         ?     ? ? ? 'X-RAY DIFFRACTION' ? 
p_planar_d          ?     ? ? ? 'X-RAY DIFFRACTION' ? 
p_hb_or_metal_coord ?     ? ? ? 'X-RAY DIFFRACTION' ? 
p_mcbond_it         ?     ? ? ? 'X-RAY DIFFRACTION' ? 
p_mcangle_it        ?     ? ? ? 'X-RAY DIFFRACTION' ? 
p_scbond_it         ?     ? ? ? 'X-RAY DIFFRACTION' ? 
p_scangle_it        ?     ? ? ? 'X-RAY DIFFRACTION' ? 
p_plane_restr       ?     ? ? ? 'X-RAY DIFFRACTION' ? 
p_chiral_restr      ?     ? ? ? 'X-RAY DIFFRACTION' ? 
p_singtor_nbd       ?     ? ? ? 'X-RAY DIFFRACTION' ? 
p_multtor_nbd       ?     ? ? ? 'X-RAY DIFFRACTION' ? 
p_xhyhbond_nbd      ?     ? ? ? 'X-RAY DIFFRACTION' ? 
p_xyhbond_nbd       ?     ? ? ? 'X-RAY DIFFRACTION' ? 
p_planar_tor        ?     ? ? ? 'X-RAY DIFFRACTION' ? 
p_staggered_tor     ?     ? ? ? 'X-RAY DIFFRACTION' ? 
p_orthonormal_tor   ?     ? ? ? 'X-RAY DIFFRACTION' ? 
p_transverse_tor    ?     ? ? ? 'X-RAY DIFFRACTION' ? 
p_special_tor       ?     ? ? ? 'X-RAY DIFFRACTION' ? 
# 
_struct_ncs_oper.id             1 
_struct_ncs_oper.code           given 
_struct_ncs_oper.details        ? 
_struct_ncs_oper.matrix[1][1]   0.94006987 
_struct_ncs_oper.matrix[1][2]   -0.33453301 
_struct_ncs_oper.matrix[1][3]   0.06660781 
_struct_ncs_oper.matrix[2][1]   -0.33453301 
_struct_ncs_oper.matrix[2][2]   -0.94236303 
_struct_ncs_oper.matrix[2][3]   -0.01144128 
_struct_ncs_oper.matrix[3][1]   0.06660781 
_struct_ncs_oper.matrix[3][2]   -0.01144128 
_struct_ncs_oper.matrix[3][3]   -0.99770684 
_struct_ncs_oper.vector[1]      -0.00679 
_struct_ncs_oper.vector[2]      -0.05084 
_struct_ncs_oper.vector[3]      -0.03741 
# 
_struct.entry_id                  1IVQ 
_struct.title                     
;THE CRYSTALLOGRAPHIC STRUCTURE OF THE PROTEASE FROM HUMAN IMMUNODEFICIENCY VIRUS TYPE 2 WITH TWO SYNTHETIC PEPTIDIC TRANSITION STATE ANALOG INHIBITORS
;
_struct.pdbx_model_details        ? 
_struct.pdbx_CASP_flag            ? 
_struct.pdbx_model_type_details   ? 
# 
_struct_keywords.entry_id        1IVQ 
_struct_keywords.pdbx_keywords   'HYDROLASE/HYDROLASE INHIBITOR' 
_struct_keywords.text            'ACID PROTEINASE, HYDROLASE-HYDROLASE INHIBITOR complex' 
# 
loop_
_struct_asym.id 
_struct_asym.pdbx_blank_PDB_chainid_flag 
_struct_asym.pdbx_modified 
_struct_asym.entity_id 
_struct_asym.details 
A N N 1 ? 
B N N 1 ? 
C N N 2 ? 
D N N 3 ? 
E N N 3 ? 
# 
_struct_ref.id                         1 
_struct_ref.db_name                    UNP 
_struct_ref.db_code                    POL_HV2RO 
_struct_ref.entity_id                  1 
_struct_ref.pdbx_db_accession          P04584 
_struct_ref.pdbx_align_begin           1 
_struct_ref.pdbx_seq_one_letter_code   
;TGRFFRTGPLGKEAPQLPRGPSSAGADTNSTPSGSSSGSTGEIYAAREKTERAERETIQGSDRGLTAPRAGGDTIQGATN
RGLAAPQFSLWKRPVVTAYIEGQPVEVLLDTGADDSIVAGIELGNNYSPKIVGGIGGFINTKEYKNVEIEVLNKKVRATI
MTGDTPINIFGRNILTALGMSLNLPVAKVEPIKIMLKPGKDGPKLRQWPLTKEKIEALKEICEKMEKEGQLEEAPPTNPY
NTPTFAIKKKDKNKWRMLIDFRELNKVTQDFTEIQLGIPHPAGLAKKRRITVLDVGDAYFSIPLHEDFRPYTAFTLPSVN
NAEPGKRYIYKVLPQGWKGSPAIFQHTMRQVLEPFRKANKDVIIIQYMDDILIASDRTDLEHDRVVLQLKELLNGLGFST
PDEKFQKDPPYHWMGYELWPTKWKLQKIQLPQKEIWTVNDIQKLVGVLNWAAQLYPGIKTKHLCRLIRGKMTLTEEVQWT
ELAEAELEENRIILSQEQEGHYYQEEKELEATVQKDQENQWTYKIHQEEKILKVGKYAKVKNTHTNGIRLLAQVVQKIGK
EALVIWGRIPKFHLPVEREIWEQWWDNYWQVTWIPDWDFVSTPPLVRLAFNLVGDPIPGAETFYTDGSCNRQSKEGKAGY
VTDRGKDKVKKLEQTTNQQAELEAFAMALTDSGPKVNIIVDSQYVMGISASQPTESESKIVNQIIEEMIKKEAIYVAWVP
AHKGIGGNQEVDHLVSQGIRQVLFLEKIEPAQEEHEKYHSNVKELSHKFGIPNLVARQIVNSCAQCQQKGEAIHGQVNAE
LGTWQMDCTHLEGKIIIVAVHVASGFIEAEVIPQESGRQTALFLLKLASRWPITHLHTDNGANFTSQEVKMVAWWIGIEQ
SFGVPYNPQSQGVVEAMNHHLKNQISRIREQANTIETIVLMAIHCMNFKRRGGIGDMTPSERLINMITTEQEIQFLQAKN
SKLKDFRVYFREGRDQLWKGPGELLWKGEGAVLVKVGTDIKIIPRRKAKIIRDYGGRQEMDSGSHLEGAREDGEMA
;
_struct_ref.pdbx_db_isoform            ? 
# 
loop_
_struct_ref_seq.align_id 
_struct_ref_seq.ref_id 
_struct_ref_seq.pdbx_PDB_id_code 
_struct_ref_seq.pdbx_strand_id 
_struct_ref_seq.seq_align_beg 
_struct_ref_seq.pdbx_seq_align_beg_ins_code 
_struct_ref_seq.seq_align_end 
_struct_ref_seq.pdbx_seq_align_end_ins_code 
_struct_ref_seq.pdbx_db_accession 
_struct_ref_seq.db_align_beg 
_struct_ref_seq.pdbx_db_align_beg_ins_code 
_struct_ref_seq.db_align_end 
_struct_ref_seq.pdbx_db_align_end_ins_code 
_struct_ref_seq.pdbx_auth_seq_align_beg 
_struct_ref_seq.pdbx_auth_seq_align_end 
1 1 1IVQ A 1 ? 99 ? P04584 86 ? 184 ? 1 99 
2 1 1IVQ B 1 ? 99 ? P04584 86 ? 184 ? 1 99 
# 
loop_
_struct_ref_seq_dif.align_id 
_struct_ref_seq_dif.pdbx_pdb_id_code 
_struct_ref_seq_dif.mon_id 
_struct_ref_seq_dif.pdbx_pdb_strand_id 
_struct_ref_seq_dif.seq_num 
_struct_ref_seq_dif.pdbx_pdb_ins_code 
_struct_ref_seq_dif.pdbx_seq_db_name 
_struct_ref_seq_dif.pdbx_seq_db_accession_code 
_struct_ref_seq_dif.db_mon_id 
_struct_ref_seq_dif.pdbx_seq_db_seq_num 
_struct_ref_seq_dif.details 
_struct_ref_seq_dif.pdbx_auth_seq_num 
_struct_ref_seq_dif.pdbx_ordinal 
1 1IVQ LEU A 57 ? UNP P04584 LYS 142 conflict 57 1 
2 1IVQ LEU B 57 ? UNP P04584 LYS 142 conflict 57 2 
# 
_pdbx_struct_assembly.id                   1 
_pdbx_struct_assembly.details              author_and_software_defined_assembly 
_pdbx_struct_assembly.method_details       PISA 
_pdbx_struct_assembly.oligomeric_details   dimeric 
_pdbx_struct_assembly.oligomeric_count     2 
# 
loop_
_pdbx_struct_assembly_prop.biol_id 
_pdbx_struct_assembly_prop.type 
_pdbx_struct_assembly_prop.value 
_pdbx_struct_assembly_prop.details 
1 'ABSA (A^2)' 5160 ? 
1 MORE         -15  ? 
1 'SSA (A^2)'  9190 ? 
# 
_pdbx_struct_assembly_gen.assembly_id       1 
_pdbx_struct_assembly_gen.oper_expression   1 
_pdbx_struct_assembly_gen.asym_id_list      A,B,C,D,E 
# 
_pdbx_struct_oper_list.id                   1 
_pdbx_struct_oper_list.type                 'identity operation' 
_pdbx_struct_oper_list.name                 1_555 
_pdbx_struct_oper_list.symmetry_operation   x,y,z 
_pdbx_struct_oper_list.matrix[1][1]         1.0000000000 
_pdbx_struct_oper_list.matrix[1][2]         0.0000000000 
_pdbx_struct_oper_list.matrix[1][3]         0.0000000000 
_pdbx_struct_oper_list.vector[1]            0.0000000000 
_pdbx_struct_oper_list.matrix[2][1]         0.0000000000 
_pdbx_struct_oper_list.matrix[2][2]         1.0000000000 
_pdbx_struct_oper_list.matrix[2][3]         0.0000000000 
_pdbx_struct_oper_list.vector[2]            0.0000000000 
_pdbx_struct_oper_list.matrix[3][1]         0.0000000000 
_pdbx_struct_oper_list.matrix[3][2]         0.0000000000 
_pdbx_struct_oper_list.matrix[3][3]         1.0000000000 
_pdbx_struct_oper_list.vector[3]            0.0000000000 
# 
_struct_biol.id                    1 
_struct_biol.details               
;THE NON-CRYSTALLOGRAPHIC C(2) SYMMETRY RELATING THE TWO
MONOMERS OF THE PROTEASE DIMER IS GIVEN ON THE MTRIX
RECORDS BELOW.  THIS TRANSFORMATION WILL YIELD APPROXIMATE
COORDINATES FOR CHAIN B WHEN APPLIED TO CHAIN A.
;
_struct_biol.pdbx_parent_biol_id   ? 
# 
loop_
_struct_conf.conf_type_id 
_struct_conf.id 
_struct_conf.pdbx_PDB_helix_id 
_struct_conf.beg_label_comp_id 
_struct_conf.beg_label_asym_id 
_struct_conf.beg_label_seq_id 
_struct_conf.pdbx_beg_PDB_ins_code 
_struct_conf.end_label_comp_id 
_struct_conf.end_label_asym_id 
_struct_conf.end_label_seq_id 
_struct_conf.pdbx_end_PDB_ins_code 
_struct_conf.beg_auth_comp_id 
_struct_conf.beg_auth_asym_id 
_struct_conf.beg_auth_seq_id 
_struct_conf.end_auth_comp_id 
_struct_conf.end_auth_asym_id 
_struct_conf.end_auth_seq_id 
_struct_conf.pdbx_PDB_helix_class 
_struct_conf.details 
_struct_conf.pdbx_PDB_helix_length 
HELX_P HELX_P1 A1 GLY A 86 ? LEU A 93 ? GLY A 86 LEU A 93 1 ? 8 
HELX_P HELX_P2 B1 GLY B 86 ? LEU B 93 ? GLY B 86 LEU B 93 1 ? 8 
# 
_struct_conf_type.id          HELX_P 
_struct_conf_type.criteria    ? 
_struct_conf_type.reference   ? 
# 
loop_
_struct_sheet.id 
_struct_sheet.type 
_struct_sheet.number_strands 
_struct_sheet.details 
B1 ? 4 ? 
B2 ? 4 ? 
B3 ? 4 ? 
# 
loop_
_struct_sheet_order.sheet_id 
_struct_sheet_order.range_id_1 
_struct_sheet_order.range_id_2 
_struct_sheet_order.offset 
_struct_sheet_order.sense 
B1 1 2 ? anti-parallel 
B1 2 3 ? anti-parallel 
B1 3 4 ? anti-parallel 
B2 1 2 ? anti-parallel 
B2 2 3 ? anti-parallel 
B2 3 4 ? anti-parallel 
B3 1 2 ? anti-parallel 
B3 2 3 ? anti-parallel 
B3 3 4 ? anti-parallel 
# 
loop_
_struct_sheet_range.sheet_id 
_struct_sheet_range.id 
_struct_sheet_range.beg_label_comp_id 
_struct_sheet_range.beg_label_asym_id 
_struct_sheet_range.beg_label_seq_id 
_struct_sheet_range.pdbx_beg_PDB_ins_code 
_struct_sheet_range.end_label_comp_id 
_struct_sheet_range.end_label_asym_id 
_struct_sheet_range.end_label_seq_id 
_struct_sheet_range.pdbx_end_PDB_ins_code 
_struct_sheet_range.beg_auth_comp_id 
_struct_sheet_range.beg_auth_asym_id 
_struct_sheet_range.beg_auth_seq_id 
_struct_sheet_range.end_auth_comp_id 
_struct_sheet_range.end_auth_asym_id 
_struct_sheet_range.end_auth_seq_id 
B1 1 PRO A 1  ? PHE A 3  ? PRO A 1  PHE A 3  
B1 2 SER B 96 ? LEU B 99 ? SER B 96 LEU B 99 
B1 3 SER A 96 ? LEU A 99 ? SER A 96 LEU A 99 
B1 4 PRO B 1  ? PHE B 3  ? PRO B 1  PHE B 3  
B2 1 GLN A 18 ? VAL A 20 ? GLN A 18 VAL A 20 
B2 2 ALA A 13 ? ILE A 15 ? ALA A 13 ILE A 15 
B2 3 GLU A 63 ? VAL A 66 ? GLU A 63 VAL A 66 
B2 4 LYS A 69 ? VAL A 71 ? LYS A 69 VAL A 71 
B3 1 GLN B 18 ? VAL B 20 ? GLN B 18 VAL B 20 
B3 2 ALA B 13 ? ILE B 15 ? ALA B 13 ILE B 15 
B3 3 GLU B 63 ? VAL B 66 ? GLU B 63 VAL B 66 
B3 4 LYS B 69 ? VAL B 71 ? LYS B 69 VAL B 71 
# 
loop_
_pdbx_struct_sheet_hbond.sheet_id 
_pdbx_struct_sheet_hbond.range_id_1 
_pdbx_struct_sheet_hbond.range_id_2 
_pdbx_struct_sheet_hbond.range_1_label_atom_id 
_pdbx_struct_sheet_hbond.range_1_label_comp_id 
_pdbx_struct_sheet_hbond.range_1_label_asym_id 
_pdbx_struct_sheet_hbond.range_1_label_seq_id 
_pdbx_struct_sheet_hbond.range_1_PDB_ins_code 
_pdbx_struct_sheet_hbond.range_1_auth_atom_id 
_pdbx_struct_sheet_hbond.range_1_auth_comp_id 
_pdbx_struct_sheet_hbond.range_1_auth_asym_id 
_pdbx_struct_sheet_hbond.range_1_auth_seq_id 
_pdbx_struct_sheet_hbond.range_2_label_atom_id 
_pdbx_struct_sheet_hbond.range_2_label_comp_id 
_pdbx_struct_sheet_hbond.range_2_label_asym_id 
_pdbx_struct_sheet_hbond.range_2_label_seq_id 
_pdbx_struct_sheet_hbond.range_2_PDB_ins_code 
_pdbx_struct_sheet_hbond.range_2_auth_atom_id 
_pdbx_struct_sheet_hbond.range_2_auth_comp_id 
_pdbx_struct_sheet_hbond.range_2_auth_asym_id 
_pdbx_struct_sheet_hbond.range_2_auth_seq_id 
B1 1 2 O PHE A 3  ? O PHE A 3  N LEU B 97 ? N LEU B 97 
B1 2 3 O ASN B 98 ? O ASN B 98 N SER A 96 ? N SER A 96 
B1 3 4 O LEU A 97 ? O LEU A 97 N PHE B 3  ? N PHE B 3  
B2 1 2 O VAL A 20 ? O VAL A 20 N ALA A 13 ? N ALA A 13 
B2 2 3 O TYR A 14 ? O TYR A 14 N GLU A 65 ? N GLU A 65 
B2 3 4 O ILE A 64 ? O ILE A 64 N VAL A 71 ? N VAL A 71 
B3 1 2 O VAL B 20 ? O VAL B 20 N ALA B 13 ? N ALA B 13 
B3 2 3 O TYR B 14 ? O TYR B 14 N GLU B 65 ? N GLU B 65 
B3 3 4 O ILE B 64 ? O ILE B 64 N VAL B 71 ? N VAL B 71 
# 
_struct_site.id                   AC1 
_struct_site.pdbx_evidence_code   Software 
_struct_site.pdbx_auth_asym_id    A 
_struct_site.pdbx_auth_comp_id    0PX 
_struct_site.pdbx_auth_seq_id     100 
_struct_site.pdbx_auth_ins_code   ? 
_struct_site.pdbx_num_residues    17 
_struct_site.details              'BINDING SITE FOR RESIDUE 0PX A 100' 
# 
loop_
_struct_site_gen.id 
_struct_site_gen.site_id 
_struct_site_gen.pdbx_num_res 
_struct_site_gen.label_comp_id 
_struct_site_gen.label_asym_id 
_struct_site_gen.label_seq_id 
_struct_site_gen.pdbx_auth_ins_code 
_struct_site_gen.auth_comp_id 
_struct_site_gen.auth_asym_id 
_struct_site_gen.auth_seq_id 
_struct_site_gen.label_atom_id 
_struct_site_gen.label_alt_id 
_struct_site_gen.symmetry 
_struct_site_gen.details 
1  AC1 17 LEU A 23 ? LEU A 23  . ? 1_555 ? 
2  AC1 17 ASP A 25 ? ASP A 25  . ? 1_555 ? 
3  AC1 17 GLY A 27 ? GLY A 27  . ? 1_555 ? 
4  AC1 17 ALA A 28 ? ALA A 28  . ? 1_555 ? 
5  AC1 17 ASP A 29 ? ASP A 29  . ? 1_555 ? 
6  AC1 17 ASP A 30 ? ASP A 30  . ? 1_555 ? 
7  AC1 17 GLY A 48 ? GLY A 48  . ? 1_555 ? 
8  AC1 17 GLY A 49 ? GLY A 49  . ? 1_555 ? 
9  AC1 17 ILE A 50 ? ILE A 50  . ? 1_555 ? 
10 AC1 17 ILE A 82 ? ILE A 82  . ? 1_555 ? 
11 AC1 17 HOH D .  ? HOH A 336 . ? 1_555 ? 
12 AC1 17 ASP B 25 ? ASP B 25  . ? 1_555 ? 
13 AC1 17 ALA B 28 ? ALA B 28  . ? 1_555 ? 
14 AC1 17 ILE B 32 ? ILE B 32  . ? 1_555 ? 
15 AC1 17 VAL B 47 ? VAL B 47  . ? 1_555 ? 
16 AC1 17 GLY B 49 ? GLY B 49  . ? 1_555 ? 
17 AC1 17 THR B 80 ? THR B 80  . ? 1_555 ? 
# 
_pdbx_validate_close_contact.id               1 
_pdbx_validate_close_contact.PDB_model_num    1 
_pdbx_validate_close_contact.auth_atom_id_1   OD2 
_pdbx_validate_close_contact.auth_asym_id_1   A 
_pdbx_validate_close_contact.auth_comp_id_1   ASP 
_pdbx_validate_close_contact.auth_seq_id_1    29 
_pdbx_validate_close_contact.PDB_ins_code_1   ? 
_pdbx_validate_close_contact.label_alt_id_1   ? 
_pdbx_validate_close_contact.auth_atom_id_2   NH2 
_pdbx_validate_close_contact.auth_asym_id_2   B 
_pdbx_validate_close_contact.auth_comp_id_2   ARG 
_pdbx_validate_close_contact.auth_seq_id_2    8 
_pdbx_validate_close_contact.PDB_ins_code_2   ? 
_pdbx_validate_close_contact.label_alt_id_2   ? 
_pdbx_validate_close_contact.dist             2.19 
# 
loop_
_pdbx_validate_rmsd_angle.id 
_pdbx_validate_rmsd_angle.PDB_model_num 
_pdbx_validate_rmsd_angle.auth_atom_id_1 
_pdbx_validate_rmsd_angle.auth_asym_id_1 
_pdbx_validate_rmsd_angle.auth_comp_id_1 
_pdbx_validate_rmsd_angle.auth_seq_id_1 
_pdbx_validate_rmsd_angle.PDB_ins_code_1 
_pdbx_validate_rmsd_angle.label_alt_id_1 
_pdbx_validate_rmsd_angle.auth_atom_id_2 
_pdbx_validate_rmsd_angle.auth_asym_id_2 
_pdbx_validate_rmsd_angle.auth_comp_id_2 
_pdbx_validate_rmsd_angle.auth_seq_id_2 
_pdbx_validate_rmsd_angle.PDB_ins_code_2 
_pdbx_validate_rmsd_angle.label_alt_id_2 
_pdbx_validate_rmsd_angle.auth_atom_id_3 
_pdbx_validate_rmsd_angle.auth_asym_id_3 
_pdbx_validate_rmsd_angle.auth_comp_id_3 
_pdbx_validate_rmsd_angle.auth_seq_id_3 
_pdbx_validate_rmsd_angle.PDB_ins_code_3 
_pdbx_validate_rmsd_angle.label_alt_id_3 
_pdbx_validate_rmsd_angle.angle_value 
_pdbx_validate_rmsd_angle.angle_target_value 
_pdbx_validate_rmsd_angle.angle_deviation 
_pdbx_validate_rmsd_angle.angle_standard_deviation 
_pdbx_validate_rmsd_angle.linker_flag 
1  1 CB A LEU 5  ? ? CA A LEU 5  ? ? C   A LEU 5  ? ? 125.34 110.20 15.14  1.90 N 
2  1 NE A ARG 8  ? ? CZ A ARG 8  ? ? NH2 A ARG 8  ? ? 124.43 120.30 4.13   0.50 N 
3  1 N  A THR 12 ? ? CA A THR 12 ? ? CB  A THR 12 ? ? 121.75 110.30 11.45  1.90 N 
4  1 CB A ASP 29 ? ? CG A ASP 29 ? ? OD1 A ASP 29 ? ? 111.53 118.30 -6.77  0.90 N 
5  1 CB A ASP 30 ? ? CG A ASP 30 ? ? OD2 A ASP 30 ? ? 111.08 118.30 -7.22  0.90 N 
6  1 N  A ILE 36 ? ? CA A ILE 36 ? ? CB  A ILE 36 ? ? 125.71 110.80 14.91  2.30 N 
7  1 NE A ARG 72 ? ? CZ A ARG 72 ? ? NH2 A ARG 72 ? ? 115.99 120.30 -4.31  0.50 N 
8  1 CD A ARG 87 ? ? NE A ARG 87 ? ? CZ  A ARG 87 ? ? 132.48 123.60 8.88   1.40 N 
9  1 NE A ARG 87 ? ? CZ A ARG 87 ? ? NH1 A ARG 87 ? ? 126.43 120.30 6.13   0.50 N 
10 1 CB A LEU 90 ? ? CA A LEU 90 ? ? C   A LEU 90 ? ? 122.33 110.20 12.13  1.90 N 
11 1 CA A LEU 99 ? ? C  A LEU 99 ? ? O   A LEU 99 ? ? 106.72 120.10 -13.38 2.10 N 
12 1 CA B ASN 40 ? ? CB B ASN 40 ? ? CG  B ASN 40 ? ? 128.00 113.40 14.60  2.20 N 
13 1 CA B LYS 45 ? ? CB B LYS 45 ? ? CG  B LYS 45 ? ? 135.77 113.40 22.37  2.20 N 
14 1 NE B ARG 87 ? ? CZ B ARG 87 ? ? NH1 B ARG 87 ? ? 124.23 120.30 3.93   0.50 N 
15 1 NE B ARG 87 ? ? CZ B ARG 87 ? ? NH2 B ARG 87 ? ? 113.81 120.30 -6.49  0.50 N 
# 
loop_
_pdbx_validate_torsion.id 
_pdbx_validate_torsion.PDB_model_num 
_pdbx_validate_torsion.auth_comp_id 
_pdbx_validate_torsion.auth_asym_id 
_pdbx_validate_torsion.auth_seq_id 
_pdbx_validate_torsion.PDB_ins_code 
_pdbx_validate_torsion.label_alt_id 
_pdbx_validate_torsion.phi 
_pdbx_validate_torsion.psi 
1  1 PRO A 9  ? ? -62.43  61.08   
2  1 THR A 26 ? ? -88.41  48.07   
3  1 TYR A 42 ? ? -68.88  -163.96 
4  1 SER A 43 ? ? 173.24  107.94  
5  1 ASP A 79 ? ? -95.71  53.28   
6  1 GLN B 2  ? ? 171.41  127.86  
7  1 LEU B 5  ? ? -94.81  48.59   
8  1 ILE B 15 ? ? -100.01 61.40   
9  1 GLU B 16 ? ? 82.72   64.96   
10 1 LEU B 67 ? ? 27.70   55.74   
11 1 ALA B 73 ? ? -123.46 -164.76 
# 
_pdbx_molecule_features.prd_id    PRD_000348 
_pdbx_molecule_features.name      
;N~1~-{(1S,2S,4S)-1-(cyclohexylmethyl)-4-[(2,2-dimethylpropyl)carbamoyl]-2-hydroxy-5-methylhexyl}-N~2~-(quinolin-2-
  ylcarbonyl)-L-aspartamide
;
_pdbx_molecule_features.type      Peptide-like 
_pdbx_molecule_features.class     Inhibitor 
_pdbx_molecule_features.details   ? 
# 
_pdbx_molecule.instance_id   1 
_pdbx_molecule.prd_id        PRD_000348 
_pdbx_molecule.asym_id       C 
# 
_pdbx_entry_details.entry_id                 1IVQ 
_pdbx_entry_details.compound_details         ? 
_pdbx_entry_details.source_details           ? 
_pdbx_entry_details.nonpolymer_details       
;CVP I 3 OF THE INHIBITOR IS THE DIPEPTIDE ISOSTERE
CYCLOHEXYL ALANINE PSI(CHOH-CH2)VALINE.  THE VALINE HAS
A CH2 GROUP IN PLACE OF THE USUAL MAIN CHAIN N ATOM.
APY I 5 WAS IDENTIFIED AS AMP IN THE PAPER CITED ON THE
JRNL RECORDS ABOVE.
;
_pdbx_entry_details.sequence_details         ? 
_pdbx_entry_details.has_ligand_of_interest   ? 
# 
loop_
_chem_comp_atom.comp_id 
_chem_comp_atom.atom_id 
_chem_comp_atom.type_symbol 
_chem_comp_atom.pdbx_aromatic_flag 
_chem_comp_atom.pdbx_stereo_config 
_chem_comp_atom.pdbx_ordinal 
0PX O     O N N 1   
0PX C     C N N 2   
0PX N1    N Y N 3   
0PX C2    C Y N 4   
0PX C3    C Y N 5   
0PX C4    C Y N 6   
0PX C4A   C Y N 7   
0PX C5    C Y N 8   
0PX C6    C Y N 9   
0PX C7    C Y N 10  
0PX C8    C Y N 11  
0PX C8A   C Y N 12  
0PX N     N N N 13  
0PX CA    C N S 14  
0PX C1    C N N 15  
0PX O1    O N N 16  
0PX CB    C N N 17  
0PX CG    C N N 18  
0PX OD1   O N N 19  
0PX ND2   N N N 20  
0PX N2    N N N 21  
0PX CA1   C N S 22  
0PX CB1   C N N 23  
0PX CG1   C N N 24  
0PX CD1   C N N 25  
0PX CD2   C N N 26  
0PX CE1   C N N 27  
0PX CE2   C N N 28  
0PX CZ    C N N 29  
0PX CH    C N S 30  
0PX OH    O N N 31  
0PX CB11  C N N 32  
0PX "CA'" C N S 33  
0PX "CB'" C N N 34  
0PX CG11  C N N 35  
0PX CG2   C N N 36  
0PX C9    C N N 37  
0PX O2    O N N 38  
0PX N3    N N N 39  
0PX C11   C N N 40  
0PX C21   C N N 41  
0PX C31   C N N 42  
0PX C41   C N N 43  
0PX C51   C N N 44  
0PX H3    H N N 45  
0PX H4    H N N 46  
0PX H5    H N N 47  
0PX H6    H N N 48  
0PX H7    H N N 49  
0PX H8    H N N 50  
0PX H     H N N 51  
0PX HA    H N N 52  
0PX HB2   H N N 53  
0PX HB3   H N N 54  
0PX HD21  H N N 55  
0PX HD22  H N N 56  
0PX H1    H N N 57  
0PX HA1   H N N 58  
0PX HB21  H N N 59  
0PX HB31  H N N 60  
0PX HG    H N N 61  
0PX HD12  H N N 62  
0PX HD13  H N N 63  
0PX HD23  H N N 64  
0PX HD24  H N N 65  
0PX HE12  H N N 66  
0PX HE13  H N N 67  
0PX HE23  H N N 68  
0PX HE22  H N N 69  
0PX HZ2   H N N 70  
0PX HZ3   H N N 71  
0PX HH    H N N 72  
0PX HO    H N N 73  
0PX HB11  H N N 74  
0PX HB12  H N N 75  
0PX "HA'" H N N 76  
0PX "HB'" H N N 77  
0PX HG11  H N N 78  
0PX HG12  H N N 79  
0PX HG13  H N N 80  
0PX HG21  H N N 81  
0PX HG22  H N N 82  
0PX HG23  H N N 83  
0PX HN2   H N N 84  
0PX H11   H N N 85  
0PX H12   H N N 86  
0PX H31   H N N 87  
0PX H32   H N N 88  
0PX H33   H N N 89  
0PX H41   H N N 90  
0PX H42   H N N 91  
0PX H43   H N N 92  
0PX H51   H N N 93  
0PX H52   H N N 94  
0PX H53   H N N 95  
ALA N     N N N 96  
ALA CA    C N S 97  
ALA C     C N N 98  
ALA O     O N N 99  
ALA CB    C N N 100 
ALA OXT   O N N 101 
ALA H     H N N 102 
ALA H2    H N N 103 
ALA HA    H N N 104 
ALA HB1   H N N 105 
ALA HB2   H N N 106 
ALA HB3   H N N 107 
ALA HXT   H N N 108 
ARG N     N N N 109 
ARG CA    C N S 110 
ARG C     C N N 111 
ARG O     O N N 112 
ARG CB    C N N 113 
ARG CG    C N N 114 
ARG CD    C N N 115 
ARG NE    N N N 116 
ARG CZ    C N N 117 
ARG NH1   N N N 118 
ARG NH2   N N N 119 
ARG OXT   O N N 120 
ARG H     H N N 121 
ARG H2    H N N 122 
ARG HA    H N N 123 
ARG HB2   H N N 124 
ARG HB3   H N N 125 
ARG HG2   H N N 126 
ARG HG3   H N N 127 
ARG HD2   H N N 128 
ARG HD3   H N N 129 
ARG HE    H N N 130 
ARG HH11  H N N 131 
ARG HH12  H N N 132 
ARG HH21  H N N 133 
ARG HH22  H N N 134 
ARG HXT   H N N 135 
ASN N     N N N 136 
ASN CA    C N S 137 
ASN C     C N N 138 
ASN O     O N N 139 
ASN CB    C N N 140 
ASN CG    C N N 141 
ASN OD1   O N N 142 
ASN ND2   N N N 143 
ASN OXT   O N N 144 
ASN H     H N N 145 
ASN H2    H N N 146 
ASN HA    H N N 147 
ASN HB2   H N N 148 
ASN HB3   H N N 149 
ASN HD21  H N N 150 
ASN HD22  H N N 151 
ASN HXT   H N N 152 
ASP N     N N N 153 
ASP CA    C N S 154 
ASP C     C N N 155 
ASP O     O N N 156 
ASP CB    C N N 157 
ASP CG    C N N 158 
ASP OD1   O N N 159 
ASP OD2   O N N 160 
ASP OXT   O N N 161 
ASP H     H N N 162 
ASP H2    H N N 163 
ASP HA    H N N 164 
ASP HB2   H N N 165 
ASP HB3   H N N 166 
ASP HD2   H N N 167 
ASP HXT   H N N 168 
GLN N     N N N 169 
GLN CA    C N S 170 
GLN C     C N N 171 
GLN O     O N N 172 
GLN CB    C N N 173 
GLN CG    C N N 174 
GLN CD    C N N 175 
GLN OE1   O N N 176 
GLN NE2   N N N 177 
GLN OXT   O N N 178 
GLN H     H N N 179 
GLN H2    H N N 180 
GLN HA    H N N 181 
GLN HB2   H N N 182 
GLN HB3   H N N 183 
GLN HG2   H N N 184 
GLN HG3   H N N 185 
GLN HE21  H N N 186 
GLN HE22  H N N 187 
GLN HXT   H N N 188 
GLU N     N N N 189 
GLU CA    C N S 190 
GLU C     C N N 191 
GLU O     O N N 192 
GLU CB    C N N 193 
GLU CG    C N N 194 
GLU CD    C N N 195 
GLU OE1   O N N 196 
GLU OE2   O N N 197 
GLU OXT   O N N 198 
GLU H     H N N 199 
GLU H2    H N N 200 
GLU HA    H N N 201 
GLU HB2   H N N 202 
GLU HB3   H N N 203 
GLU HG2   H N N 204 
GLU HG3   H N N 205 
GLU HE2   H N N 206 
GLU HXT   H N N 207 
GLY N     N N N 208 
GLY CA    C N N 209 
GLY C     C N N 210 
GLY O     O N N 211 
GLY OXT   O N N 212 
GLY H     H N N 213 
GLY H2    H N N 214 
GLY HA2   H N N 215 
GLY HA3   H N N 216 
GLY HXT   H N N 217 
HOH O     O N N 218 
HOH H1    H N N 219 
HOH H2    H N N 220 
ILE N     N N N 221 
ILE CA    C N S 222 
ILE C     C N N 223 
ILE O     O N N 224 
ILE CB    C N S 225 
ILE CG1   C N N 226 
ILE CG2   C N N 227 
ILE CD1   C N N 228 
ILE OXT   O N N 229 
ILE H     H N N 230 
ILE H2    H N N 231 
ILE HA    H N N 232 
ILE HB    H N N 233 
ILE HG12  H N N 234 
ILE HG13  H N N 235 
ILE HG21  H N N 236 
ILE HG22  H N N 237 
ILE HG23  H N N 238 
ILE HD11  H N N 239 
ILE HD12  H N N 240 
ILE HD13  H N N 241 
ILE HXT   H N N 242 
LEU N     N N N 243 
LEU CA    C N S 244 
LEU C     C N N 245 
LEU O     O N N 246 
LEU CB    C N N 247 
LEU CG    C N N 248 
LEU CD1   C N N 249 
LEU CD2   C N N 250 
LEU OXT   O N N 251 
LEU H     H N N 252 
LEU H2    H N N 253 
LEU HA    H N N 254 
LEU HB2   H N N 255 
LEU HB3   H N N 256 
LEU HG    H N N 257 
LEU HD11  H N N 258 
LEU HD12  H N N 259 
LEU HD13  H N N 260 
LEU HD21  H N N 261 
LEU HD22  H N N 262 
LEU HD23  H N N 263 
LEU HXT   H N N 264 
LYS N     N N N 265 
LYS CA    C N S 266 
LYS C     C N N 267 
LYS O     O N N 268 
LYS CB    C N N 269 
LYS CG    C N N 270 
LYS CD    C N N 271 
LYS CE    C N N 272 
LYS NZ    N N N 273 
LYS OXT   O N N 274 
LYS H     H N N 275 
LYS H2    H N N 276 
LYS HA    H N N 277 
LYS HB2   H N N 278 
LYS HB3   H N N 279 
LYS HG2   H N N 280 
LYS HG3   H N N 281 
LYS HD2   H N N 282 
LYS HD3   H N N 283 
LYS HE2   H N N 284 
LYS HE3   H N N 285 
LYS HZ1   H N N 286 
LYS HZ2   H N N 287 
LYS HZ3   H N N 288 
LYS HXT   H N N 289 
MET N     N N N 290 
MET CA    C N S 291 
MET C     C N N 292 
MET O     O N N 293 
MET CB    C N N 294 
MET CG    C N N 295 
MET SD    S N N 296 
MET CE    C N N 297 
MET OXT   O N N 298 
MET H     H N N 299 
MET H2    H N N 300 
MET HA    H N N 301 
MET HB2   H N N 302 
MET HB3   H N N 303 
MET HG2   H N N 304 
MET HG3   H N N 305 
MET HE1   H N N 306 
MET HE2   H N N 307 
MET HE3   H N N 308 
MET HXT   H N N 309 
PHE N     N N N 310 
PHE CA    C N S 311 
PHE C     C N N 312 
PHE O     O N N 313 
PHE CB    C N N 314 
PHE CG    C Y N 315 
PHE CD1   C Y N 316 
PHE CD2   C Y N 317 
PHE CE1   C Y N 318 
PHE CE2   C Y N 319 
PHE CZ    C Y N 320 
PHE OXT   O N N 321 
PHE H     H N N 322 
PHE H2    H N N 323 
PHE HA    H N N 324 
PHE HB2   H N N 325 
PHE HB3   H N N 326 
PHE HD1   H N N 327 
PHE HD2   H N N 328 
PHE HE1   H N N 329 
PHE HE2   H N N 330 
PHE HZ    H N N 331 
PHE HXT   H N N 332 
PRO N     N N N 333 
PRO CA    C N S 334 
PRO C     C N N 335 
PRO O     O N N 336 
PRO CB    C N N 337 
PRO CG    C N N 338 
PRO CD    C N N 339 
PRO OXT   O N N 340 
PRO H     H N N 341 
PRO HA    H N N 342 
PRO HB2   H N N 343 
PRO HB3   H N N 344 
PRO HG2   H N N 345 
PRO HG3   H N N 346 
PRO HD2   H N N 347 
PRO HD3   H N N 348 
PRO HXT   H N N 349 
SER N     N N N 350 
SER CA    C N S 351 
SER C     C N N 352 
SER O     O N N 353 
SER CB    C N N 354 
SER OG    O N N 355 
SER OXT   O N N 356 
SER H     H N N 357 
SER H2    H N N 358 
SER HA    H N N 359 
SER HB2   H N N 360 
SER HB3   H N N 361 
SER HG    H N N 362 
SER HXT   H N N 363 
THR N     N N N 364 
THR CA    C N S 365 
THR C     C N N 366 
THR O     O N N 367 
THR CB    C N R 368 
THR OG1   O N N 369 
THR CG2   C N N 370 
THR OXT   O N N 371 
THR H     H N N 372 
THR H2    H N N 373 
THR HA    H N N 374 
THR HB    H N N 375 
THR HG1   H N N 376 
THR HG21  H N N 377 
THR HG22  H N N 378 
THR HG23  H N N 379 
THR HXT   H N N 380 
TRP N     N N N 381 
TRP CA    C N S 382 
TRP C     C N N 383 
TRP O     O N N 384 
TRP CB    C N N 385 
TRP CG    C Y N 386 
TRP CD1   C Y N 387 
TRP CD2   C Y N 388 
TRP NE1   N Y N 389 
TRP CE2   C Y N 390 
TRP CE3   C Y N 391 
TRP CZ2   C Y N 392 
TRP CZ3   C Y N 393 
TRP CH2   C Y N 394 
TRP OXT   O N N 395 
TRP H     H N N 396 
TRP H2    H N N 397 
TRP HA    H N N 398 
TRP HB2   H N N 399 
TRP HB3   H N N 400 
TRP HD1   H N N 401 
TRP HE1   H N N 402 
TRP HE3   H N N 403 
TRP HZ2   H N N 404 
TRP HZ3   H N N 405 
TRP HH2   H N N 406 
TRP HXT   H N N 407 
TYR N     N N N 408 
TYR CA    C N S 409 
TYR C     C N N 410 
TYR O     O N N 411 
TYR CB    C N N 412 
TYR CG    C Y N 413 
TYR CD1   C Y N 414 
TYR CD2   C Y N 415 
TYR CE1   C Y N 416 
TYR CE2   C Y N 417 
TYR CZ    C Y N 418 
TYR OH    O N N 419 
TYR OXT   O N N 420 
TYR H     H N N 421 
TYR H2    H N N 422 
TYR HA    H N N 423 
TYR HB2   H N N 424 
TYR HB3   H N N 425 
TYR HD1   H N N 426 
TYR HD2   H N N 427 
TYR HE1   H N N 428 
TYR HE2   H N N 429 
TYR HH    H N N 430 
TYR HXT   H N N 431 
VAL N     N N N 432 
VAL CA    C N S 433 
VAL C     C N N 434 
VAL O     O N N 435 
VAL CB    C N N 436 
VAL CG1   C N N 437 
VAL CG2   C N N 438 
VAL OXT   O N N 439 
VAL H     H N N 440 
VAL H2    H N N 441 
VAL HA    H N N 442 
VAL HB    H N N 443 
VAL HG11  H N N 444 
VAL HG12  H N N 445 
VAL HG13  H N N 446 
VAL HG21  H N N 447 
VAL HG22  H N N 448 
VAL HG23  H N N 449 
VAL HXT   H N N 450 
# 
loop_
_chem_comp_bond.comp_id 
_chem_comp_bond.atom_id_1 
_chem_comp_bond.atom_id_2 
_chem_comp_bond.value_order 
_chem_comp_bond.pdbx_aromatic_flag 
_chem_comp_bond.pdbx_stereo_config 
_chem_comp_bond.pdbx_ordinal 
0PX O     C     doub N N 1   
0PX C     C2    sing N N 2   
0PX N1    C2    doub Y N 3   
0PX N1    C8A   sing Y N 4   
0PX C2    C3    sing Y N 5   
0PX C3    C4    doub Y N 6   
0PX C3    H3    sing N N 7   
0PX C4    C4A   sing Y N 8   
0PX C4    H4    sing N N 9   
0PX C4A   C5    doub Y N 10  
0PX C4A   C8A   sing Y N 11  
0PX C5    C6    sing Y N 12  
0PX C5    H5    sing N N 13  
0PX C6    C7    doub Y N 14  
0PX C6    H6    sing N N 15  
0PX C7    C8    sing Y N 16  
0PX C7    H7    sing N N 17  
0PX C8    C8A   doub Y N 18  
0PX C8    H8    sing N N 19  
0PX N     CA    sing N N 20  
0PX N     H     sing N N 21  
0PX CA    C1    sing N N 22  
0PX CA    CB    sing N N 23  
0PX CA    HA    sing N N 24  
0PX C1    O1    doub N N 25  
0PX CB    CG    sing N N 26  
0PX CB    HB2   sing N N 27  
0PX CB    HB3   sing N N 28  
0PX CG    OD1   doub N N 29  
0PX CG    ND2   sing N N 30  
0PX ND2   HD21  sing N N 31  
0PX ND2   HD22  sing N N 32  
0PX N2    CA1   sing N N 33  
0PX N2    H1    sing N N 34  
0PX CA1   CB1   sing N N 35  
0PX CA1   CH    sing N N 36  
0PX CA1   HA1   sing N N 37  
0PX CB1   CG1   sing N N 38  
0PX CB1   HB21  sing N N 39  
0PX CB1   HB31  sing N N 40  
0PX CG1   CD1   sing N N 41  
0PX CG1   CD2   sing N N 42  
0PX CG1   HG    sing N N 43  
0PX CD1   CE1   sing N N 44  
0PX CD1   HD12  sing N N 45  
0PX CD1   HD13  sing N N 46  
0PX CD2   CE2   sing N N 47  
0PX CD2   HD23  sing N N 48  
0PX CD2   HD24  sing N N 49  
0PX CE1   CZ    sing N N 50  
0PX CE1   HE12  sing N N 51  
0PX CE1   HE13  sing N N 52  
0PX CE2   CZ    sing N N 53  
0PX CE2   HE23  sing N N 54  
0PX CE2   HE22  sing N N 55  
0PX CZ    HZ2   sing N N 56  
0PX CZ    HZ3   sing N N 57  
0PX CH    OH    sing N N 58  
0PX CH    CB11  sing N N 59  
0PX CH    HH    sing N N 60  
0PX OH    HO    sing N N 61  
0PX CB11  "CA'" sing N N 62  
0PX CB11  HB11  sing N N 63  
0PX CB11  HB12  sing N N 64  
0PX "CA'" "CB'" sing N N 65  
0PX "CA'" C9    sing N N 66  
0PX "CA'" "HA'" sing N N 67  
0PX "CB'" CG11  sing N N 68  
0PX "CB'" CG2   sing N N 69  
0PX "CB'" "HB'" sing N N 70  
0PX CG11  HG11  sing N N 71  
0PX CG11  HG12  sing N N 72  
0PX CG11  HG13  sing N N 73  
0PX CG2   HG21  sing N N 74  
0PX CG2   HG22  sing N N 75  
0PX CG2   HG23  sing N N 76  
0PX C9    O2    doub N N 77  
0PX N3    C11   sing N N 78  
0PX N3    HN2   sing N N 79  
0PX C11   C21   sing N N 80  
0PX C11   H11   sing N N 81  
0PX C11   H12   sing N N 82  
0PX C21   C31   sing N N 83  
0PX C21   C41   sing N N 84  
0PX C21   C51   sing N N 85  
0PX C31   H31   sing N N 86  
0PX C31   H32   sing N N 87  
0PX C31   H33   sing N N 88  
0PX C41   H41   sing N N 89  
0PX C41   H42   sing N N 90  
0PX C41   H43   sing N N 91  
0PX C51   H51   sing N N 92  
0PX C51   H52   sing N N 93  
0PX C51   H53   sing N N 94  
0PX C     N     sing N N 95  
0PX C1    N2    sing N N 96  
0PX C9    N3    sing N N 97  
ALA N     CA    sing N N 98  
ALA N     H     sing N N 99  
ALA N     H2    sing N N 100 
ALA CA    C     sing N N 101 
ALA CA    CB    sing N N 102 
ALA CA    HA    sing N N 103 
ALA C     O     doub N N 104 
ALA C     OXT   sing N N 105 
ALA CB    HB1   sing N N 106 
ALA CB    HB2   sing N N 107 
ALA CB    HB3   sing N N 108 
ALA OXT   HXT   sing N N 109 
ARG N     CA    sing N N 110 
ARG N     H     sing N N 111 
ARG N     H2    sing N N 112 
ARG CA    C     sing N N 113 
ARG CA    CB    sing N N 114 
ARG CA    HA    sing N N 115 
ARG C     O     doub N N 116 
ARG C     OXT   sing N N 117 
ARG CB    CG    sing N N 118 
ARG CB    HB2   sing N N 119 
ARG CB    HB3   sing N N 120 
ARG CG    CD    sing N N 121 
ARG CG    HG2   sing N N 122 
ARG CG    HG3   sing N N 123 
ARG CD    NE    sing N N 124 
ARG CD    HD2   sing N N 125 
ARG CD    HD3   sing N N 126 
ARG NE    CZ    sing N N 127 
ARG NE    HE    sing N N 128 
ARG CZ    NH1   sing N N 129 
ARG CZ    NH2   doub N N 130 
ARG NH1   HH11  sing N N 131 
ARG NH1   HH12  sing N N 132 
ARG NH2   HH21  sing N N 133 
ARG NH2   HH22  sing N N 134 
ARG OXT   HXT   sing N N 135 
ASN N     CA    sing N N 136 
ASN N     H     sing N N 137 
ASN N     H2    sing N N 138 
ASN CA    C     sing N N 139 
ASN CA    CB    sing N N 140 
ASN CA    HA    sing N N 141 
ASN C     O     doub N N 142 
ASN C     OXT   sing N N 143 
ASN CB    CG    sing N N 144 
ASN CB    HB2   sing N N 145 
ASN CB    HB3   sing N N 146 
ASN CG    OD1   doub N N 147 
ASN CG    ND2   sing N N 148 
ASN ND2   HD21  sing N N 149 
ASN ND2   HD22  sing N N 150 
ASN OXT   HXT   sing N N 151 
ASP N     CA    sing N N 152 
ASP N     H     sing N N 153 
ASP N     H2    sing N N 154 
ASP CA    C     sing N N 155 
ASP CA    CB    sing N N 156 
ASP CA    HA    sing N N 157 
ASP C     O     doub N N 158 
ASP C     OXT   sing N N 159 
ASP CB    CG    sing N N 160 
ASP CB    HB2   sing N N 161 
ASP CB    HB3   sing N N 162 
ASP CG    OD1   doub N N 163 
ASP CG    OD2   sing N N 164 
ASP OD2   HD2   sing N N 165 
ASP OXT   HXT   sing N N 166 
GLN N     CA    sing N N 167 
GLN N     H     sing N N 168 
GLN N     H2    sing N N 169 
GLN CA    C     sing N N 170 
GLN CA    CB    sing N N 171 
GLN CA    HA    sing N N 172 
GLN C     O     doub N N 173 
GLN C     OXT   sing N N 174 
GLN CB    CG    sing N N 175 
GLN CB    HB2   sing N N 176 
GLN CB    HB3   sing N N 177 
GLN CG    CD    sing N N 178 
GLN CG    HG2   sing N N 179 
GLN CG    HG3   sing N N 180 
GLN CD    OE1   doub N N 181 
GLN CD    NE2   sing N N 182 
GLN NE2   HE21  sing N N 183 
GLN NE2   HE22  sing N N 184 
GLN OXT   HXT   sing N N 185 
GLU N     CA    sing N N 186 
GLU N     H     sing N N 187 
GLU N     H2    sing N N 188 
GLU CA    C     sing N N 189 
GLU CA    CB    sing N N 190 
GLU CA    HA    sing N N 191 
GLU C     O     doub N N 192 
GLU C     OXT   sing N N 193 
GLU CB    CG    sing N N 194 
GLU CB    HB2   sing N N 195 
GLU CB    HB3   sing N N 196 
GLU CG    CD    sing N N 197 
GLU CG    HG2   sing N N 198 
GLU CG    HG3   sing N N 199 
GLU CD    OE1   doub N N 200 
GLU CD    OE2   sing N N 201 
GLU OE2   HE2   sing N N 202 
GLU OXT   HXT   sing N N 203 
GLY N     CA    sing N N 204 
GLY N     H     sing N N 205 
GLY N     H2    sing N N 206 
GLY CA    C     sing N N 207 
GLY CA    HA2   sing N N 208 
GLY CA    HA3   sing N N 209 
GLY C     O     doub N N 210 
GLY C     OXT   sing N N 211 
GLY OXT   HXT   sing N N 212 
HOH O     H1    sing N N 213 
HOH O     H2    sing N N 214 
ILE N     CA    sing N N 215 
ILE N     H     sing N N 216 
ILE N     H2    sing N N 217 
ILE CA    C     sing N N 218 
ILE CA    CB    sing N N 219 
ILE CA    HA    sing N N 220 
ILE C     O     doub N N 221 
ILE C     OXT   sing N N 222 
ILE CB    CG1   sing N N 223 
ILE CB    CG2   sing N N 224 
ILE CB    HB    sing N N 225 
ILE CG1   CD1   sing N N 226 
ILE CG1   HG12  sing N N 227 
ILE CG1   HG13  sing N N 228 
ILE CG2   HG21  sing N N 229 
ILE CG2   HG22  sing N N 230 
ILE CG2   HG23  sing N N 231 
ILE CD1   HD11  sing N N 232 
ILE CD1   HD12  sing N N 233 
ILE CD1   HD13  sing N N 234 
ILE OXT   HXT   sing N N 235 
LEU N     CA    sing N N 236 
LEU N     H     sing N N 237 
LEU N     H2    sing N N 238 
LEU CA    C     sing N N 239 
LEU CA    CB    sing N N 240 
LEU CA    HA    sing N N 241 
LEU C     O     doub N N 242 
LEU C     OXT   sing N N 243 
LEU CB    CG    sing N N 244 
LEU CB    HB2   sing N N 245 
LEU CB    HB3   sing N N 246 
LEU CG    CD1   sing N N 247 
LEU CG    CD2   sing N N 248 
LEU CG    HG    sing N N 249 
LEU CD1   HD11  sing N N 250 
LEU CD1   HD12  sing N N 251 
LEU CD1   HD13  sing N N 252 
LEU CD2   HD21  sing N N 253 
LEU CD2   HD22  sing N N 254 
LEU CD2   HD23  sing N N 255 
LEU OXT   HXT   sing N N 256 
LYS N     CA    sing N N 257 
LYS N     H     sing N N 258 
LYS N     H2    sing N N 259 
LYS CA    C     sing N N 260 
LYS CA    CB    sing N N 261 
LYS CA    HA    sing N N 262 
LYS C     O     doub N N 263 
LYS C     OXT   sing N N 264 
LYS CB    CG    sing N N 265 
LYS CB    HB2   sing N N 266 
LYS CB    HB3   sing N N 267 
LYS CG    CD    sing N N 268 
LYS CG    HG2   sing N N 269 
LYS CG    HG3   sing N N 270 
LYS CD    CE    sing N N 271 
LYS CD    HD2   sing N N 272 
LYS CD    HD3   sing N N 273 
LYS CE    NZ    sing N N 274 
LYS CE    HE2   sing N N 275 
LYS CE    HE3   sing N N 276 
LYS NZ    HZ1   sing N N 277 
LYS NZ    HZ2   sing N N 278 
LYS NZ    HZ3   sing N N 279 
LYS OXT   HXT   sing N N 280 
MET N     CA    sing N N 281 
MET N     H     sing N N 282 
MET N     H2    sing N N 283 
MET CA    C     sing N N 284 
MET CA    CB    sing N N 285 
MET CA    HA    sing N N 286 
MET C     O     doub N N 287 
MET C     OXT   sing N N 288 
MET CB    CG    sing N N 289 
MET CB    HB2   sing N N 290 
MET CB    HB3   sing N N 291 
MET CG    SD    sing N N 292 
MET CG    HG2   sing N N 293 
MET CG    HG3   sing N N 294 
MET SD    CE    sing N N 295 
MET CE    HE1   sing N N 296 
MET CE    HE2   sing N N 297 
MET CE    HE3   sing N N 298 
MET OXT   HXT   sing N N 299 
PHE N     CA    sing N N 300 
PHE N     H     sing N N 301 
PHE N     H2    sing N N 302 
PHE CA    C     sing N N 303 
PHE CA    CB    sing N N 304 
PHE CA    HA    sing N N 305 
PHE C     O     doub N N 306 
PHE C     OXT   sing N N 307 
PHE CB    CG    sing N N 308 
PHE CB    HB2   sing N N 309 
PHE CB    HB3   sing N N 310 
PHE CG    CD1   doub Y N 311 
PHE CG    CD2   sing Y N 312 
PHE CD1   CE1   sing Y N 313 
PHE CD1   HD1   sing N N 314 
PHE CD2   CE2   doub Y N 315 
PHE CD2   HD2   sing N N 316 
PHE CE1   CZ    doub Y N 317 
PHE CE1   HE1   sing N N 318 
PHE CE2   CZ    sing Y N 319 
PHE CE2   HE2   sing N N 320 
PHE CZ    HZ    sing N N 321 
PHE OXT   HXT   sing N N 322 
PRO N     CA    sing N N 323 
PRO N     CD    sing N N 324 
PRO N     H     sing N N 325 
PRO CA    C     sing N N 326 
PRO CA    CB    sing N N 327 
PRO CA    HA    sing N N 328 
PRO C     O     doub N N 329 
PRO C     OXT   sing N N 330 
PRO CB    CG    sing N N 331 
PRO CB    HB2   sing N N 332 
PRO CB    HB3   sing N N 333 
PRO CG    CD    sing N N 334 
PRO CG    HG2   sing N N 335 
PRO CG    HG3   sing N N 336 
PRO CD    HD2   sing N N 337 
PRO CD    HD3   sing N N 338 
PRO OXT   HXT   sing N N 339 
SER N     CA    sing N N 340 
SER N     H     sing N N 341 
SER N     H2    sing N N 342 
SER CA    C     sing N N 343 
SER CA    CB    sing N N 344 
SER CA    HA    sing N N 345 
SER C     O     doub N N 346 
SER C     OXT   sing N N 347 
SER CB    OG    sing N N 348 
SER CB    HB2   sing N N 349 
SER CB    HB3   sing N N 350 
SER OG    HG    sing N N 351 
SER OXT   HXT   sing N N 352 
THR N     CA    sing N N 353 
THR N     H     sing N N 354 
THR N     H2    sing N N 355 
THR CA    C     sing N N 356 
THR CA    CB    sing N N 357 
THR CA    HA    sing N N 358 
THR C     O     doub N N 359 
THR C     OXT   sing N N 360 
THR CB    OG1   sing N N 361 
THR CB    CG2   sing N N 362 
THR CB    HB    sing N N 363 
THR OG1   HG1   sing N N 364 
THR CG2   HG21  sing N N 365 
THR CG2   HG22  sing N N 366 
THR CG2   HG23  sing N N 367 
THR OXT   HXT   sing N N 368 
TRP N     CA    sing N N 369 
TRP N     H     sing N N 370 
TRP N     H2    sing N N 371 
TRP CA    C     sing N N 372 
TRP CA    CB    sing N N 373 
TRP CA    HA    sing N N 374 
TRP C     O     doub N N 375 
TRP C     OXT   sing N N 376 
TRP CB    CG    sing N N 377 
TRP CB    HB2   sing N N 378 
TRP CB    HB3   sing N N 379 
TRP CG    CD1   doub Y N 380 
TRP CG    CD2   sing Y N 381 
TRP CD1   NE1   sing Y N 382 
TRP CD1   HD1   sing N N 383 
TRP CD2   CE2   doub Y N 384 
TRP CD2   CE3   sing Y N 385 
TRP NE1   CE2   sing Y N 386 
TRP NE1   HE1   sing N N 387 
TRP CE2   CZ2   sing Y N 388 
TRP CE3   CZ3   doub Y N 389 
TRP CE3   HE3   sing N N 390 
TRP CZ2   CH2   doub Y N 391 
TRP CZ2   HZ2   sing N N 392 
TRP CZ3   CH2   sing Y N 393 
TRP CZ3   HZ3   sing N N 394 
TRP CH2   HH2   sing N N 395 
TRP OXT   HXT   sing N N 396 
TYR N     CA    sing N N 397 
TYR N     H     sing N N 398 
TYR N     H2    sing N N 399 
TYR CA    C     sing N N 400 
TYR CA    CB    sing N N 401 
TYR CA    HA    sing N N 402 
TYR C     O     doub N N 403 
TYR C     OXT   sing N N 404 
TYR CB    CG    sing N N 405 
TYR CB    HB2   sing N N 406 
TYR CB    HB3   sing N N 407 
TYR CG    CD1   doub Y N 408 
TYR CG    CD2   sing Y N 409 
TYR CD1   CE1   sing Y N 410 
TYR CD1   HD1   sing N N 411 
TYR CD2   CE2   doub Y N 412 
TYR CD2   HD2   sing N N 413 
TYR CE1   CZ    doub Y N 414 
TYR CE1   HE1   sing N N 415 
TYR CE2   CZ    sing Y N 416 
TYR CE2   HE2   sing N N 417 
TYR CZ    OH    sing N N 418 
TYR OH    HH    sing N N 419 
TYR OXT   HXT   sing N N 420 
VAL N     CA    sing N N 421 
VAL N     H     sing N N 422 
VAL N     H2    sing N N 423 
VAL CA    C     sing N N 424 
VAL CA    CB    sing N N 425 
VAL CA    HA    sing N N 426 
VAL C     O     doub N N 427 
VAL C     OXT   sing N N 428 
VAL CB    CG1   sing N N 429 
VAL CB    CG2   sing N N 430 
VAL CB    HB    sing N N 431 
VAL CG1   HG11  sing N N 432 
VAL CG1   HG12  sing N N 433 
VAL CG1   HG13  sing N N 434 
VAL CG2   HG21  sing N N 435 
VAL CG2   HG22  sing N N 436 
VAL CG2   HG23  sing N N 437 
VAL OXT   HXT   sing N N 438 
# 
_atom_sites.entry_id                    1IVQ 
_atom_sites.fract_transf_matrix[1][1]   0.01835168 
_atom_sites.fract_transf_matrix[1][2]   -0.02431205 
_atom_sites.fract_transf_matrix[1][3]   0.00605104 
_atom_sites.fract_transf_matrix[2][1]   0.01683705 
_atom_sites.fract_transf_matrix[2][2]   0.01334077 
_atom_sites.fract_transf_matrix[2][3]   0.00253731 
_atom_sites.fract_transf_matrix[3][1]   -0.00156347 
_atom_sites.fract_transf_matrix[3][2]   0.00060730 
_atom_sites.fract_transf_matrix[3][3]   0.00718174 
_atom_sites.fract_transf_vector[1]      0.165761 
_atom_sites.fract_transf_vector[2]      0.473976 
_atom_sites.fract_transf_vector[3]      0.145055 
# 
loop_
_atom_sites_footnote.id 
_atom_sites_footnote.text 
1 'SEE REMARK 5 ABOVE.' 
2 'SEE REMARK 6 ABOVE.' 
# 
loop_
_atom_type.symbol 
C 
N 
O 
S 
# 
loop_
_atom_site.group_PDB 
_atom_site.id 
_atom_site.type_symbol 
_atom_site.label_atom_id 
_atom_site.label_alt_id 
_atom_site.label_comp_id 
_atom_site.label_asym_id 
_atom_site.label_entity_id 
_atom_site.label_seq_id 
_atom_site.pdbx_PDB_ins_code 
_atom_site.Cartn_x 
_atom_site.Cartn_y 
_atom_site.Cartn_z 
_atom_site.occupancy 
_atom_site.B_iso_or_equiv 
_atom_site.pdbx_formal_charge 
_atom_site.auth_seq_id 
_atom_site.auth_comp_id 
_atom_site.auth_asym_id 
_atom_site.auth_atom_id 
_atom_site.pdbx_PDB_model_num 
ATOM   1    N N     . PRO A 1 1  ? 18.990  -7.952  5.595   1.00   27.44 ? 1   PRO A N     1 
ATOM   2    C CA    . PRO A 1 1  ? 18.982  -7.701  4.137   1.00   27.06 ? 1   PRO A CA    1 
ATOM   3    C C     . PRO A 1 1  ? 17.628  -7.185  3.635   1.00   26.35 ? 1   PRO A C     1 
ATOM   4    O O     . PRO A 1 1  ? 16.833  -6.580  4.369   1.00   26.06 ? 1   PRO A O     1 
ATOM   5    C CB    . PRO A 1 1  ? 19.259  -9.119  3.573   1.00   27.17 ? 1   PRO A CB    1 
ATOM   6    C CG    . PRO A 1 1  ? 18.573  -10.049 4.526   1.00   27.36 ? 1   PRO A CG    1 
ATOM   7    C CD    . PRO A 1 1  ? 18.499  -9.318  5.871   1.00   27.67 ? 1   PRO A CD    1 
ATOM   8    N N     . GLN A 1 2  ? 17.417  -7.478  2.381   1.00   25.32 ? 2   GLN A N     1 
ATOM   9    C CA    . GLN A 1 2  ? 16.261  -7.198  1.548   1.00   25.22 ? 2   GLN A CA    1 
ATOM   10   C C     . GLN A 1 2  ? 15.310  -8.404  1.542   1.00   24.67 ? 2   GLN A C     1 
ATOM   11   O O     . GLN A 1 2  ? 15.584  -9.404  2.205   1.00   25.10 ? 2   GLN A O     1 
ATOM   12   C CB    . GLN A 1 2  ? 16.773  -7.176  0.072   1.00   25.07 ? 2   GLN A CB    1 
ATOM   13   N N     . PHE A 1 3  ? 14.239  -8.294  0.791   1.00   24.10 ? 3   PHE A N     1 
ATOM   14   C CA    . PHE A 1 3  ? 13.203  -9.327  0.610   1.00   22.93 ? 3   PHE A CA    1 
ATOM   15   C C     . PHE A 1 3  ? 12.602  -9.109  -0.775  1.00   21.85 ? 3   PHE A C     1 
ATOM   16   O O     . PHE A 1 3  ? 12.985  -8.168  -1.473  1.00   21.87 ? 3   PHE A O     1 
ATOM   17   C CB    . PHE A 1 3  ? 12.202  -9.363  1.753   1.00   23.66 ? 3   PHE A CB    1 
ATOM   18   C CG    . PHE A 1 3  ? 12.848  -9.636  3.092   1.00   24.37 ? 3   PHE A CG    1 
ATOM   19   C CD1   . PHE A 1 3  ? 13.116  -10.954 3.493   1.00   24.65 ? 3   PHE A CD1   1 
ATOM   20   C CD2   . PHE A 1 3  ? 13.208  -8.578  3.933   1.00   24.40 ? 3   PHE A CD2   1 
ATOM   21   C CE1   . PHE A 1 3  ? 13.719  -11.207 4.730   1.00   24.83 ? 3   PHE A CE1   1 
ATOM   22   C CE2   . PHE A 1 3  ? 13.817  -8.798  5.153   1.00   24.48 ? 3   PHE A CE2   1 
ATOM   23   C CZ    . PHE A 1 3  ? 14.066  -10.112 5.557   1.00   24.85 ? 3   PHE A CZ    1 
ATOM   24   N N     . SER A 1 4  ? 11.693  -9.932  -1.197  1.00   20.55 ? 4   SER A N     1 
ATOM   25   C CA    . SER A 1 4  ? 11.019  -9.877  -2.492  1.00   18.93 ? 4   SER A CA    1 
ATOM   26   C C     . SER A 1 4  ? 9.565   -9.436  -2.400  1.00   17.99 ? 4   SER A C     1 
ATOM   27   O O     . SER A 1 4  ? 8.905   -9.652  -1.358  1.00   18.34 ? 4   SER A O     1 
ATOM   28   C CB    . SER A 1 4  ? 11.035  -11.297 -3.079  1.00   19.01 ? 4   SER A CB    1 
ATOM   29   O OG    . SER A 1 4  ? 12.270  -11.487 -3.749  1.00   19.92 ? 4   SER A OG    1 
ATOM   30   N N     . LEU A 1 5  ? 9.105   -8.858  -3.502  1.00   16.30 ? 5   LEU A N     1 
ATOM   31   C CA    . LEU A 1 5  ? 7.706   -8.399  -3.591  1.00   14.55 ? 5   LEU A CA    1 
ATOM   32   C C     . LEU A 1 5  ? 6.919   -9.385  -4.419  1.00   14.10 ? 5   LEU A C     1 
ATOM   33   O O     . LEU A 1 5  ? 5.772   -9.233  -4.848  1.00   13.86 ? 5   LEU A O     1 
ATOM   34   C CB    . LEU A 1 5  ? 7.711   -6.907  -3.786  1.00   14.24 ? 5   LEU A CB    1 
ATOM   35   C CG    . LEU A 1 5  ? 8.310   -6.097  -2.639  1.00   13.85 ? 5   LEU A CG    1 
ATOM   36   C CD1   . LEU A 1 5  ? 8.342   -4.607  -2.954  1.00   13.88 ? 5   LEU A CD1   1 
ATOM   37   C CD2   . LEU A 1 5  ? 7.499   -6.332  -1.379  1.00   13.50 ? 5   LEU A CD2   1 
ATOM   38   N N     . TRP A 1 6  ? 7.563   -10.537 -4.614  1.00   13.65 ? 6   TRP A N     1 
ATOM   39   C CA    . TRP A 1 6  ? 6.902   -11.655 -5.352  1.00   13.64 ? 6   TRP A CA    1 
ATOM   40   C C     . TRP A 1 6  ? 5.844   -12.089 -4.319  1.00   14.32 ? 6   TRP A C     1 
ATOM   41   O O     . TRP A 1 6  ? 4.632   -12.073 -4.547  1.00   14.80 ? 6   TRP A O     1 
ATOM   42   C CB    . TRP A 1 6  ? 7.907   -12.743 -5.628  1.00   12.77 ? 6   TRP A CB    1 
ATOM   43   C CG    . TRP A 1 6  ? 8.987   -12.276 -6.551  1.00   11.94 ? 6   TRP A CG    1 
ATOM   44   C CD1   . TRP A 1 6  ? 10.301  -12.017 -6.288  1.00   11.29 ? 6   TRP A CD1   1 
ATOM   45   C CD2   . TRP A 1 6  ? 8.769   -11.970 -7.940  1.00   11.55 ? 6   TRP A CD2   1 
ATOM   46   N NE1   . TRP A 1 6  ? 10.921  -11.585 -7.421  1.00   11.25 ? 6   TRP A NE1   1 
ATOM   47   C CE2   . TRP A 1 6  ? 10.023  -11.567 -8.456  1.00   11.40 ? 6   TRP A CE2   1 
ATOM   48   C CE3   . TRP A 1 6  ? 7.655   -12.019 -8.762  1.00   11.40 ? 6   TRP A CE3   1 
ATOM   49   C CZ2   . TRP A 1 6  ? 10.190  -11.224 -9.789  1.00   11.46 ? 6   TRP A CZ2   1 
ATOM   50   C CZ3   . TRP A 1 6  ? 7.814   -11.676 -10.086 1.00   11.83 ? 6   TRP A CZ3   1 
ATOM   51   C CH2   . TRP A 1 6  ? 9.058   -11.288 -10.597 1.00   11.82 ? 6   TRP A CH2   1 
ATOM   52   N N     . LYS A 1 7  ? 6.440   -12.398 -3.167  1.00   14.88 ? 7   LYS A N     1 
ATOM   53   C CA    . LYS A 1 7  ? 5.616   -12.783 -1.999  1.00   15.17 ? 7   LYS A CA    1 
ATOM   54   C C     . LYS A 1 7  ? 4.903   -11.513 -1.478  1.00   14.95 ? 7   LYS A C     1 
ATOM   55   O O     . LYS A 1 7  ? 5.584   -10.519 -1.167  1.00   14.81 ? 7   LYS A O     1 
ATOM   56   C CB    . LYS A 1 7  ? 6.478   -13.290 -0.831  1.00   14.99 ? 7   LYS A CB    1 
ATOM   57   N N     . ARG A 1 8  ? 3.577   -11.616 -1.407  1.00   14.58 ? 8   ARG A N     1 
ATOM   58   C CA    . ARG A 1 8  ? 2.777   -10.474 -0.869  1.00   13.83 ? 8   ARG A CA    1 
ATOM   59   C C     . ARG A 1 8  ? 3.340   -10.333 0.559   1.00   12.52 ? 8   ARG A C     1 
ATOM   60   O O     . ARG A 1 8  ? 3.392   -11.380 1.237   1.00   12.57 ? 8   ARG A O     1 
ATOM   61   C CB    . ARG A 1 8  ? 1.278   -10.797 -0.863  1.00   14.72 ? 8   ARG A CB    1 
ATOM   62   C CG    . ARG A 1 8  ? 0.411   -9.691  -0.251  1.00   15.88 ? 8   ARG A CG    1 
ATOM   63   C CD    . ARG A 1 8  ? -0.971  -9.675  -0.799  1.00   16.65 ? 8   ARG A CD    1 
ATOM   64   N NE    . ARG A 1 8  ? -1.419  -8.310  -1.150  1.00   17.06 ? 8   ARG A NE    1 
ATOM   65   C CZ    . ARG A 1 8  ? -2.729  -7.998  -1.117  1.00   18.03 ? 8   ARG A CZ    1 
ATOM   66   N NH1   . ARG A 1 8  ? -3.601  -8.921  -0.656  1.00   18.48 ? 8   ARG A NH1   1 
ATOM   67   N NH2   . ARG A 1 8  ? -3.232  -6.812  -1.471  1.00   17.49 ? 8   ARG A NH2   1 
ATOM   68   N N     . PRO A 1 9  ? 3.763   -9.144  0.919   1.00   10.97 ? 9   PRO A N     1 
ATOM   69   C CA    . PRO A 1 9  ? 4.347   -8.890  2.228   1.00   10.19 ? 9   PRO A CA    1 
ATOM   70   C C     . PRO A 1 9  ? 3.499   -9.101  3.459   1.00   9.29  ? 9   PRO A C     1 
ATOM   71   O O     . PRO A 1 9  ? 3.291   -8.146  4.239   1.00   8.74  ? 9   PRO A O     1 
ATOM   72   C CB    . PRO A 1 9  ? 4.919   -7.463  2.060   1.00   10.40 ? 9   PRO A CB    1 
ATOM   73   C CG    . PRO A 1 9  ? 3.936   -6.794  1.107   1.00   10.62 ? 9   PRO A CG    1 
ATOM   74   C CD    . PRO A 1 9  ? 3.716   -7.937  0.082   1.00   10.74 ? 9   PRO A CD    1 
ATOM   75   N N     . VAL A 1 10 ? 3.018   -10.310 3.709   1.00   8.31  ? 10  VAL A N     1 
ATOM   76   C CA    . VAL A 1 10 ? 2.194   -10.689 4.864   1.00   7.42  ? 10  VAL A CA    1 
ATOM   77   C C     . VAL A 1 10 ? 3.052   -11.291 5.989   1.00   7.09  ? 10  VAL A C     1 
ATOM   78   O O     . VAL A 1 10 ? 3.811   -12.236 5.738   1.00   7.33  ? 10  VAL A O     1 
ATOM   79   C CB    . VAL A 1 10 ? 0.996   -11.586 4.474   1.00   6.87  ? 10  VAL A CB    1 
ATOM   80   C CG1   . VAL A 1 10 ? 0.158   -12.010 5.681   1.00   5.60  ? 10  VAL A CG1   1 
ATOM   81   C CG2   . VAL A 1 10 ? 0.210   -10.819 3.410   1.00   6.40  ? 10  VAL A CG2   1 
ATOM   82   N N     . VAL A 1 11 ? 2.882   -10.764 7.179   1.00   5.86  ? 11  VAL A N     1 
ATOM   83   C CA    . VAL A 1 11 ? 3.621   -11.172 8.385   1.00   5.35  ? 11  VAL A CA    1 
ATOM   84   C C     . VAL A 1 11 ? 2.668   -11.386 9.554   1.00   5.76  ? 11  VAL A C     1 
ATOM   85   O O     . VAL A 1 11 ? 1.471   -11.007 9.537   1.00   6.56  ? 11  VAL A O     1 
ATOM   86   C CB    . VAL A 1 11 ? 4.542   -9.942  8.571   1.00   4.83  ? 11  VAL A CB    1 
ATOM   87   C CG1   . VAL A 1 11 ? 4.163   -9.069  9.736   1.00   4.82  ? 11  VAL A CG1   1 
ATOM   88   C CG2   . VAL A 1 11 ? 6.000   -10.182 8.406   1.00   4.94  ? 11  VAL A CG2   1 
ATOM   89   N N     . THR A 1 12 ? 3.134   -12.018 10.621  1.00   5.79  ? 12  THR A N     1 
ATOM   90   C CA    . THR A 1 12 ? 2.317   -12.232 11.828  1.00   5.44  ? 12  THR A CA    1 
ATOM   91   C C     . THR A 1 12 ? 2.939   -11.275 12.851  1.00   4.91  ? 12  THR A C     1 
ATOM   92   O O     . THR A 1 12 ? 4.145   -11.046 12.738  1.00   5.13  ? 12  THR A O     1 
ATOM   93   C CB    . THR A 1 12 ? 2.003   -13.648 12.356  1.00   5.63  ? 12  THR A CB    1 
ATOM   94   O OG1   . THR A 1 12 ? 1.840   -14.545 11.191  1.00   6.37  ? 12  THR A OG1   1 
ATOM   95   C CG2   . THR A 1 12 ? 0.649   -13.696 13.137  1.00   5.50  ? 12  THR A CG2   1 
ATOM   96   N N     . ALA A 1 13 ? 2.152   -10.713 13.715  1.00   4.66  ? 13  ALA A N     1 
ATOM   97   C CA    . ALA A 1 13 ? 2.640   -9.739  14.710  1.00   4.79  ? 13  ALA A CA    1 
ATOM   98   C C     . ALA A 1 13 ? 1.866   -9.888  16.004  1.00   4.60  ? 13  ALA A C     1 
ATOM   99   O O     . ALA A 1 13 ? 0.744   -10.385 15.946  1.00   4.79  ? 13  ALA A O     1 
ATOM   100  C CB    . ALA A 1 13 ? 2.401   -8.332  14.017  1.00   4.28  ? 13  ALA A CB    1 
ATOM   101  N N     . TYR A 1 14 ? 2.413   -9.511  17.141  1.00   5.33  ? 14  TYR A N     1 
ATOM   102  C CA    . TYR A 1 14 ? 1.620   -9.605  18.391  1.00   5.17  ? 14  TYR A CA    1 
ATOM   103  C C     . TYR A 1 14 ? 1.155   -8.153  18.665  1.00   5.32  ? 14  TYR A C     1 
ATOM   104  O O     . TYR A 1 14 ? 2.024   -7.315  18.958  1.00   4.27  ? 14  TYR A O     1 
ATOM   105  C CB    . TYR A 1 14 ? 2.353   -10.152 19.609  1.00   5.33  ? 14  TYR A CB    1 
ATOM   106  C CG    . TYR A 1 14 ? 2.698   -11.623 19.500  1.00   5.75  ? 14  TYR A CG    1 
ATOM   107  C CD1   . TYR A 1 14 ? 1.743   -12.560 19.119  1.00   5.87  ? 14  TYR A CD1   1 
ATOM   108  C CD2   . TYR A 1 14 ? 3.982   -12.077 19.787  1.00   5.49  ? 14  TYR A CD2   1 
ATOM   109  C CE1   . TYR A 1 14 ? 2.033   -13.907 19.010  1.00   5.90  ? 14  TYR A CE1   1 
ATOM   110  C CE2   . TYR A 1 14 ? 4.278   -13.418 19.679  1.00   6.05  ? 14  TYR A CE2   1 
ATOM   111  C CZ    . TYR A 1 14 ? 3.316   -14.334 19.275  1.00   6.28  ? 14  TYR A CZ    1 
ATOM   112  O OH    . TYR A 1 14 ? 3.667   -15.662 19.141  1.00   6.56  ? 14  TYR A OH    1 
ATOM   113  N N     . ILE A 1 15 ? -0.141  -7.942  18.495  1.00   5.06  ? 15  ILE A N     1 
ATOM   114  C CA    . ILE A 1 15 ? -0.690  -6.614  18.767  1.00   5.80  ? 15  ILE A CA    1 
ATOM   115  C C     . ILE A 1 15 ? -1.263  -6.686  20.203  1.00   6.12  ? 15  ILE A C     1 
ATOM   116  O O     . ILE A 1 15 ? -2.403  -7.079  20.410  1.00   6.06  ? 15  ILE A O     1 
ATOM   117  C CB    . ILE A 1 15 ? -1.714  -5.951  17.808  1.00   5.60  ? 15  ILE A CB    1 
ATOM   118  C CG1   . ILE A 1 15 ? -1.264  -5.983  16.297  1.00   6.03  ? 15  ILE A CG1   1 
ATOM   119  C CG2   . ILE A 1 15 ? -1.960  -4.497  18.332  1.00   5.76  ? 15  ILE A CG2   1 
ATOM   120  C CD1   . ILE A 1 15 ? -1.892  -4.816  15.473  1.00   5.87  ? 15  ILE A CD1   1 
ATOM   121  N N     . GLU A 1 16 ? -0.381  -6.292  21.086  1.00   6.70  ? 16  GLU A N     1 
ATOM   122  C CA    . GLU A 1 16 ? -0.561  -6.276  22.520  1.00   7.19  ? 16  GLU A CA    1 
ATOM   123  C C     . GLU A 1 16 ? -0.936  -7.664  23.028  1.00   7.13  ? 16  GLU A C     1 
ATOM   124  O O     . GLU A 1 16 ? -1.884  -7.846  23.789  1.00   7.17  ? 16  GLU A O     1 
ATOM   125  C CB    . GLU A 1 16 ? -1.419  -5.188  23.097  1.00   7.59  ? 16  GLU A CB    1 
ATOM   126  C CG    . GLU A 1 16 ? -0.687  -3.836  23.048  1.00   8.32  ? 16  GLU A CG    1 
ATOM   127  C CD    . GLU A 1 16 ? -0.977  -2.951  24.214  1.00   8.57  ? 16  GLU A CD    1 
ATOM   128  O OE1   . GLU A 1 16 ? -2.122  -2.461  24.130  1.00   8.91  ? 16  GLU A OE1   1 
ATOM   129  O OE2   . GLU A 1 16 ? -0.149  -2.805  25.100  1.00   9.36  ? 16  GLU A OE2   1 
ATOM   130  N N     . GLY A 1 17 ? -0.113  -8.572  22.529  1.00   6.82  ? 17  GLY A N     1 
ATOM   131  C CA    . GLY A 1 17 ? -0.062  -9.981  22.736  1.00   6.54  ? 17  GLY A CA    1 
ATOM   132  C C     . GLY A 1 17 ? -0.977  -10.838 21.891  1.00   6.53  ? 17  GLY A C     1 
ATOM   133  O O     . GLY A 1 17 ? -1.038  -12.073 22.069  1.00   6.69  ? 17  GLY A O     1 
ATOM   134  N N     . GLN A 1 18 ? -1.749  -10.232 21.001  1.00   6.38  ? 18  GLN A N     1 
ATOM   135  C CA    . GLN A 1 18 ? -2.632  -11.114 20.180  1.00   5.88  ? 18  GLN A CA    1 
ATOM   136  C C     . GLN A 1 18 ? -1.865  -11.285 18.865  1.00   5.64  ? 18  GLN A C     1 
ATOM   137  O O     . GLN A 1 18 ? -1.444  -10.259 18.275  1.00   5.97  ? 18  GLN A O     1 
ATOM   138  C CB    . GLN A 1 18 ? -3.996  -10.478 19.989  1.00   6.32  ? 18  GLN A CB    1 
ATOM   139  C CG    . GLN A 1 18 ? -4.637  -9.962  21.259  1.00   7.13  ? 18  GLN A CG    1 
ATOM   140  C CD    . GLN A 1 18 ? -5.750  -8.979  21.012  1.00   7.41  ? 18  GLN A CD    1 
ATOM   141  O OE1   . GLN A 1 18 ? -6.833  -9.314  20.528  1.00   8.40  ? 18  GLN A OE1   1 
ATOM   142  N NE2   . GLN A 1 18 ? -5.481  -7.722  21.337  1.00   7.31  ? 18  GLN A NE2   1 
ATOM   143  N N     . PRO A 1 19 ? -1.655  -12.528 18.487  1.00   4.66  ? 19  PRO A N     1 
ATOM   144  C CA    . PRO A 1 19 ? -0.965  -12.790 17.199  1.00   4.31  ? 19  PRO A CA    1 
ATOM   145  C C     . PRO A 1 19 ? -1.927  -12.213 16.158  1.00   4.10  ? 19  PRO A C     1 
ATOM   146  O O     . PRO A 1 19 ? -3.113  -12.595 16.184  1.00   5.35  ? 19  PRO A O     1 
ATOM   147  C CB    . PRO A 1 19 ? -0.975  -14.309 17.116  1.00   4.24  ? 19  PRO A CB    1 
ATOM   148  C CG    . PRO A 1 19 ? -2.116  -14.737 17.979  1.00   4.09  ? 19  PRO A CG    1 
ATOM   149  C CD    . PRO A 1 19 ? -2.107  -13.751 19.137  1.00   4.25  ? 19  PRO A CD    1 
ATOM   150  N N     . VAL A 1 20 ? -1.504  -11.335 15.312  1.00   4.02  ? 20  VAL A N     1 
ATOM   151  C CA    . VAL A 1 20 ? -2.315  -10.705 14.259  1.00   4.02  ? 20  VAL A CA    1 
ATOM   152  C C     . VAL A 1 20 ? -1.527  -10.890 12.941  1.00   4.36  ? 20  VAL A C     1 
ATOM   153  O O     . VAL A 1 20 ? -0.301  -10.715 12.934  1.00   4.14  ? 20  VAL A O     1 
ATOM   154  C CB    . VAL A 1 20 ? -2.686  -9.227  14.516  1.00   3.51  ? 20  VAL A CB    1 
ATOM   155  C CG1   . VAL A 1 20 ? -3.039  -8.466  13.261  1.00   2.83  ? 20  VAL A CG1   1 
ATOM   156  C CG2   . VAL A 1 20 ? -3.815  -9.045  15.521  1.00   3.51  ? 20  VAL A CG2   1 
ATOM   157  N N     . GLU A 1 21 ? -2.256  -11.244 11.897  1.00   4.60  ? 21  GLU A N     1 
ATOM   158  C CA    . GLU A 1 21 ? -1.575  -11.397 10.587  1.00   4.87  ? 21  GLU A CA    1 
ATOM   159  C C     . GLU A 1 21 ? -1.792  -10.071 9.840   1.00   4.62  ? 21  GLU A C     1 
ATOM   160  O O     . GLU A 1 21 ? -2.967  -9.643  9.654   1.00   4.39  ? 21  GLU A O     1 
ATOM   161  C CB    . GLU A 1 21 ? -2.157  -12.561 9.812   1.00   5.38  ? 21  GLU A CB    1 
ATOM   162  C CG    . GLU A 1 21 ? -1.442  -12.837 8.485   1.00   7.38  ? 21  GLU A CG    1 
ATOM   163  C CD    . GLU A 1 21 ? -1.577  -14.254 8.000   1.00   7.95  ? 21  GLU A CD    1 
ATOM   164  O OE1   . GLU A 1 21 ? -1.009  -15.156 8.601   1.00   8.57  ? 21  GLU A OE1   1 
ATOM   165  O OE2   . GLU A 1 21 ? -2.322  -14.359 6.994   1.00   8.68  ? 21  GLU A OE2   1 
ATOM   166  N N     . VAL A 1 22 ? -0.676  -9.440  9.467   1.00   3.54  ? 22  VAL A N     1 
ATOM   167  C CA    . VAL A 1 22 ? -0.714  -8.143  8.779   1.00   2.37  ? 22  VAL A CA    1 
ATOM   168  C C     . VAL A 1 22 ? 0.051   -8.037  7.463   1.00   2.17  ? 22  VAL A C     1 
ATOM   169  O O     . VAL A 1 22 ? 0.936   -8.815  7.087   1.00   2.00  ? 22  VAL A O     1 
ATOM   170  C CB    . VAL A 1 22 ? -0.374  -7.035  9.799   1.00   2.03  ? 22  VAL A CB    1 
ATOM   171  C CG1   . VAL A 1 22 ? -0.978  -7.242  11.177  1.00   2.00  ? 22  VAL A CG1   1 
ATOM   172  C CG2   . VAL A 1 22 ? 1.120   -6.794  9.850   1.00   2.00  ? 22  VAL A CG2   1 
ATOM   173  N N     . LEU A 1 23 ? -0.301  -7.006  6.694   1.00   2.00  ? 23  LEU A N     1 
ATOM   174  C CA    . LEU A 1 23 ? 0.236   -6.657  5.399   1.00   2.00  ? 23  LEU A CA    1 
ATOM   175  C C     . LEU A 1 23 ? 1.043   -5.349  5.445   1.00   2.00  ? 23  LEU A C     1 
ATOM   176  O O     . LEU A 1 23 ? 0.457   -4.299  5.702   1.00   2.00  ? 23  LEU A O     1 
ATOM   177  C CB    . LEU A 1 23 ? -0.918  -6.435  4.393   1.00   2.00  ? 23  LEU A CB    1 
ATOM   178  C CG    . LEU A 1 23 ? -0.587  -5.748  3.073   1.00   2.00  ? 23  LEU A CG    1 
ATOM   179  C CD1   . LEU A 1 23 ? 0.302   -6.611  2.188   1.00   2.00  ? 23  LEU A CD1   1 
ATOM   180  C CD2   . LEU A 1 23 ? -1.886  -5.524  2.320   1.00   2.00  ? 23  LEU A CD2   1 
ATOM   181  N N     . LEU A 1 24 ? 2.316   -5.489  5.154   1.00   2.44  ? 24  LEU A N     1 
ATOM   182  C CA    . LEU A 1 24 ? 3.284   -4.409  5.080   1.00   2.52  ? 24  LEU A CA    1 
ATOM   183  C C     . LEU A 1 24 ? 3.017   -3.584  3.798   1.00   2.48  ? 24  LEU A C     1 
ATOM   184  O O     . LEU A 1 24 ? 3.486   -3.917  2.711   1.00   2.01  ? 24  LEU A O     1 
ATOM   185  C CB    . LEU A 1 24 ? 4.693   -5.027  5.059   1.00   2.95  ? 24  LEU A CB    1 
ATOM   186  C CG    . LEU A 1 24 ? 4.974   -6.032  6.168   1.00   2.73  ? 24  LEU A CG    1 
ATOM   187  C CD1   . LEU A 1 24 ? 6.476   -6.320  6.205   1.00   3.22  ? 24  LEU A CD1   1 
ATOM   188  C CD2   . LEU A 1 24 ? 4.577   -5.387  7.473   1.00   3.77  ? 24  LEU A CD2   1 
ATOM   189  N N     . ASP A 1 25 ? 2.306   -2.525  4.054   1.00   2.40  ? 25  ASP A N     1 
ATOM   190  C CA    . ASP A 1 25 ? 1.802   -1.509  3.157   1.00   2.60  ? 25  ASP A CA    1 
ATOM   191  C C     . ASP A 1 25 ? 2.517   -0.149  3.165   1.00   3.21  ? 25  ASP A C     1 
ATOM   192  O O     . ASP A 1 25 ? 2.164   0.767   3.945   1.00   2.86  ? 25  ASP A O     1 
ATOM   193  C CB    . ASP A 1 25 ? 0.324   -1.286  3.596   1.00   2.01  ? 25  ASP A CB    1 
ATOM   194  C CG    . ASP A 1 25 ? -0.443  -0.631  2.492   1.00   2.00  ? 25  ASP A CG    1 
ATOM   195  O OD1   . ASP A 1 25 ? 0.163   -0.150  1.550   1.00   2.00  ? 25  ASP A OD1   1 
ATOM   196  O OD2   . ASP A 1 25 ? -1.650  -0.596  2.506   1.00   2.23  ? 25  ASP A OD2   1 
ATOM   197  N N     . THR A 1 26 ? 3.474   -0.018  2.259   1.00   3.18  ? 26  THR A N     1 
ATOM   198  C CA    . THR A 1 26 ? 4.246   1.217   2.127   1.00   3.82  ? 26  THR A CA    1 
ATOM   199  C C     . THR A 1 26 ? 3.535   2.164   1.169   1.00   4.18  ? 26  THR A C     1 
ATOM   200  O O     . THR A 1 26 ? 4.224   2.652   0.249   1.00   5.24  ? 26  THR A O     1 
ATOM   201  C CB    . THR A 1 26 ? 5.674   0.883   1.498   1.00   3.93  ? 26  THR A CB    1 
ATOM   202  O OG1   . THR A 1 26 ? 5.484   0.736   0.054   1.00   4.07  ? 26  THR A OG1   1 
ATOM   203  C CG2   . THR A 1 26 ? 6.341   -0.322  2.168   1.00   4.13  ? 26  THR A CG2   1 
ATOM   204  N N     . GLY A 1 27 ? 2.262   2.372   1.332   1.00   4.53  ? 27  GLY A N     1 
ATOM   205  C CA    . GLY A 1 27 ? 1.429   3.226   0.448   1.00   4.43  ? 27  GLY A CA    1 
ATOM   206  C C     . GLY A 1 27 ? 0.091   3.490   1.174   1.00   4.54  ? 27  GLY A C     1 
ATOM   207  O O     . GLY A 1 27 ? -0.997  3.676   0.646   1.00   3.74  ? 27  GLY A O     1 
ATOM   208  N N     . ALA A 1 28 ? 0.303   3.455   2.478   1.00   4.79  ? 28  ALA A N     1 
ATOM   209  C CA    . ALA A 1 28 ? -0.609  3.660   3.573   1.00   4.74  ? 28  ALA A CA    1 
ATOM   210  C C     . ALA A 1 28 ? 0.087   4.515   4.638   1.00   4.88  ? 28  ALA A C     1 
ATOM   211  O O     . ALA A 1 28 ? 1.192   4.185   5.115   1.00   4.55  ? 28  ALA A O     1 
ATOM   212  C CB    . ALA A 1 28 ? -1.046  2.331   4.197   1.00   5.24  ? 28  ALA A CB    1 
ATOM   213  N N     . ASP A 1 29 ? -0.597  5.610   4.963   1.00   4.82  ? 29  ASP A N     1 
ATOM   214  C CA    . ASP A 1 29 ? -0.066  6.518   5.984   1.00   4.65  ? 29  ASP A CA    1 
ATOM   215  C C     . ASP A 1 29 ? -0.248  5.886   7.383   1.00   4.79  ? 29  ASP A C     1 
ATOM   216  O O     . ASP A 1 29 ? 0.625   6.170   8.224   1.00   4.61  ? 29  ASP A O     1 
ATOM   217  C CB    . ASP A 1 29 ? -0.768  7.860   5.956   1.00   4.96  ? 29  ASP A CB    1 
ATOM   218  C CG    . ASP A 1 29 ? -0.787  8.546   4.627   1.00   4.57  ? 29  ASP A CG    1 
ATOM   219  O OD1   . ASP A 1 29 ? 0.046   8.065   3.859   1.00   5.14  ? 29  ASP A OD1   1 
ATOM   220  O OD2   . ASP A 1 29 ? -1.585  9.466   4.400   1.00   5.01  ? 29  ASP A OD2   1 
ATOM   221  N N     . ASP A 1 30 ? -1.346  5.160   7.553   1.00   4.44  ? 30  ASP A N     1 
ATOM   222  C CA    . ASP A 1 30 ? -1.641  4.547   8.849   1.00   4.30  ? 30  ASP A CA    1 
ATOM   223  C C     . ASP A 1 30 ? -1.733  3.026   8.866   1.00   3.69  ? 30  ASP A C     1 
ATOM   224  O O     . ASP A 1 30 ? -1.682  2.352   7.847   1.00   3.62  ? 30  ASP A O     1 
ATOM   225  C CB    . ASP A 1 30 ? -2.982  5.084   9.403   1.00   4.56  ? 30  ASP A CB    1 
ATOM   226  C CG    . ASP A 1 30 ? -3.087  6.540   8.939   1.00   5.17  ? 30  ASP A CG    1 
ATOM   227  O OD1   . ASP A 1 30 ? -2.490  7.415   9.592   1.00   4.91  ? 30  ASP A OD1   1 
ATOM   228  O OD2   . ASP A 1 30 ? -3.750  6.629   7.878   1.00   5.12  ? 30  ASP A OD2   1 
ATOM   229  N N     . SER A 1 31 ? -1.920  2.614   10.122  1.00   2.89  ? 31  SER A N     1 
ATOM   230  C CA    . SER A 1 31 ? -2.088  1.229   10.558  1.00   2.27  ? 31  SER A CA    1 
ATOM   231  C C     . SER A 1 31 ? -3.544  0.928   10.934  1.00   2.00  ? 31  SER A C     1 
ATOM   232  O O     . SER A 1 31 ? -4.074  1.465   11.898  1.00   2.00  ? 31  SER A O     1 
ATOM   233  C CB    . SER A 1 31 ? -1.170  0.985   11.736  1.00   2.70  ? 31  SER A CB    1 
ATOM   234  O OG    . SER A 1 31 ? 0.197   1.203   11.475  1.00   2.96  ? 31  SER A OG    1 
ATOM   235  N N     . ILE A 1 32 ? -4.230  0.091   10.195  1.00   2.00  ? 32  ILE A N     1 
ATOM   236  C CA    . ILE A 1 32 ? -5.611  -0.303  10.397  1.00   2.00  ? 32  ILE A CA    1 
ATOM   237  C C     . ILE A 1 32 ? -5.746  -1.816  10.506  1.00   2.00  ? 32  ILE A C     1 
ATOM   238  O O     . ILE A 1 32 ? -5.607  -2.539  9.521   1.00   2.00  ? 32  ILE A O     1 
ATOM   239  C CB    . ILE A 1 32 ? -6.547  0.286   9.298   1.00   2.00  ? 32  ILE A CB    1 
ATOM   240  C CG1   . ILE A 1 32 ? -6.258  1.822   9.192   1.00   2.00  ? 32  ILE A CG1   1 
ATOM   241  C CG2   . ILE A 1 32 ? -8.055  0.009   9.500   1.00   2.00  ? 32  ILE A CG2   1 
ATOM   242  C CD1   . ILE A 1 32 ? -6.541  2.309   7.732   1.00   2.00  ? 32  ILE A CD1   1 
ATOM   243  N N     . VAL A 1 33 ? -5.996  -2.262  11.721  1.00   2.89  ? 33  VAL A N     1 
ATOM   244  C CA    . VAL A 1 33 ? -6.194  -3.667  12.081  1.00   3.50  ? 33  VAL A CA    1 
ATOM   245  C C     . VAL A 1 33 ? -7.675  -3.829  12.437  1.00   4.42  ? 33  VAL A C     1 
ATOM   246  O O     . VAL A 1 33 ? -8.166  -3.014  13.234  1.00   4.87  ? 33  VAL A O     1 
ATOM   247  C CB    . VAL A 1 33 ? -5.245  -4.141  13.195  1.00   3.08  ? 33  VAL A CB    1 
ATOM   248  C CG1   . VAL A 1 33 ? -5.574  -5.568  13.675  1.00   2.39  ? 33  VAL A CG1   1 
ATOM   249  C CG2   . VAL A 1 33 ? -3.771  -4.044  12.857  1.00   2.32  ? 33  VAL A CG2   1 
ATOM   250  N N     . ALA A 1 34 ? -8.324  -4.813  11.859  1.00   6.14  ? 34  ALA A N     1 
ATOM   251  C CA    . ALA A 1 34 ? -9.737  -5.113  12.103  1.00   8.02  ? 34  ALA A CA    1 
ATOM   252  C C     . ALA A 1 34 ? -9.924  -6.119  13.246  1.00   9.49  ? 34  ALA A C     1 
ATOM   253  O O     . ALA A 1 34 ? -9.096  -6.992  13.564  1.00   9.99  ? 34  ALA A O     1 
ATOM   254  C CB    . ALA A 1 34 ? -10.479 -5.689  10.912  1.00   7.43  ? 34  ALA A CB    1 
ATOM   255  N N     . GLY A 1 35 ? -11.088 -5.924  13.832  1.00   11.31 ? 35  GLY A N     1 
ATOM   256  C CA    . GLY A 1 35 ? -11.639 -6.671  14.941  1.00   13.14 ? 35  GLY A CA    1 
ATOM   257  C C     . GLY A 1 35 ? -10.686 -7.124  16.029  1.00   14.52 ? 35  GLY A C     1 
ATOM   258  O O     . GLY A 1 35 ? -10.356 -8.327  16.135  1.00   14.54 ? 35  GLY A O     1 
ATOM   259  N N     . ILE A 1 36 ? -10.252 -6.160  16.827  1.00   15.49 ? 36  ILE A N     1 
ATOM   260  C CA    . ILE A 1 36 ? -9.394  -6.321  17.967  1.00   16.29 ? 36  ILE A CA    1 
ATOM   261  C C     . ILE A 1 36 ? -9.819  -5.235  19.003  1.00   17.08 ? 36  ILE A C     1 
ATOM   262  O O     . ILE A 1 36 ? -10.066 -4.059  18.687  1.00   17.21 ? 36  ILE A O     1 
ATOM   263  C CB    . ILE A 1 36 ? -7.842  -6.307  17.943  1.00   15.91 ? 36  ILE A CB    1 
ATOM   264  C CG1   . ILE A 1 36 ? -7.281  -4.919  17.568  1.00   16.19 ? 36  ILE A CG1   1 
ATOM   265  C CG2   . ILE A 1 36 ? -7.136  -7.457  17.231  1.00   16.26 ? 36  ILE A CG2   1 
ATOM   266  C CD1   . ILE A 1 36 ? -5.737  -4.791  17.541  1.00   16.14 ? 36  ILE A CD1   1 
ATOM   267  N N     . GLU A 1 37 ? -9.818  -5.797  20.205  1.00   17.79 ? 37  GLU A N     1 
ATOM   268  C CA    . GLU A 1 37 ? -10.120 -4.973  21.373  1.00   18.48 ? 37  GLU A CA    1 
ATOM   269  C C     . GLU A 1 37 ? -8.820  -4.415  21.940  1.00   18.53 ? 37  GLU A C     1 
ATOM   270  O O     . GLU A 1 37 ? -7.864  -5.163  22.270  1.00   18.50 ? 37  GLU A O     1 
ATOM   271  C CB    . GLU A 1 37 ? -10.916 -5.740  22.419  1.00   19.65 ? 37  GLU A CB    1 
ATOM   272  C CG    . GLU A 1 37 ? -12.421 -5.367  22.425  1.00   20.69 ? 37  GLU A CG    1 
ATOM   273  C CD    . GLU A 1 37 ? -12.565 -3.852  22.479  1.00   21.21 ? 37  GLU A CD    1 
ATOM   274  O OE1   . GLU A 1 37 ? -11.937 -3.111  23.234  1.00   21.45 ? 37  GLU A OE1   1 
ATOM   275  O OE2   . GLU A 1 37 ? -13.401 -3.469  21.632  1.00   21.38 ? 37  GLU A OE2   1 
ATOM   276  N N     . LEU A 1 38 ? -8.770  -3.078  22.018  1.00   18.06 ? 38  LEU A N     1 
ATOM   277  C CA    . LEU A 1 38 ? -7.568  -2.455  22.585  1.00   17.87 ? 38  LEU A CA    1 
ATOM   278  C C     . LEU A 1 38 ? -7.888  -1.667  23.839  1.00   17.86 ? 38  LEU A C     1 
ATOM   279  O O     . LEU A 1 38 ? -6.937  -1.182  24.513  1.00   18.37 ? 38  LEU A O     1 
ATOM   280  C CB    . LEU A 1 38 ? -6.629  -1.896  21.562  1.00   18.06 ? 38  LEU A CB    1 
ATOM   281  C CG    . LEU A 1 38 ? -5.894  -2.794  20.578  1.00   18.03 ? 38  LEU A CG    1 
ATOM   282  C CD1   . LEU A 1 38 ? -5.427  -1.945  19.388  1.00   17.98 ? 38  LEU A CD1   1 
ATOM   283  C CD2   . LEU A 1 38 ? -4.692  -3.473  21.204  1.00   17.42 ? 38  LEU A CD2   1 
ATOM   284  N N     . GLY A 1 39 ? -9.157  -1.526  24.202  1.00   17.24 ? 39  GLY A N     1 
ATOM   285  C CA    . GLY A 1 39 ? -9.429  -0.772  25.431  1.00   17.43 ? 39  GLY A CA    1 
ATOM   286  C C     . GLY A 1 39 ? -10.394 0.377   25.315  1.00   17.43 ? 39  GLY A C     1 
ATOM   287  O O     . GLY A 1 39 ? -11.290 0.347   24.448  1.00   17.83 ? 39  GLY A O     1 
ATOM   288  N N     . ASN A 1 40 ? -10.181 1.350   26.204  1.00   17.46 ? 40  ASN A N     1 
ATOM   289  C CA    . ASN A 1 40 ? -11.011 2.557   26.304  1.00   17.15 ? 40  ASN A CA    1 
ATOM   290  C C     . ASN A 1 40 ? -10.318 3.889   26.071  1.00   16.47 ? 40  ASN A C     1 
ATOM   291  O O     . ASN A 1 40 ? -11.061 4.881   26.182  1.00   16.47 ? 40  ASN A O     1 
ATOM   292  C CB    . ASN A 1 40 ? -11.521 2.662   27.777  1.00   17.62 ? 40  ASN A CB    1 
ATOM   293  C CG    . ASN A 1 40 ? -12.302 1.398   28.109  1.00   18.41 ? 40  ASN A CG    1 
ATOM   294  O OD1   . ASN A 1 40 ? -13.466 1.276   27.676  1.00   18.74 ? 40  ASN A OD1   1 
ATOM   295  N ND2   . ASN A 1 40 ? -11.640 0.492   28.828  1.00   18.64 ? 40  ASN A ND2   1 
ATOM   296  N N     . ASN A 1 41 ? -9.036  3.866   25.830  1.00   15.76 ? 41  ASN A N     1 
ATOM   297  C CA    . ASN A 1 41 ? -8.223  5.083   25.655  1.00   14.92 ? 41  ASN A CA    1 
ATOM   298  C C     . ASN A 1 41 ? -8.192  5.575   24.218  1.00   14.06 ? 41  ASN A C     1 
ATOM   299  O O     . ASN A 1 41 ? -7.268  6.270   23.760  1.00   14.14 ? 41  ASN A O     1 
ATOM   300  C CB    . ASN A 1 41 ? -6.849  4.730   26.203  1.00   15.83 ? 41  ASN A CB    1 
ATOM   301  C CG    . ASN A 1 41 ? -6.210  5.758   27.118  1.00   16.64 ? 41  ASN A CG    1 
ATOM   302  O OD1   . ASN A 1 41 ? -6.537  6.959   27.226  1.00   16.79 ? 41  ASN A OD1   1 
ATOM   303  N ND2   . ASN A 1 41 ? -5.203  5.235   27.844  1.00   16.86 ? 41  ASN A ND2   1 
ATOM   304  N N     . TYR A 1 42 ? -9.229  5.198   23.495  1.00   12.84 ? 42  TYR A N     1 
ATOM   305  C CA    . TYR A 1 42 ? -9.398  5.512   22.080  1.00   11.27 ? 42  TYR A CA    1 
ATOM   306  C C     . TYR A 1 42 ? -9.649  6.993   21.848  1.00   11.24 ? 42  TYR A C     1 
ATOM   307  O O     . TYR A 1 42 ? -9.456  7.879   22.705  1.00   11.55 ? 42  TYR A O     1 
ATOM   308  C CB    . TYR A 1 42 ? -10.465 4.606   21.471  1.00   10.67 ? 42  TYR A CB    1 
ATOM   309  C CG    . TYR A 1 42 ? -11.871 4.736   21.966  1.00   9.71  ? 42  TYR A CG    1 
ATOM   310  C CD1   . TYR A 1 42 ? -12.342 4.009   23.062  1.00   9.91  ? 42  TYR A CD1   1 
ATOM   311  C CD2   . TYR A 1 42 ? -12.763 5.590   21.331  1.00   9.69  ? 42  TYR A CD2   1 
ATOM   312  C CE1   . TYR A 1 42 ? -13.649 4.110   23.525  1.00   9.31  ? 42  TYR A CE1   1 
ATOM   313  C CE2   . TYR A 1 42 ? -14.082 5.723   21.780  1.00   10.13 ? 42  TYR A CE2   1 
ATOM   314  C CZ    . TYR A 1 42 ? -14.533 4.968   22.885  1.00   9.80  ? 42  TYR A CZ    1 
ATOM   315  O OH    . TYR A 1 42 ? -15.837 5.090   23.307  1.00   8.98  ? 42  TYR A OH    1 
ATOM   316  N N     . SER A 1 43 ? -10.130 7.215   20.642  1.00   10.24 ? 43  SER A N     1 
ATOM   317  C CA    . SER A 1 43 ? -10.490 8.549   20.109  1.00   9.69  ? 43  SER A CA    1 
ATOM   318  C C     . SER A 1 43 ? -10.827 8.311   18.645  1.00   9.28  ? 43  SER A C     1 
ATOM   319  O O     . SER A 1 43 ? -9.929  8.008   17.831  1.00   9.82  ? 43  SER A O     1 
ATOM   320  C CB    . SER A 1 43 ? -9.368  9.475   20.467  1.00   9.96  ? 43  SER A CB    1 
ATOM   321  O OG    . SER A 1 43 ? -9.181  10.654  19.745  1.00   10.80 ? 43  SER A OG    1 
ATOM   322  N N     . PRO A 1 44 ? -12.098 8.389   18.292  1.00   8.50  ? 44  PRO A N     1 
ATOM   323  C CA    . PRO A 1 44 ? -12.525 8.161   16.919  1.00   8.66  ? 44  PRO A CA    1 
ATOM   324  C C     . PRO A 1 44 ? -11.702 8.982   15.935  1.00   8.88  ? 44  PRO A C     1 
ATOM   325  O O     . PRO A 1 44 ? -11.359 10.156  16.188  1.00   9.51  ? 44  PRO A O     1 
ATOM   326  C CB    . PRO A 1 44 ? -14.007 8.431   16.868  1.00   7.96  ? 44  PRO A CB    1 
ATOM   327  C CG    . PRO A 1 44 ? -14.338 9.076   18.164  1.00   8.36  ? 44  PRO A CG    1 
ATOM   328  C CD    . PRO A 1 44 ? -13.229 8.735   19.145  1.00   8.68  ? 44  PRO A CD    1 
ATOM   329  N N     . LYS A 1 45 ? -11.371 8.336   14.823  1.00   8.57  ? 45  LYS A N     1 
ATOM   330  C CA    . LYS A 1 45 ? -10.586 9.067   13.783  1.00   8.48  ? 45  LYS A CA    1 
ATOM   331  C C     . LYS A 1 45 ? -11.297 8.699   12.466  1.00   7.48  ? 45  LYS A C     1 
ATOM   332  O O     . LYS A 1 45 ? -12.304 7.968   12.543  1.00   6.80  ? 45  LYS A O     1 
ATOM   333  C CB    . LYS A 1 45 ? -9.161  8.572   13.785  1.00   9.47  ? 45  LYS A CB    1 
ATOM   334  C CG    . LYS A 1 45 ? -8.093  9.634   13.693  1.00   11.13 ? 45  LYS A CG    1 
ATOM   335  C CD    . LYS A 1 45 ? -7.719  10.177  15.070  1.00   11.87 ? 45  LYS A CD    1 
ATOM   336  C CE    . LYS A 1 45 ? -8.805  11.116  15.557  1.00   13.16 ? 45  LYS A CE    1 
ATOM   337  N NZ    . LYS A 1 45 ? -8.539  11.564  16.960  1.00   13.79 ? 45  LYS A NZ    1 
ATOM   338  N N     . ILE A 1 46 ? -10.796 9.215   11.378  1.00   6.26  ? 46  ILE A N     1 
ATOM   339  C CA    . ILE A 1 46 ? -11.362 8.933   10.049  1.00   6.02  ? 46  ILE A CA    1 
ATOM   340  C C     . ILE A 1 46 ? -10.214 8.578   9.107   1.00   5.40  ? 46  ILE A C     1 
ATOM   341  O O     . ILE A 1 46 ? -9.229  9.342   9.023   1.00   4.91  ? 46  ILE A O     1 
ATOM   342  C CB    . ILE A 1 46 ? -12.274 10.090  9.493   1.00   6.24  ? 46  ILE A CB    1 
ATOM   343  C CG1   . ILE A 1 46 ? -13.285 10.456  10.626  1.00   6.49  ? 46  ILE A CG1   1 
ATOM   344  C CG2   . ILE A 1 46 ? -13.125 9.669   8.254   1.00   6.25  ? 46  ILE A CG2   1 
ATOM   345  C CD1   . ILE A 1 46 ? -14.150 11.703  10.397  1.00   6.09  ? 46  ILE A CD1   1 
ATOM   346  N N     . VAL A 1 47 ? -10.368 7.429   8.457   1.00   4.36  ? 47  VAL A N     1 
ATOM   347  C CA    . VAL A 1 47 ? -9.322  6.999   7.506   1.00   3.57  ? 47  VAL A CA    1 
ATOM   348  C C     . VAL A 1 47 ? -9.993  6.899   6.134   1.00   3.15  ? 47  VAL A C     1 
ATOM   349  O O     . VAL A 1 47 ? -11.161 6.538   6.028   1.00   2.47  ? 47  VAL A O     1 
ATOM   350  C CB    . VAL A 1 47 ? -8.538  5.775   7.984   1.00   3.74  ? 47  VAL A CB    1 
ATOM   351  C CG1   . VAL A 1 47 ? -7.532  6.078   9.099   1.00   3.43  ? 47  VAL A CG1   1 
ATOM   352  C CG2   . VAL A 1 47 ? -9.399  4.598   8.443   1.00   3.15  ? 47  VAL A CG2   1 
ATOM   353  N N     . GLY A 1 48 ? -9.210  7.265   5.163   1.00   3.37  ? 48  GLY A N     1 
ATOM   354  C CA    . GLY A 1 48 ? -9.556  7.260   3.736   1.00   3.81  ? 48  GLY A CA    1 
ATOM   355  C C     . GLY A 1 48 ? -8.781  6.103   3.091   1.00   4.28  ? 48  GLY A C     1 
ATOM   356  O O     . GLY A 1 48 ? -7.658  5.723   3.495   1.00   3.88  ? 48  GLY A O     1 
ATOM   357  N N     . GLY A 1 49 ? -9.445  5.560   2.084   1.00   4.97  ? 49  GLY A N     1 
ATOM   358  C CA    . GLY A 1 49 ? -8.907  4.395   1.320   1.00   5.84  ? 49  GLY A CA    1 
ATOM   359  C C     . GLY A 1 49 ? -9.313  4.603   -0.127  1.00   6.16  ? 49  GLY A C     1 
ATOM   360  O O     . GLY A 1 49 ? -9.612  5.775   -0.453  1.00   6.98  ? 49  GLY A O     1 
ATOM   361  N N     . ILE A 1 50 ? -9.321  3.544   -0.908  1.00   6.47  ? 50  ILE A N     1 
ATOM   362  C CA    . ILE A 1 50 ? -9.671  3.670   -2.334  1.00   6.24  ? 50  ILE A CA    1 
ATOM   363  C C     . ILE A 1 50 ? -11.159 3.860   -2.614  1.00   6.26  ? 50  ILE A C     1 
ATOM   364  O O     . ILE A 1 50 ? -11.586 4.738   -3.391  1.00   6.13  ? 50  ILE A O     1 
ATOM   365  C CB    . ILE A 1 50 ? -9.007  2.529   -3.202  1.00   5.97  ? 50  ILE A CB    1 
ATOM   366  C CG1   . ILE A 1 50 ? -8.694  3.195   -4.583  1.00   6.20  ? 50  ILE A CG1   1 
ATOM   367  C CG2   . ILE A 1 50 ? -9.924  1.299   -3.407  1.00   5.17  ? 50  ILE A CG2   1 
ATOM   368  C CD1   . ILE A 1 50 ? -7.513  2.591   -5.401  1.00   5.85  ? 50  ILE A CD1   1 
ATOM   369  N N     . GLY A 1 51 ? -11.952 3.018   -1.992  1.00   5.97  ? 51  GLY A N     1 
ATOM   370  C CA    . GLY A 1 51 ? -13.389 2.973   -2.116  1.00   5.87  ? 51  GLY A CA    1 
ATOM   371  C C     . GLY A 1 51 ? -14.104 4.014   -1.293  1.00   5.48  ? 51  GLY A C     1 
ATOM   372  O O     . GLY A 1 51 ? -15.312 4.204   -1.515  1.00   6.53  ? 51  GLY A O     1 
ATOM   373  N N     . GLY A 1 52 ? -13.415 4.659   -0.374  1.00   5.51  ? 52  GLY A N     1 
ATOM   374  C CA    . GLY A 1 52 ? -14.061 5.677   0.472   1.00   4.37  ? 52  GLY A CA    1 
ATOM   375  C C     . GLY A 1 52 ? -13.274 5.960   1.732   1.00   3.89  ? 52  GLY A C     1 
ATOM   376  O O     . GLY A 1 52 ? -12.062 5.789   1.823   1.00   4.27  ? 52  GLY A O     1 
ATOM   377  N N     . PHE A 1 53 ? -14.026 6.388   2.698   1.00   3.57  ? 53  PHE A N     1 
ATOM   378  C CA    . PHE A 1 53 ? -13.643 6.798   4.040   1.00   3.59  ? 53  PHE A CA    1 
ATOM   379  C C     . PHE A 1 53 ? -14.291 5.920   5.107   1.00   3.85  ? 53  PHE A C     1 
ATOM   380  O O     . PHE A 1 53 ? -15.518 5.690   5.040   1.00   4.44  ? 53  PHE A O     1 
ATOM   381  C CB    . PHE A 1 53 ? -14.084 8.283   4.166   1.00   3.38  ? 53  PHE A CB    1 
ATOM   382  C CG    . PHE A 1 53 ? -13.053 9.209   3.598   1.00   3.54  ? 53  PHE A CG    1 
ATOM   383  C CD1   . PHE A 1 53 ? -13.014 9.557   2.260   1.00   3.48  ? 53  PHE A CD1   1 
ATOM   384  C CD2   . PHE A 1 53 ? -12.066 9.730   4.448   1.00   3.94  ? 53  PHE A CD2   1 
ATOM   385  C CE1   . PHE A 1 53 ? -12.029 10.403  1.744   1.00   3.14  ? 53  PHE A CE1   1 
ATOM   386  C CE2   . PHE A 1 53 ? -11.075 10.575  3.942   1.00   4.04  ? 53  PHE A CE2   1 
ATOM   387  C CZ    . PHE A 1 53 ? -11.047 10.917  2.589   1.00   3.33  ? 53  PHE A CZ    1 
ATOM   388  N N     . ILE A 1 54 ? -13.521 5.423   6.058   1.00   3.64  ? 54  ILE A N     1 
ATOM   389  C CA    . ILE A 1 54 ? -14.103 4.601   7.133   1.00   3.81  ? 54  ILE A CA    1 
ATOM   390  C C     . ILE A 1 54 ? -13.840 5.271   8.471   1.00   4.19  ? 54  ILE A C     1 
ATOM   391  O O     . ILE A 1 54 ? -12.813 5.974   8.596   1.00   4.93  ? 54  ILE A O     1 
ATOM   392  C CB    . ILE A 1 54 ? -13.637 3.132   7.026   1.00   3.50  ? 54  ILE A CB    1 
ATOM   393  C CG1   . ILE A 1 54 ? -12.182 2.949   7.543   1.00   3.27  ? 54  ILE A CG1   1 
ATOM   394  C CG2   . ILE A 1 54 ? -13.780 2.662   5.561   1.00   3.30  ? 54  ILE A CG2   1 
ATOM   395  C CD1   . ILE A 1 54 ? -11.923 1.442   7.838   1.00   3.09  ? 54  ILE A CD1   1 
ATOM   396  N N     . ASN A 1 55 ? -14.752 5.085   9.402   1.00   4.44  ? 55  ASN A N     1 
ATOM   397  C CA    . ASN A 1 55 ? -14.649 5.655   10.764  1.00   4.37  ? 55  ASN A CA    1 
ATOM   398  C C     . ASN A 1 55 ? -13.831 4.625   11.558  1.00   4.23  ? 55  ASN A C     1 
ATOM   399  O O     . ASN A 1 55 ? -14.114 3.432   11.393  1.00   4.50  ? 55  ASN A O     1 
ATOM   400  C CB    . ASN A 1 55 ? -15.992 5.901   11.460  1.00   4.19  ? 55  ASN A CB    1 
ATOM   401  C CG    . ASN A 1 55 ? -16.758 7.106   10.944  1.00   4.14  ? 55  ASN A CG    1 
ATOM   402  O OD1   . ASN A 1 55 ? -16.105 8.150   10.785  1.00   4.45  ? 55  ASN A OD1   1 
ATOM   403  N ND2   . ASN A 1 55 ? -18.061 6.979   10.677  1.00   3.74  ? 55  ASN A ND2   1 
ATOM   404  N N     . THR A 1 56 ? -12.927 5.132   12.352  1.00   4.65  ? 56  THR A N     1 
ATOM   405  C CA    . THR A 1 56 ? -12.068 4.256   13.195  1.00   4.48  ? 56  THR A CA    1 
ATOM   406  C C     . THR A 1 56 ? -11.985 4.855   14.590  1.00   4.48  ? 56  THR A C     1 
ATOM   407  O O     . THR A 1 56 ? -12.400 5.994   14.835  1.00   4.18  ? 56  THR A O     1 
ATOM   408  C CB    . THR A 1 56 ? -10.711 4.014   12.436  1.00   4.24  ? 56  THR A CB    1 
ATOM   409  O OG1   . THR A 1 56 ? -9.951  5.252   12.381  1.00   3.89  ? 56  THR A OG1   1 
ATOM   410  C CG2   . THR A 1 56 ? -10.963 3.588   10.971  1.00   4.15  ? 56  THR A CG2   1 
ATOM   411  N N     . LEU A 1 57 ? -11.483 4.066   15.500  1.00   4.73  ? 57  LEU A N     1 
ATOM   412  C CA    . LEU A 1 57 ? -11.229 4.286   16.913  1.00   4.50  ? 57  LEU A CA    1 
ATOM   413  C C     . LEU A 1 57 ? -9.693  4.201   17.084  1.00   4.52  ? 57  LEU A C     1 
ATOM   414  O O     . LEU A 1 57 ? -9.204  3.065   17.023  1.00   5.17  ? 57  LEU A O     1 
ATOM   415  C CB    . LEU A 1 57 ? -11.872 3.193   17.752  1.00   4.47  ? 57  LEU A CB    1 
ATOM   416  C CG    . LEU A 1 57 ? -13.341 3.012   18.012  1.00   4.94  ? 57  LEU A CG    1 
ATOM   417  C CD1   . LEU A 1 57 ? -13.540 2.029   19.192  1.00   4.94  ? 57  LEU A CD1   1 
ATOM   418  C CD2   . LEU A 1 57 ? -14.064 4.302   18.406  1.00   5.12  ? 57  LEU A CD2   1 
ATOM   419  N N     . GLU A 1 58 ? -9.052  5.325   17.262  1.00   4.56  ? 58  GLU A N     1 
ATOM   420  C CA    . GLU A 1 58 ? -7.626  5.527   17.432  1.00   4.39  ? 58  GLU A CA    1 
ATOM   421  C C     . GLU A 1 58 ? -7.060  5.254   18.824  1.00   3.91  ? 58  GLU A C     1 
ATOM   422  O O     . GLU A 1 58 ? -7.537  5.745   19.843  1.00   4.97  ? 58  GLU A O     1 
ATOM   423  C CB    . GLU A 1 58 ? -7.156  6.928   17.065  1.00   4.28  ? 58  GLU A CB    1 
ATOM   424  C CG    . GLU A 1 58 ? -5.644  7.141   17.017  1.00   4.81  ? 58  GLU A CG    1 
ATOM   425  C CD    . GLU A 1 58 ? -5.261  8.512   16.537  1.00   5.19  ? 58  GLU A CD    1 
ATOM   426  O OE1   . GLU A 1 58 ? -5.848  9.377   17.234  1.00   5.76  ? 58  GLU A OE1   1 
ATOM   427  O OE2   . GLU A 1 58 ? -4.519  8.753   15.610  1.00   5.10  ? 58  GLU A OE2   1 
ATOM   428  N N     . TYR A 1 59 ? -6.025  4.444   18.854  1.00   3.56  ? 59  TYR A N     1 
ATOM   429  C CA    . TYR A 1 59 ? -5.226  3.927   19.935  1.00   2.92  ? 59  TYR A CA    1 
ATOM   430  C C     . TYR A 1 59 ? -3.758  4.224   19.608  1.00   2.59  ? 59  TYR A C     1 
ATOM   431  O O     . TYR A 1 59 ? -3.242  3.845   18.577  1.00   2.00  ? 59  TYR A O     1 
ATOM   432  C CB    . TYR A 1 59 ? -5.412  2.434   20.251  1.00   3.02  ? 59  TYR A CB    1 
ATOM   433  C CG    . TYR A 1 59 ? -6.824  1.957   20.549  1.00   3.33  ? 59  TYR A CG    1 
ATOM   434  C CD1   . TYR A 1 59 ? -7.396  2.048   21.822  1.00   2.65  ? 59  TYR A CD1   1 
ATOM   435  C CD2   . TYR A 1 59 ? -7.608  1.379   19.519  1.00   2.98  ? 59  TYR A CD2   1 
ATOM   436  C CE1   . TYR A 1 59 ? -8.683  1.615   22.075  1.00   2.43  ? 59  TYR A CE1   1 
ATOM   437  C CE2   . TYR A 1 59 ? -8.899  0.943   19.782  1.00   2.90  ? 59  TYR A CE2   1 
ATOM   438  C CZ    . TYR A 1 59 ? -9.439  1.057   21.067  1.00   2.73  ? 59  TYR A CZ    1 
ATOM   439  O OH    . TYR A 1 59 ? -10.717 0.640   21.359  1.00   3.04  ? 59  TYR A OH    1 
ATOM   440  N N     . LYS A 1 60 ? -3.176  4.950   20.541  1.00   3.60  ? 60  LYS A N     1 
ATOM   441  C CA    . LYS A 1 60 ? -1.795  5.443   20.508  1.00   3.60  ? 60  LYS A CA    1 
ATOM   442  C C     . LYS A 1 60 ? -0.876  4.716   21.478  1.00   3.72  ? 60  LYS A C     1 
ATOM   443  O O     . LYS A 1 60 ? -1.290  4.169   22.532  1.00   3.83  ? 60  LYS A O     1 
ATOM   444  C CB    . LYS A 1 60 ? -1.752  6.964   20.726  1.00   4.05  ? 60  LYS A CB    1 
ATOM   445  C CG    . LYS A 1 60 ? -2.706  7.725   19.751  1.00   4.90  ? 60  LYS A CG    1 
ATOM   446  C CD    . LYS A 1 60 ? -2.018  9.008   19.358  1.00   5.90  ? 60  LYS A CD    1 
ATOM   447  C CE    . LYS A 1 60 ? -2.925  10.191  19.076  1.00   7.08  ? 60  LYS A CE    1 
ATOM   448  N NZ    . LYS A 1 60 ? -2.086  11.485  19.129  1.00   7.89  ? 60  LYS A NZ    1 
ATOM   449  N N     . ASN A 1 61 ? 0.381   4.696   21.045  1.00   3.46  ? 61  ASN A N     1 
ATOM   450  C CA    . ASN A 1 61 ? 1.451   4.083   21.811  1.00   3.90  ? 61  ASN A CA    1 
ATOM   451  C C     . ASN A 1 61 ? 1.235   2.622   22.126  1.00   3.55  ? 61  ASN A C     1 
ATOM   452  O O     . ASN A 1 61 ? 1.819   2.118   23.093  1.00   3.80  ? 61  ASN A O     1 
ATOM   453  C CB    . ASN A 1 61 ? 1.910   4.956   22.989  1.00   4.51  ? 61  ASN A CB    1 
ATOM   454  C CG    . ASN A 1 61 ? 3.258   5.615   22.743  1.00   5.71  ? 61  ASN A CG    1 
ATOM   455  O OD1   . ASN A 1 61 ? 4.295   4.891   22.603  1.00   6.62  ? 61  ASN A OD1   1 
ATOM   456  N ND2   . ASN A 1 61 ? 3.318   6.938   22.695  1.00   5.51  ? 61  ASN A ND2   1 
ATOM   457  N N     . VAL A 1 62 ? 0.476   1.956   21.308  1.00   3.38  ? 62  VAL A N     1 
ATOM   458  C CA    . VAL A 1 62 ? 0.187   0.512   21.414  1.00   3.27  ? 62  VAL A CA    1 
ATOM   459  C C     . VAL A 1 62 ? 1.514   -0.224  21.255  1.00   3.78  ? 62  VAL A C     1 
ATOM   460  O O     . VAL A 1 62 ? 2.377   0.144   20.463  1.00   4.39  ? 62  VAL A O     1 
ATOM   461  C CB    . VAL A 1 62 ? -0.845  0.144   20.333  1.00   2.46  ? 62  VAL A CB    1 
ATOM   462  C CG1   . VAL A 1 62 ? -0.840  -1.315  19.927  1.00   2.25  ? 62  VAL A CG1   1 
ATOM   463  C CG2   . VAL A 1 62 ? -2.241  0.584   20.736  1.00   2.24  ? 62  VAL A CG2   1 
ATOM   464  N N     . GLU A 1 63 ? 1.673   -1.271  22.013  1.00   5.10  ? 63  GLU A N     1 
ATOM   465  C CA    . GLU A 1 63 ? 2.863   -2.128  22.043  1.00   5.81  ? 63  GLU A CA    1 
ATOM   466  C C     . GLU A 1 63 ? 2.723   -3.183  20.948  1.00   6.44  ? 63  GLU A C     1 
ATOM   467  O O     . GLU A 1 63 ? 1.810   -4.015  20.981  1.00   5.80  ? 63  GLU A O     1 
ATOM   468  C CB    . GLU A 1 63 ? 3.006   -2.849  23.386  1.00   5.99  ? 63  GLU A CB    1 
ATOM   469  N N     . ILE A 1 64 ? 3.681   -3.088  20.026  1.00   7.68  ? 64  ILE A N     1 
ATOM   470  C CA    . ILE A 1 64 ? 3.734   -3.994  18.869  1.00   8.21  ? 64  ILE A CA    1 
ATOM   471  C C     . ILE A 1 64 ? 5.112   -4.641  18.753  1.00   8.58  ? 64  ILE A C     1 
ATOM   472  O O     . ILE A 1 64 ? 6.121   -3.941  18.953  1.00   9.40  ? 64  ILE A O     1 
ATOM   473  C CB    . ILE A 1 64 ? 3.466   -3.116  17.590  1.00   8.52  ? 64  ILE A CB    1 
ATOM   474  C CG1   . ILE A 1 64 ? 2.126   -2.373  17.812  1.00   8.37  ? 64  ILE A CG1   1 
ATOM   475  C CG2   . ILE A 1 64 ? 3.593   -3.891  16.256  1.00   8.13  ? 64  ILE A CG2   1 
ATOM   476  C CD1   . ILE A 1 64 ? 2.087   -1.052  16.959  1.00   9.37  ? 64  ILE A CD1   1 
ATOM   477  N N     . GLU A 1 65 ? 5.071   -5.907  18.420  1.00   8.49  ? 65  GLU A N     1 
ATOM   478  C CA    . GLU A 1 65 ? 6.218   -6.763  18.179  1.00   8.74  ? 65  GLU A CA    1 
ATOM   479  C C     . GLU A 1 65 ? 6.021   -7.446  16.813  1.00   8.78  ? 65  GLU A C     1 
ATOM   480  O O     . GLU A 1 65 ? 5.082   -8.247  16.596  1.00   8.43  ? 65  GLU A O     1 
ATOM   481  C CB    . GLU A 1 65 ? 6.380   -7.835  19.240  1.00   9.56  ? 65  GLU A CB    1 
ATOM   482  C CG    . GLU A 1 65 ? 7.808   -8.363  19.413  1.00   11.04 ? 65  GLU A CG    1 
ATOM   483  C CD    . GLU A 1 65 ? 7.978   -9.643  20.178  1.00   11.52 ? 65  GLU A CD    1 
ATOM   484  O OE1   . GLU A 1 65 ? 7.165   -9.748  21.120  1.00   11.94 ? 65  GLU A OE1   1 
ATOM   485  O OE2   . GLU A 1 65 ? 8.839   -10.478 19.898  1.00   12.24 ? 65  GLU A OE2   1 
ATOM   486  N N     . VAL A 1 66 ? 6.892   -7.090  15.892  1.00   8.29  ? 66  VAL A N     1 
ATOM   487  C CA    . VAL A 1 66 ? 6.850   -7.604  14.515  1.00   8.44  ? 66  VAL A CA    1 
ATOM   488  C C     . VAL A 1 66 ? 8.268   -7.731  13.961  1.00   8.72  ? 66  VAL A C     1 
ATOM   489  O O     . VAL A 1 66 ? 9.154   -6.905  14.246  1.00   8.57  ? 66  VAL A O     1 
ATOM   490  C CB    . VAL A 1 66 ? 5.975   -6.650  13.661  1.00   7.98  ? 66  VAL A CB    1 
ATOM   491  C CG1   . VAL A 1 66 ? 6.731   -5.409  13.246  1.00   7.39  ? 66  VAL A CG1   1 
ATOM   492  C CG2   . VAL A 1 66 ? 5.368   -7.406  12.493  1.00   7.99  ? 66  VAL A CG2   1 
ATOM   493  N N     . LEU A 1 67 ? 8.444   -8.779  13.160  1.00   9.06  ? 67  LEU A N     1 
ATOM   494  C CA    . LEU A 1 67 ? 9.787   -9.003  12.572  1.00   9.13  ? 67  LEU A CA    1 
ATOM   495  C C     . LEU A 1 67 ? 10.846  -8.827  13.658  1.00   9.50  ? 67  LEU A C     1 
ATOM   496  O O     . LEU A 1 67 ? 11.876  -8.149  13.485  1.00   10.01 ? 67  LEU A O     1 
ATOM   497  C CB    . LEU A 1 67 ? 9.906   -8.044  11.388  1.00   8.73  ? 67  LEU A CB    1 
ATOM   498  C CG    . LEU A 1 67 ? 8.979   -8.458  10.234  1.00   8.18  ? 67  LEU A CG    1 
ATOM   499  C CD1   . LEU A 1 67 ? 8.923   -7.389  9.168   1.00   7.81  ? 67  LEU A CD1   1 
ATOM   500  C CD2   . LEU A 1 67 ? 9.566   -9.801  9.787   1.00   8.15  ? 67  LEU A CD2   1 
ATOM   501  N N     . ASN A 1 68 ? 10.545  -9.453  14.777  1.00   9.81  ? 68  ASN A N     1 
ATOM   502  C CA    . ASN A 1 68 ? 11.427  -9.497  15.940  1.00   10.59 ? 68  ASN A CA    1 
ATOM   503  C C     . ASN A 1 68 ? 11.838  -8.159  16.529  1.00   10.41 ? 68  ASN A C     1 
ATOM   504  O O     . ASN A 1 68 ? 12.945  -8.001  17.077  1.00   10.04 ? 68  ASN A O     1 
ATOM   505  C CB    . ASN A 1 68 ? 12.657  -10.290 15.407  1.00   11.43 ? 68  ASN A CB    1 
ATOM   506  C CG    . ASN A 1 68 ? 12.918  -11.467 16.327  1.00   12.23 ? 68  ASN A CG    1 
ATOM   507  O OD1   . ASN A 1 68 ? 13.874  -11.430 17.115  1.00   13.09 ? 68  ASN A OD1   1 
ATOM   508  N ND2   . ASN A 1 68 ? 12.045  -12.470 16.258  1.00   12.79 ? 68  ASN A ND2   1 
ATOM   509  N N     . LYS A 1 69 ? 10.955  -7.197  16.412  1.00   9.88  ? 69  LYS A N     1 
ATOM   510  C CA    . LYS A 1 69 ? 11.155  -5.848  16.900  1.00   9.59  ? 69  LYS A CA    1 
ATOM   511  C C     . LYS A 1 69 ? 10.003  -5.466  17.823  1.00   9.90  ? 69  LYS A C     1 
ATOM   512  O O     . LYS A 1 69 ? 8.820   -5.794  17.665  1.00   10.52 ? 69  LYS A O     1 
ATOM   513  C CB    . LYS A 1 69 ? 11.322  -4.832  15.788  1.00   9.78  ? 69  LYS A CB    1 
ATOM   514  C CG    . LYS A 1 69 ? 12.720  -4.590  15.230  1.00   9.35  ? 69  LYS A CG    1 
ATOM   515  C CD    . LYS A 1 69 ? 12.688  -3.602  14.075  1.00   8.85  ? 69  LYS A CD    1 
ATOM   516  N N     . LYS A 1 70 ? 10.398  -4.738  18.845  1.00   9.91  ? 70  LYS A N     1 
ATOM   517  C CA    . LYS A 1 70 ? 9.422   -4.235  19.845  1.00   9.60  ? 70  LYS A CA    1 
ATOM   518  C C     . LYS A 1 70 ? 9.403   -2.756  19.409  1.00   9.02  ? 70  LYS A C     1 
ATOM   519  O O     . LYS A 1 70 ? 10.487  -2.227  19.211  1.00   8.76  ? 70  LYS A O     1 
ATOM   520  C CB    . LYS A 1 70 ? 9.989   -4.424  21.234  1.00   10.56 ? 70  LYS A CB    1 
ATOM   521  C CG    . LYS A 1 70 ? 10.328  -5.886  21.616  1.00   11.08 ? 70  LYS A CG    1 
ATOM   522  N N     . VAL A 1 71 ? 8.243   -2.221  19.226  1.00   8.46  ? 71  VAL A N     1 
ATOM   523  C CA    . VAL A 1 71 ? 7.969   -0.847  18.779  1.00   7.64  ? 71  VAL A CA    1 
ATOM   524  C C     . VAL A 1 71 ? 6.568   -0.547  19.337  1.00   7.49  ? 71  VAL A C     1 
ATOM   525  O O     . VAL A 1 71 ? 5.781   -1.516  19.466  1.00   7.01  ? 71  VAL A O     1 
ATOM   526  C CB    . VAL A 1 71 ? 7.983   -0.907  17.225  1.00   8.34  ? 71  VAL A CB    1 
ATOM   527  C CG1   . VAL A 1 71 ? 6.955   -0.074  16.468  1.00   8.05  ? 71  VAL A CG1   1 
ATOM   528  C CG2   . VAL A 1 71 ? 9.354   -0.603  16.641  1.00   7.78  ? 71  VAL A CG2   1 
ATOM   529  N N     . ARG A 1 72 ? 6.353   0.716   19.612  1.00   6.77  ? 72  ARG A N     1 
ATOM   530  C CA    . ARG A 1 72 ? 5.047   1.184   20.115  1.00   6.89  ? 72  ARG A CA    1 
ATOM   531  C C     . ARG A 1 72 ? 4.586   2.281   19.161  1.00   6.18  ? 72  ARG A C     1 
ATOM   532  O O     . ARG A 1 72 ? 5.196   3.353   19.104  1.00   6.44  ? 72  ARG A O     1 
ATOM   533  C CB    . ARG A 1 72 ? 5.100   1.685   21.534  1.00   8.40  ? 72  ARG A CB    1 
ATOM   534  C CG    . ARG A 1 72 ? 5.220   0.541   22.571  1.00   10.25 ? 72  ARG A CG    1 
ATOM   535  C CD    . ARG A 1 72 ? 5.452   1.228   23.917  1.00   10.62 ? 72  ARG A CD    1 
ATOM   536  N NE    . ARG A 1 72 ? 6.632   2.025   23.686  1.00   11.79 ? 72  ARG A NE    1 
ATOM   537  C CZ    . ARG A 1 72 ? 6.980   3.172   24.232  1.00   12.28 ? 72  ARG A CZ    1 
ATOM   538  N NH1   . ARG A 1 72 ? 6.222   3.799   25.121  1.00   12.79 ? 72  ARG A NH1   1 
ATOM   539  N NH2   . ARG A 1 72 ? 8.169   3.667   23.853  1.00   12.51 ? 72  ARG A NH2   1 
ATOM   540  N N     . ALA A 1 73 ? 3.544   1.992   18.425  1.00   5.19  ? 73  ALA A N     1 
ATOM   541  C CA    . ALA A 1 73 ? 3.023   2.927   17.413  1.00   4.26  ? 73  ALA A CA    1 
ATOM   542  C C     . ALA A 1 73 ? 1.514   3.031   17.497  1.00   3.87  ? 73  ALA A C     1 
ATOM   543  O O     . ALA A 1 73 ? 0.895   2.187   18.164  1.00   3.73  ? 73  ALA A O     1 
ATOM   544  C CB    . ALA A 1 73 ? 3.486   2.276   16.094  1.00   4.38  ? 73  ALA A CB    1 
ATOM   545  N N     . THR A 1 74 ? 0.934   4.024   16.853  1.00   3.30  ? 74  THR A N     1 
ATOM   546  C CA    . THR A 1 74 ? -0.509  4.245   16.833  1.00   3.46  ? 74  THR A CA    1 
ATOM   547  C C     . THR A 1 74 ? -1.179  3.195   15.926  1.00   3.90  ? 74  THR A C     1 
ATOM   548  O O     . THR A 1 74 ? -0.874  3.073   14.708  1.00   3.98  ? 74  THR A O     1 
ATOM   549  C CB    . THR A 1 74 ? -0.947  5.671   16.308  1.00   3.37  ? 74  THR A CB    1 
ATOM   550  O OG1   . THR A 1 74 ? -0.519  6.710   17.224  1.00   3.35  ? 74  THR A OG1   1 
ATOM   551  C CG2   . THR A 1 74 ? -2.468  5.771   15.984  1.00   3.35  ? 74  THR A CG2   1 
ATOM   552  N N     . ILE A 1 75 ? -2.096  2.480   16.549  1.00   3.96  ? 75  ILE A N     1 
ATOM   553  C CA    . ILE A 1 75 ? -2.910  1.457   15.894  1.00   3.77  ? 75  ILE A CA    1 
ATOM   554  C C     . ILE A 1 75 ? -4.335  2.015   15.810  1.00   4.46  ? 75  ILE A C     1 
ATOM   555  O O     . ILE A 1 75 ? -4.810  2.674   16.744  1.00   3.92  ? 75  ILE A O     1 
ATOM   556  C CB    . ILE A 1 75 ? -2.796  0.060   16.565  1.00   3.44  ? 75  ILE A CB    1 
ATOM   557  C CG1   . ILE A 1 75 ? -1.632  -0.762  15.944  1.00   3.74  ? 75  ILE A CG1   1 
ATOM   558  C CG2   . ILE A 1 75 ? -4.081  -0.789  16.583  1.00   3.42  ? 75  ILE A CG2   1 
ATOM   559  C CD1   . ILE A 1 75 ? -1.752  -1.202  14.457  1.00   3.06  ? 75  ILE A CD1   1 
ATOM   560  N N     . MET A 1 76 ? -4.943  1.775   14.656  1.00   5.33  ? 76  MET A N     1 
ATOM   561  C CA    . MET A 1 76 ? -6.322  2.142   14.326  1.00   5.90  ? 76  MET A CA    1 
ATOM   562  C C     . MET A 1 76 ? -7.168  0.888   14.086  1.00   5.72  ? 76  MET A C     1 
ATOM   563  O O     . MET A 1 76 ? -6.747  0.029   13.309  1.00   5.25  ? 76  MET A O     1 
ATOM   564  C CB    . MET A 1 76 ? -6.422  3.072   13.126  1.00   6.21  ? 76  MET A CB    1 
ATOM   565  C CG    . MET A 1 76 ? -5.814  4.380   13.589  1.00   7.20  ? 76  MET A CG    1 
ATOM   566  S SD    . MET A 1 76 ? -6.386  5.689   12.450  1.00   8.05  ? 76  MET A SD    1 
ATOM   567  C CE    . MET A 1 76 ? -5.104  6.934   12.859  1.00   7.50  ? 76  MET A CE    1 
ATOM   568  N N     . THR A 1 77 ? -8.300  0.819   14.788  1.00   5.81  ? 77  THR A N     1 
ATOM   569  C CA    . THR A 1 77 ? -9.192  -0.351  14.642  1.00   5.70  ? 77  THR A CA    1 
ATOM   570  C C     . THR A 1 77 ? -10.342 -0.008  13.696  1.00   5.45  ? 77  THR A C     1 
ATOM   571  O O     . THR A 1 77 ? -10.842 1.127   13.619  1.00   4.45  ? 77  THR A O     1 
ATOM   572  C CB    . THR A 1 77 ? -9.651  -1.017  15.981  1.00   5.91  ? 77  THR A CB    1 
ATOM   573  O OG1   . THR A 1 77 ? -10.612 -0.130  16.642  1.00   6.47  ? 77  THR A OG1   1 
ATOM   574  C CG2   . THR A 1 77 ? -8.529  -1.420  16.936  1.00   6.34  ? 77  THR A CG2   1 
ATOM   575  N N     . GLY A 1 78 ? -10.756 -1.023  12.935  1.00   5.40  ? 78  GLY A N     1 
ATOM   576  C CA    . GLY A 1 78 ? -11.827 -0.745  11.996  1.00   6.77  ? 78  GLY A CA    1 
ATOM   577  C C     . GLY A 1 78 ? -12.248 -1.851  11.086  1.00   7.49  ? 78  GLY A C     1 
ATOM   578  O O     . GLY A 1 78 ? -12.027 -3.044  11.243  1.00   8.00  ? 78  GLY A O     1 
ATOM   579  N N     . ASP A 1 79 ? -12.940 -1.371  10.072  1.00   8.93  ? 79  ASP A N     1 
ATOM   580  C CA    . ASP A 1 79 ? -13.511 -2.225  9.025   1.00   9.83  ? 79  ASP A CA    1 
ATOM   581  C C     . ASP A 1 79 ? -12.582 -2.301  7.817   1.00   9.65  ? 79  ASP A C     1 
ATOM   582  O O     . ASP A 1 79 ? -13.011 -1.993  6.691   1.00   9.57  ? 79  ASP A O     1 
ATOM   583  C CB    . ASP A 1 79 ? -14.923 -1.741  8.689   1.00   10.91 ? 79  ASP A CB    1 
ATOM   584  C CG    . ASP A 1 79 ? -15.650 -2.795  7.873   1.00   12.05 ? 79  ASP A CG    1 
ATOM   585  O OD1   . ASP A 1 79 ? -16.087 -3.758  8.558   1.00   13.10 ? 79  ASP A OD1   1 
ATOM   586  O OD2   . ASP A 1 79 ? -15.784 -2.715  6.635   1.00   12.80 ? 79  ASP A OD2   1 
ATOM   587  N N     . THR A 1 80 ? -11.325 -2.661  8.067   1.00   9.26  ? 80  THR A N     1 
ATOM   588  C CA    . THR A 1 80 ? -10.427 -2.771  6.876   1.00   8.43  ? 80  THR A CA    1 
ATOM   589  C C     . THR A 1 80 ? -10.676 -4.196  6.359   1.00   8.71  ? 80  THR A C     1 
ATOM   590  O O     . THR A 1 80 ? -10.932 -5.116  7.181   1.00   9.50  ? 80  THR A O     1 
ATOM   591  C CB    . THR A 1 80 ? -8.931  -2.602  7.312   1.00   8.20  ? 80  THR A CB    1 
ATOM   592  O OG1   . THR A 1 80 ? -8.195  -2.998  6.113   1.00   8.03  ? 80  THR A OG1   1 
ATOM   593  C CG2   . THR A 1 80 ? -8.555  -3.415  8.554   1.00   7.83  ? 80  THR A CG2   1 
ATOM   594  N N     . PRO A 1 81 ? -10.672 -4.360  5.043   1.00   8.30  ? 81  PRO A N     1 
ATOM   595  C CA    . PRO A 1 81 ? -10.899 -5.687  4.449   1.00   7.54  ? 81  PRO A CA    1 
ATOM   596  C C     . PRO A 1 81 ? -9.669  -6.567  4.744   1.00   7.18  ? 81  PRO A C     1 
ATOM   597  O O     . PRO A 1 81 ? -9.757  -7.800  4.668   1.00   7.11  ? 81  PRO A O     1 
ATOM   598  C CB    . PRO A 1 81 ? -10.997 -5.417  2.956   1.00   7.70  ? 81  PRO A CB    1 
ATOM   599  C CG    . PRO A 1 81 ? -10.423 -4.059  2.724   1.00   7.75  ? 81  PRO A CG    1 
ATOM   600  C CD    . PRO A 1 81 ? -10.450 -3.322  4.033   1.00   7.95  ? 81  PRO A CD    1 
ATOM   601  N N     . ILE A 1 82 ? -8.576  -5.892  5.058   1.00   6.20  ? 82  ILE A N     1 
ATOM   602  C CA    . ILE A 1 82 ? -7.286  -6.541  5.339   1.00   5.54  ? 82  ILE A CA    1 
ATOM   603  C C     . ILE A 1 82 ? -6.430  -5.710  6.294   1.00   5.16  ? 82  ILE A C     1 
ATOM   604  O O     . ILE A 1 82 ? -6.356  -4.483  6.138   1.00   5.51  ? 82  ILE A O     1 
ATOM   605  C CB    . ILE A 1 82 ? -6.637  -6.728  3.920   1.00   5.60  ? 82  ILE A CB    1 
ATOM   606  C CG1   . ILE A 1 82 ? -5.806  -8.025  3.913   1.00   5.45  ? 82  ILE A CG1   1 
ATOM   607  C CG2   . ILE A 1 82 ? -5.792  -5.474  3.509   1.00   5.77  ? 82  ILE A CG2   1 
ATOM   608  C CD1   . ILE A 1 82 ? -4.909  -8.155  2.654   1.00   5.73  ? 82  ILE A CD1   1 
ATOM   609  N N     . ASN A 1 83 ? -5.797  -6.339  7.264   1.00   4.58  ? 83  ASN A N     1 
ATOM   610  C CA    . ASN A 1 83 ? -4.961  -5.671  8.276   1.00   4.20  ? 83  ASN A CA    1 
ATOM   611  C C     . ASN A 1 83 ? -3.692  -5.181  7.586   1.00   4.21  ? 83  ASN A C     1 
ATOM   612  O O     . ASN A 1 83 ? -3.029  -5.960  6.867   1.00   4.31  ? 83  ASN A O     1 
ATOM   613  C CB    . ASN A 1 83 ? -4.744  -6.541  9.503   1.00   4.33  ? 83  ASN A CB    1 
ATOM   614  C CG    . ASN A 1 83 ? -6.053  -7.051  10.071  1.00   4.72  ? 83  ASN A CG    1 
ATOM   615  O OD1   . ASN A 1 83 ? -7.107  -6.423  9.842   1.00   5.48  ? 83  ASN A OD1   1 
ATOM   616  N ND2   . ASN A 1 83 ? -6.088  -8.169  10.782  1.00   4.71  ? 83  ASN A ND2   1 
ATOM   617  N N     . ILE A 1 84 ? -3.439  -3.900  7.799   1.00   3.50  ? 84  ILE A N     1 
ATOM   618  C CA    . ILE A 1 84 ? -2.298  -3.205  7.203   1.00   3.01  ? 84  ILE A CA    1 
ATOM   619  C C     . ILE A 1 84 ? -1.420  -2.519  8.251   1.00   2.88  ? 84  ILE A C     1 
ATOM   620  O O     . ILE A 1 84 ? -1.907  -2.052  9.284   1.00   3.15  ? 84  ILE A O     1 
ATOM   621  C CB    . ILE A 1 84 ? -2.729  -2.194  6.075   1.00   2.57  ? 84  ILE A CB    1 
ATOM   622  C CG1   . ILE A 1 84 ? -3.715  -1.126  6.586   1.00   2.00  ? 84  ILE A CG1   1 
ATOM   623  C CG2   . ILE A 1 84 ? -3.175  -2.776  4.719   1.00   2.00  ? 84  ILE A CG2   1 
ATOM   624  C CD1   . ILE A 1 84 ? -4.179  -0.211  5.409   1.00   2.00  ? 84  ILE A CD1   1 
ATOM   625  N N     . PHE A 1 85 ? -0.134  -2.494  7.959   1.00   2.37  ? 85  PHE A N     1 
ATOM   626  C CA    . PHE A 1 85 ? 0.879   -1.836  8.802   1.00   2.21  ? 85  PHE A CA    1 
ATOM   627  C C     . PHE A 1 85 ? 1.375   -0.701  7.886   1.00   2.61  ? 85  PHE A C     1 
ATOM   628  O O     . PHE A 1 85 ? 2.201   -0.984  7.022   1.00   3.05  ? 85  PHE A O     1 
ATOM   629  C CB    . PHE A 1 85 ? 1.964   -2.746  9.315   1.00   2.30  ? 85  PHE A CB    1 
ATOM   630  C CG    . PHE A 1 85 ? 1.754   -3.367  10.669  1.00   2.65  ? 85  PHE A CG    1 
ATOM   631  C CD1   . PHE A 1 85 ? 0.499   -3.364  11.301  1.00   2.44  ? 85  PHE A CD1   1 
ATOM   632  C CD2   . PHE A 1 85 ? 2.836   -3.924  11.362  1.00   2.52  ? 85  PHE A CD2   1 
ATOM   633  C CE1   . PHE A 1 85 ? 0.347   -3.935  12.563  1.00   2.06  ? 85  PHE A CE1   1 
ATOM   634  C CE2   . PHE A 1 85 ? 2.701   -4.459  12.641  1.00   2.00  ? 85  PHE A CE2   1 
ATOM   635  C CZ    . PHE A 1 85 ? 1.450   -4.489  13.239  1.00   2.00  ? 85  PHE A CZ    1 
ATOM   636  N N     . GLY A 1 86 ? 0.798   0.477   8.038   1.00   2.45  ? 86  GLY A N     1 
ATOM   637  C CA    . GLY A 1 86 ? 1.101   1.661   7.269   1.00   2.02  ? 86  GLY A CA    1 
ATOM   638  C C     . GLY A 1 86 ? 2.554   2.092   7.424   1.00   2.22  ? 86  GLY A C     1 
ATOM   639  O O     . GLY A 1 86 ? 3.340   1.373   8.057   1.00   2.54  ? 86  GLY A O     1 
ATOM   640  N N     . ARG A 1 87 ? 2.897   3.240   6.867   1.00   2.00  ? 87  ARG A N     1 
ATOM   641  C CA    . ARG A 1 87 ? 4.239   3.776   6.946   1.00   2.00  ? 87  ARG A CA    1 
ATOM   642  C C     . ARG A 1 87 ? 4.594   4.296   8.335   1.00   2.00  ? 87  ARG A C     1 
ATOM   643  O O     . ARG A 1 87 ? 5.778   4.619   8.635   1.00   2.17  ? 87  ARG A O     1 
ATOM   644  C CB    . ARG A 1 87 ? 4.539   4.800   5.864   1.00   2.00  ? 87  ARG A CB    1 
ATOM   645  C CG    . ARG A 1 87 ? 4.548   4.441   4.419   1.00   2.00  ? 87  ARG A CG    1 
ATOM   646  C CD    . ARG A 1 87 ? 4.598   5.616   3.535   1.00   2.28  ? 87  ARG A CD    1 
ATOM   647  N NE    . ARG A 1 87 ? 3.725   6.748   3.660   1.00   2.00  ? 87  ARG A NE    1 
ATOM   648  C CZ    . ARG A 1 87 ? 3.771   7.842   4.425   1.00   2.09  ? 87  ARG A CZ    1 
ATOM   649  N NH1   . ARG A 1 87 ? 4.692   8.123   5.359   1.00   2.00  ? 87  ARG A NH1   1 
ATOM   650  N NH2   . ARG A 1 87 ? 2.864   8.840   4.232   1.00   2.00  ? 87  ARG A NH2   1 
ATOM   651  N N     . ASN A 1 88 ? 3.646   4.394   9.235   1.00   2.00  ? 88  ASN A N     1 
ATOM   652  C CA    . ASN A 1 88 ? 3.952   4.891   10.591  1.00   2.17  ? 88  ASN A CA    1 
ATOM   653  C C     . ASN A 1 88 ? 4.706   3.825   11.393  1.00   2.54  ? 88  ASN A C     1 
ATOM   654  O O     . ASN A 1 88 ? 5.213   4.187   12.472  1.00   4.07  ? 88  ASN A O     1 
ATOM   655  C CB    . ASN A 1 88 ? 2.724   5.374   11.356  1.00   2.00  ? 88  ASN A CB    1 
ATOM   656  C CG    . ASN A 1 88 ? 1.874   4.233   11.872  1.00   2.00  ? 88  ASN A CG    1 
ATOM   657  O OD1   . ASN A 1 88 ? 1.404   3.383   11.114  1.00   2.00  ? 88  ASN A OD1   1 
ATOM   658  N ND2   . ASN A 1 88 ? 1.660   4.169   13.177  1.00   2.00  ? 88  ASN A ND2   1 
ATOM   659  N N     . ILE A 1 89 ? 4.734   2.589   10.960  1.00   2.66  ? 89  ILE A N     1 
ATOM   660  C CA    . ILE A 1 89 ? 5.379   1.478   11.682  1.00   2.08  ? 89  ILE A CA    1 
ATOM   661  C C     . ILE A 1 89 ? 6.587   1.119   10.832  1.00   2.39  ? 89  ILE A C     1 
ATOM   662  O O     . ILE A 1 89 ? 7.612   0.611   11.298  1.00   2.78  ? 89  ILE A O     1 
ATOM   663  C CB    . ILE A 1 89 ? 4.374   0.310   11.901  1.00   2.00  ? 89  ILE A CB    1 
ATOM   664  C CG1   . ILE A 1 89 ? 3.347   0.713   12.976  1.00   2.00  ? 89  ILE A CG1   1 
ATOM   665  C CG2   . ILE A 1 89 ? 5.031   -1.032  12.312  1.00   2.27  ? 89  ILE A CG2   1 
ATOM   666  C CD1   . ILE A 1 89 ? 2.374   -0.448  13.356  1.00   2.10  ? 89  ILE A CD1   1 
ATOM   667  N N     . LEU A 1 90 ? 6.384   1.420   9.548   1.00   2.30  ? 90  LEU A N     1 
ATOM   668  C CA    . LEU A 1 90 ? 7.486   1.173   8.592   1.00   2.16  ? 90  LEU A CA    1 
ATOM   669  C C     . LEU A 1 90 ? 8.605   2.147   8.926   1.00   2.05  ? 90  LEU A C     1 
ATOM   670  O O     . LEU A 1 90 ? 9.730   1.668   8.736   1.00   2.60  ? 90  LEU A O     1 
ATOM   671  C CB    . LEU A 1 90 ? 7.057   0.897   7.183   1.00   2.00  ? 90  LEU A CB    1 
ATOM   672  C CG    . LEU A 1 90 ? 6.631   -0.451  6.642   1.00   2.00  ? 90  LEU A CG    1 
ATOM   673  C CD1   . LEU A 1 90 ? 5.705   -1.214  7.573   1.00   2.00  ? 90  LEU A CD1   1 
ATOM   674  C CD2   . LEU A 1 90 ? 5.845   -0.211  5.341   1.00   2.00  ? 90  LEU A CD2   1 
ATOM   675  N N     . THR A 1 91 ? 8.398   3.356   9.403   1.00   2.17  ? 91  THR A N     1 
ATOM   676  C CA    . THR A 1 91 ? 9.508   4.263   9.749   1.00   2.50  ? 91  THR A CA    1 
ATOM   677  C C     . THR A 1 91 ? 10.244  3.786   11.028  1.00   2.15  ? 91  THR A C     1 
ATOM   678  O O     . THR A 1 91 ? 11.469  3.854   11.150  1.00   2.00  ? 91  THR A O     1 
ATOM   679  C CB    . THR A 1 91 ? 9.061   5.741   10.109  1.00   2.52  ? 91  THR A CB    1 
ATOM   680  O OG1   . THR A 1 91 ? 8.355   5.595   11.382  1.00   3.62  ? 91  THR A OG1   1 
ATOM   681  C CG2   . THR A 1 91 ? 8.132   6.460   9.166   1.00   3.12  ? 91  THR A CG2   1 
ATOM   682  N N     . ALA A 1 92 ? 9.417   3.363   11.972  1.00   2.06  ? 92  ALA A N     1 
ATOM   683  C CA    . ALA A 1 92 ? 9.695   2.852   13.307  1.00   2.00  ? 92  ALA A CA    1 
ATOM   684  C C     . ALA A 1 92 ? 10.563  1.600   13.329  1.00   2.00  ? 92  ALA A C     1 
ATOM   685  O O     . ALA A 1 92 ? 11.573  1.462   14.049  1.00   2.00  ? 92  ALA A O     1 
ATOM   686  C CB    . ALA A 1 92 ? 8.328   2.656   13.954  1.00   2.00  ? 92  ALA A CB    1 
ATOM   687  N N     . LEU A 1 93 ? 10.193  0.645   12.499  1.00   2.00  ? 93  LEU A N     1 
ATOM   688  C CA    . LEU A 1 93 ? 10.808  -0.655  12.261  1.00   2.00  ? 93  LEU A CA    1 
ATOM   689  C C     . LEU A 1 93 ? 12.138  -0.498  11.521  1.00   2.09  ? 93  LEU A C     1 
ATOM   690  O O     . LEU A 1 93 ? 12.921  -1.436  11.465  1.00   2.15  ? 93  LEU A O     1 
ATOM   691  C CB    . LEU A 1 93 ? 9.869   -1.439  11.332  1.00   2.00  ? 93  LEU A CB    1 
ATOM   692  C CG    . LEU A 1 93 ? 8.986   -2.411  12.071  1.00   2.00  ? 93  LEU A CG    1 
ATOM   693  C CD1   . LEU A 1 93 ? 7.782   -2.836  11.264  1.00   2.00  ? 93  LEU A CD1   1 
ATOM   694  C CD2   . LEU A 1 93 ? 9.887   -3.596  12.400  1.00   2.00  ? 93  LEU A CD2   1 
ATOM   695  N N     . GLY A 1 94 ? 12.266  0.690   10.989  1.00   3.10  ? 94  GLY A N     1 
ATOM   696  C CA    . GLY A 1 94 ? 13.377  1.191   10.204  1.00   4.24  ? 94  GLY A CA    1 
ATOM   697  C C     . GLY A 1 94 ? 13.402  0.601   8.787   1.00   4.69  ? 94  GLY A C     1 
ATOM   698  O O     . GLY A 1 94 ? 14.524  0.379   8.302   1.00   5.34  ? 94  GLY A O     1 
ATOM   699  N N     . MET A 1 95 ? 12.255  0.337   8.186   1.00   5.00  ? 95  MET A N     1 
ATOM   700  C CA    . MET A 1 95 ? 12.159  -0.207  6.853   1.00   5.83  ? 95  MET A CA    1 
ATOM   701  C C     . MET A 1 95 ? 12.318  0.877   5.774   1.00   5.65  ? 95  MET A C     1 
ATOM   702  O O     . MET A 1 95 ? 11.985  2.051   5.951   1.00   5.43  ? 95  MET A O     1 
ATOM   703  C CB    . MET A 1 95 ? 10.882  -0.977  6.572   1.00   7.14  ? 95  MET A CB    1 
ATOM   704  C CG    . MET A 1 95 ? 10.621  -2.095  7.557   1.00   8.56  ? 95  MET A CG    1 
ATOM   705  S SD    . MET A 1 95 ? 9.473   -3.273  6.692   1.00   10.04 ? 95  MET A SD    1 
ATOM   706  C CE    . MET A 1 95 ? 10.746  -4.179  5.753   1.00   8.78  ? 95  MET A CE    1 
ATOM   707  N N     . SER A 1 96 ? 12.801  0.392   4.650   1.00   5.46  ? 96  SER A N     1 
ATOM   708  C CA    . SER A 1 96 ? 12.986  1.211   3.452   1.00   5.82  ? 96  SER A CA    1 
ATOM   709  C C     . SER A 1 96 ? 12.623  0.344   2.247   1.00   6.06  ? 96  SER A C     1 
ATOM   710  O O     . SER A 1 96 ? 12.577  -0.897  2.321   1.00   6.57  ? 96  SER A O     1 
ATOM   711  C CB    . SER A 1 96 ? 14.282  1.943   3.375   1.00   5.91  ? 96  SER A CB    1 
ATOM   712  O OG    . SER A 1 96 ? 15.414  1.191   3.033   1.00   6.49  ? 96  SER A OG    1 
ATOM   713  N N     . LEU A 1 97 ? 12.300  0.997   1.170   1.00   6.01  ? 97  LEU A N     1 
ATOM   714  C CA    . LEU A 1 97 ? 11.914  0.424   -0.144  1.00   5.97  ? 97  LEU A CA    1 
ATOM   715  C C     . LEU A 1 97 ? 13.124  0.709   -1.042  1.00   6.54  ? 97  LEU A C     1 
ATOM   716  O O     . LEU A 1 97 ? 13.521  1.872   -1.281  1.00   7.26  ? 97  LEU A O     1 
ATOM   717  C CB    . LEU A 1 97 ? 10.606  1.170   -0.402  1.00   5.10  ? 97  LEU A CB    1 
ATOM   718  C CG    . LEU A 1 97 ? 9.553   0.748   -1.376  1.00   5.14  ? 97  LEU A CG    1 
ATOM   719  C CD1   . LEU A 1 97 ? 9.679   1.429   -2.731  1.00   4.75  ? 97  LEU A CD1   1 
ATOM   720  C CD2   . LEU A 1 97 ? 9.580   -0.781  -1.563  1.00   4.74  ? 97  LEU A CD2   1 
ATOM   721  N N     . ASN A 1 98 ? 13.818  -0.312  -1.502  1.00   7.31  ? 98  ASN A N     1 
ATOM   722  C CA    . ASN A 1 98 ? 15.025  -0.209  -2.356  1.00   7.29  ? 98  ASN A CA    1 
ATOM   723  C C     . ASN A 1 98 ? 14.853  -0.818  -3.747  1.00   7.12  ? 98  ASN A C     1 
ATOM   724  O O     . ASN A 1 98 ? 14.010  -1.686  -4.058  1.00   6.40  ? 98  ASN A O     1 
ATOM   725  C CB    . ASN A 1 98 ? 16.248  -0.694  -1.555  1.00   7.67  ? 98  ASN A CB    1 
ATOM   726  C CG    . ASN A 1 98 ? 16.457  0.149   -0.307  1.00   8.24  ? 98  ASN A CG    1 
ATOM   727  O OD1   . ASN A 1 98 ? 17.534  0.345   0.292   1.00   8.67  ? 98  ASN A OD1   1 
ATOM   728  N ND2   . ASN A 1 98 ? 15.357  0.753   0.162   1.00   8.61  ? 98  ASN A ND2   1 
ATOM   729  N N     . LEU A 1 99 ? 15.668  -0.306  -4.649  1.00   7.13  ? 99  LEU A N     1 
ATOM   730  C CA    . LEU A 1 99 ? 15.729  -0.688  -6.053  1.00   7.95  ? 99  LEU A CA    1 
ATOM   731  C C     . LEU A 1 99 ? 17.209  -0.694  -6.537  1.00   8.30  ? 99  LEU A C     1 
ATOM   732  O O     . LEU A 1 99 ? 17.529  0.521   -6.753  1.00   9.44  ? 99  LEU A O     1 
ATOM   733  C CB    . LEU A 1 99 ? 14.997  0.327   -6.951  1.00   7.71  ? 99  LEU A CB    1 
ATOM   734  C CG    . LEU A 1 99 ? 15.223  0.182   -8.461  1.00   7.25  ? 99  LEU A CG    1 
ATOM   735  C CD1   . LEU A 1 99 ? 14.542  -1.057  -9.032  1.00   6.54  ? 99  LEU A CD1   1 
ATOM   736  C CD2   . LEU A 1 99 ? 14.657  1.442   -9.105  1.00   7.35  ? 99  LEU A CD2   1 
ATOM   737  N N     . PRO B 1 1  ? 18.528  3.516   -6.296  1.00   19.41 ? 1   PRO B N     1 
ATOM   738  C CA    . PRO B 1 1  ? 17.693  4.323   -5.385  1.00   19.18 ? 1   PRO B CA    1 
ATOM   739  C C     . PRO B 1 1  ? 17.710  3.674   -4.008  1.00   18.75 ? 1   PRO B C     1 
ATOM   740  O O     . PRO B 1 1  ? 18.591  2.816   -3.785  1.00   20.00 ? 1   PRO B O     1 
ATOM   741  C CB    . PRO B 1 1  ? 16.320  4.326   -6.059  1.00   19.28 ? 1   PRO B CB    1 
ATOM   742  C CG    . PRO B 1 1  ? 16.695  4.295   -7.533  1.00   19.58 ? 1   PRO B CG    1 
ATOM   743  C CD    . PRO B 1 1  ? 17.859  3.294   -7.601  1.00   19.45 ? 1   PRO B CD    1 
ATOM   744  N N     . GLN B 1 2  ? 16.834  4.091   -3.143  1.00   17.59 ? 2   GLN B N     1 
ATOM   745  C CA    . GLN B 1 2  ? 16.570  3.731   -1.768  1.00   16.03 ? 2   GLN B CA    1 
ATOM   746  C C     . GLN B 1 2  ? 15.534  4.732   -1.200  1.00   15.26 ? 2   GLN B C     1 
ATOM   747  O O     . GLN B 1 2  ? 15.727  5.948   -1.307  1.00   14.63 ? 2   GLN B O     1 
ATOM   748  C CB    . GLN B 1 2  ? 17.717  3.636   -0.783  1.00   15.82 ? 2   GLN B CB    1 
ATOM   749  C CG    . GLN B 1 2  ? 17.134  3.310   0.579   1.00   16.41 ? 2   GLN B CG    1 
ATOM   750  C CD    . GLN B 1 2  ? 18.205  3.036   1.607   1.00   16.99 ? 2   GLN B CD    1 
ATOM   751  O OE1   . GLN B 1 2  ? 19.259  2.507   1.248   1.00   17.20 ? 2   GLN B OE1   1 
ATOM   752  N NE2   . GLN B 1 2  ? 17.919  3.398   2.857   1.00   16.65 ? 2   GLN B NE2   1 
ATOM   753  N N     . PHE B 1 3  ? 14.482  4.175   -0.634  1.00   14.09 ? 3   PHE B N     1 
ATOM   754  C CA    . PHE B 1 3  ? 13.377  4.996   -0.140  1.00   13.71 ? 3   PHE B CA    1 
ATOM   755  C C     . PHE B 1 3  ? 13.081  4.887   1.333   1.00   13.77 ? 3   PHE B C     1 
ATOM   756  O O     . PHE B 1 3  ? 12.713  3.823   1.857   1.00   14.10 ? 3   PHE B O     1 
ATOM   757  C CB    . PHE B 1 3  ? 12.143  4.673   -0.999  1.00   13.81 ? 3   PHE B CB    1 
ATOM   758  C CG    . PHE B 1 3  ? 12.287  4.921   -2.473  1.00   14.15 ? 3   PHE B CG    1 
ATOM   759  C CD1   . PHE B 1 3  ? 13.240  4.231   -3.228  1.00   14.16 ? 3   PHE B CD1   1 
ATOM   760  C CD2   . PHE B 1 3  ? 11.465  5.851   -3.120  1.00   14.18 ? 3   PHE B CD2   1 
ATOM   761  C CE1   . PHE B 1 3  ? 13.423  4.458   -4.574  1.00   13.91 ? 3   PHE B CE1   1 
ATOM   762  C CE2   . PHE B 1 3  ? 11.612  6.107   -4.487  1.00   13.94 ? 3   PHE B CE2   1 
ATOM   763  C CZ    . PHE B 1 3  ? 12.599  5.398   -5.188  1.00   14.22 ? 3   PHE B CZ    1 
ATOM   764  N N     . SER B 1 4  ? 13.216  6.002   2.041   1.00   13.63 ? 4   SER B N     1 
ATOM   765  C CA    . SER B 1 4  ? 12.880  5.980   3.500   1.00   13.13 ? 4   SER B CA    1 
ATOM   766  C C     . SER B 1 4  ? 11.370  6.261   3.487   1.00   13.05 ? 4   SER B C     1 
ATOM   767  O O     . SER B 1 4  ? 10.968  7.067   2.604   1.00   13.82 ? 4   SER B O     1 
ATOM   768  C CB    . SER B 1 4  ? 13.736  6.945   4.269   1.00   12.79 ? 4   SER B CB    1 
ATOM   769  O OG    . SER B 1 4  ? 15.101  6.571   4.156   1.00   11.78 ? 4   SER B OG    1 
ATOM   770  N N     . LEU B 1 5  ? 10.586  5.626   4.323   1.00   11.84 ? 5   LEU B N     1 
ATOM   771  C CA    . LEU B 1 5  ? 9.153   5.895   4.274   1.00   11.39 ? 5   LEU B CA    1 
ATOM   772  C C     . LEU B 1 5  ? 8.697   6.949   5.263   1.00   11.19 ? 5   LEU B C     1 
ATOM   773  O O     . LEU B 1 5  ? 7.706   6.661   5.975   1.00   11.55 ? 5   LEU B O     1 
ATOM   774  C CB    . LEU B 1 5  ? 8.430   4.548   4.401   1.00   11.70 ? 5   LEU B CB    1 
ATOM   775  C CG    . LEU B 1 5  ? 8.743   3.448   3.409   1.00   11.42 ? 5   LEU B CG    1 
ATOM   776  C CD1   . LEU B 1 5  ? 9.327   4.029   2.133   1.00   11.55 ? 5   LEU B CD1   1 
ATOM   777  C CD2   . LEU B 1 5  ? 9.665   2.422   4.029   1.00   11.48 ? 5   LEU B CD2   1 
ATOM   778  N N     . TRP B 1 6  ? 9.326   8.101   5.367   1.00   10.52 ? 6   TRP B N     1 
ATOM   779  C CA    . TRP B 1 6  ? 8.876   9.151   6.313   1.00   9.33  ? 6   TRP B CA    1 
ATOM   780  C C     . TRP B 1 6  ? 7.817   9.967   5.548   1.00   8.89  ? 6   TRP B C     1 
ATOM   781  O O     . TRP B 1 6  ? 6.979   10.611  6.146   1.00   8.48  ? 6   TRP B O     1 
ATOM   782  C CB    . TRP B 1 6  ? 9.953   10.097  6.828   1.00   9.62  ? 6   TRP B CB    1 
ATOM   783  C CG    . TRP B 1 6  ? 11.102  9.522   7.579   1.00   9.23  ? 6   TRP B CG    1 
ATOM   784  C CD1   . TRP B 1 6  ? 12.364  9.265   7.128   1.00   8.92  ? 6   TRP B CD1   1 
ATOM   785  C CD2   . TRP B 1 6  ? 11.084  9.106   8.955   1.00   9.08  ? 6   TRP B CD2   1 
ATOM   786  N NE1   . TRP B 1 6  ? 13.121  8.712   8.126   1.00   8.71  ? 6   TRP B NE1   1 
ATOM   787  C CE2   . TRP B 1 6  ? 12.364  8.603   9.254   1.00   8.86  ? 6   TRP B CE2   1 
ATOM   788  C CE3   . TRP B 1 6  ? 10.097  9.111   9.943   1.00   9.14  ? 6   TRP B CE3   1 
ATOM   789  C CZ2   . TRP B 1 6  ? 12.685  8.113   10.518  1.00   9.01  ? 6   TRP B CZ2   1 
ATOM   790  C CZ3   . TRP B 1 6  ? 10.419  8.624   11.189  1.00   8.77  ? 6   TRP B CZ3   1 
ATOM   791  C CH2   . TRP B 1 6  ? 11.689  8.125   11.476  1.00   8.86  ? 6   TRP B CH2   1 
ATOM   792  N N     . LYS B 1 7  ? 7.939   9.917   4.248   1.00   8.53  ? 7   LYS B N     1 
ATOM   793  C CA    . LYS B 1 7  ? 7.095   10.597  3.241   1.00   8.16  ? 7   LYS B CA    1 
ATOM   794  C C     . LYS B 1 7  ? 6.663   9.523   2.246   1.00   7.73  ? 7   LYS B C     1 
ATOM   795  O O     . LYS B 1 7  ? 7.503   8.631   2.042   1.00   8.18  ? 7   LYS B O     1 
ATOM   796  C CB    . LYS B 1 7  ? 8.003   11.611  2.523   1.00   8.40  ? 7   LYS B CB    1 
ATOM   797  C CG    . LYS B 1 7  ? 8.283   12.847  3.394   1.00   8.32  ? 7   LYS B CG    1 
ATOM   798  C CD    . LYS B 1 7  ? 7.524   14.069  2.932   1.00   8.23  ? 7   LYS B CD    1 
ATOM   799  C CE    . LYS B 1 7  ? 7.268   15.062  4.036   1.00   8.41  ? 7   LYS B CE    1 
ATOM   800  N NZ    . LYS B 1 7  ? 6.219   14.467  4.935   1.00   8.87  ? 7   LYS B NZ    1 
ATOM   801  N N     . ARG B 1 8  ? 5.491   9.565   1.677   1.00   7.23  ? 8   ARG B N     1 
ATOM   802  C CA    . ARG B 1 8  ? 5.002   8.547   0.745   1.00   7.10  ? 8   ARG B CA    1 
ATOM   803  C C     . ARG B 1 8  ? 5.887   8.463   -0.502  1.00   6.64  ? 8   ARG B C     1 
ATOM   804  O O     . ARG B 1 8  ? 6.251   9.515   -1.047  1.00   6.50  ? 8   ARG B O     1 
ATOM   805  C CB    . ARG B 1 8  ? 3.600   8.862   0.230   1.00   8.16  ? 8   ARG B CB    1 
ATOM   806  C CG    . ARG B 1 8  ? 2.443   8.877   1.188   1.00   9.22  ? 8   ARG B CG    1 
ATOM   807  C CD    . ARG B 1 8  ? 1.217   9.510   0.580   1.00   10.12 ? 8   ARG B CD    1 
ATOM   808  N NE    . ARG B 1 8  ? 0.329   9.879   1.681   1.00   10.84 ? 8   ARG B NE    1 
ATOM   809  C CZ    . ARG B 1 8  ? -0.620  10.796  1.703   1.00   11.11 ? 8   ARG B CZ    1 
ATOM   810  N NH1   . ARG B 1 8  ? -0.912  11.556  0.648   1.00   11.98 ? 8   ARG B NH1   1 
ATOM   811  N NH2   . ARG B 1 8  ? -1.315  10.971  2.832   1.00   10.86 ? 8   ARG B NH2   1 
ATOM   812  N N     . PRO B 1 9  ? 6.154   7.239   -0.908  1.00   5.69  ? 9   PRO B N     1 
ATOM   813  C CA    . PRO B 1 9  ? 6.996   6.988   -2.085  1.00   5.47  ? 9   PRO B CA    1 
ATOM   814  C C     . PRO B 1 9  ? 6.227   7.459   -3.316  1.00   5.20  ? 9   PRO B C     1 
ATOM   815  O O     . PRO B 1 9  ? 5.292   6.807   -3.818  1.00   4.76  ? 9   PRO B O     1 
ATOM   816  C CB    . PRO B 1 9  ? 7.376   5.510   -1.994  1.00   4.92  ? 9   PRO B CB    1 
ATOM   817  C CG    . PRO B 1 9  ? 7.053   5.137   -0.574  1.00   4.89  ? 9   PRO B CG    1 
ATOM   818  C CD    . PRO B 1 9  ? 5.779   5.965   -0.281  1.00   5.48  ? 9   PRO B CD    1 
ATOM   819  N N     . VAL B 1 10 ? 6.670   8.639   -3.752  1.00   5.24  ? 10  VAL B N     1 
ATOM   820  C CA    . VAL B 1 10 ? 6.080   9.310   -4.930  1.00   5.73  ? 10  VAL B CA    1 
ATOM   821  C C     . VAL B 1 10 ? 7.160   9.461   -6.003  1.00   6.14  ? 10  VAL B C     1 
ATOM   822  O O     . VAL B 1 10 ? 8.258   9.994   -5.777  1.00   5.99  ? 10  VAL B O     1 
ATOM   823  C CB    . VAL B 1 10 ? 5.192   10.505  -4.621  1.00   5.17  ? 10  VAL B CB    1 
ATOM   824  C CG1   . VAL B 1 10 ? 4.896   11.320  -5.886  1.00   5.63  ? 10  VAL B CG1   1 
ATOM   825  C CG2   . VAL B 1 10 ? 3.834   10.128  -4.016  1.00   4.74  ? 10  VAL B CG2   1 
ATOM   826  N N     . VAL B 1 11 ? 6.831   8.918   -7.171  1.00   6.35  ? 11  VAL B N     1 
ATOM   827  C CA    . VAL B 1 11 ? 7.766   8.925   -8.286  1.00   7.43  ? 11  VAL B CA    1 
ATOM   828  C C     . VAL B 1 11 ? 7.028   9.354   -9.554  1.00   8.31  ? 11  VAL B C     1 
ATOM   829  O O     . VAL B 1 11 ? 5.798   9.424   -9.592  1.00   8.95  ? 11  VAL B O     1 
ATOM   830  C CB    . VAL B 1 11 ? 8.503   7.576   -8.469  1.00   7.19  ? 11  VAL B CB    1 
ATOM   831  C CG1   . VAL B 1 11 ? 7.605   6.476   -9.041  1.00   7.10  ? 11  VAL B CG1   1 
ATOM   832  C CG2   . VAL B 1 11 ? 9.703   7.737   -9.405  1.00   7.02  ? 11  VAL B CG2   1 
ATOM   833  N N     . THR B 1 12 ? 7.857   9.624   -10.552 1.00   8.96  ? 12  THR B N     1 
ATOM   834  C CA    . THR B 1 12 ? 7.349   10.054  -11.863 1.00   9.26  ? 12  THR B CA    1 
ATOM   835  C C     . THR B 1 12 ? 7.660   8.955   -12.867 1.00   9.07  ? 12  THR B C     1 
ATOM   836  O O     . THR B 1 12 ? 8.847   8.601   -13.027 1.00   10.24 ? 12  THR B O     1 
ATOM   837  C CB    . THR B 1 12 ? 8.016   11.454  -12.206 1.00   9.55  ? 12  THR B CB    1 
ATOM   838  O OG1   . THR B 1 12 ? 7.428   12.402  -11.239 1.00   9.32  ? 12  THR B OG1   1 
ATOM   839  C CG2   . THR B 1 12 ? 7.810   11.841  -13.682 1.00   9.61  ? 12  THR B CG2   1 
ATOM   840  N N     . ALA B 1 13 ? 6.652   8.428   -13.499 1.00   8.46  ? 13  ALA B N     1 
ATOM   841  C CA    . ALA B 1 13 ? 6.716   7.372   -14.501 1.00   7.54  ? 13  ALA B CA    1 
ATOM   842  C C     . ALA B 1 13 ? 6.009   7.909   -15.750 1.00   7.65  ? 13  ALA B C     1 
ATOM   843  O O     . ALA B 1 13 ? 5.270   8.892   -15.643 1.00   7.56  ? 13  ALA B O     1 
ATOM   844  C CB    . ALA B 1 13 ? 5.846   6.194   -14.041 1.00   7.56  ? 13  ALA B CB    1 
ATOM   845  N N     . TYR B 1 14 ? 6.236   7.206   -16.824 1.00   7.85  ? 14  TYR B N     1 
ATOM   846  C CA    . TYR B 1 14 ? 5.684   7.491   -18.150 1.00   7.82  ? 14  TYR B CA    1 
ATOM   847  C C     . TYR B 1 14 ? 4.843   6.313   -18.644 1.00   8.48  ? 14  TYR B C     1 
ATOM   848  O O     . TYR B 1 14 ? 5.383   5.211   -18.838 1.00   8.16  ? 14  TYR B O     1 
ATOM   849  C CB    . TYR B 1 14 ? 6.873   7.678   -19.114 1.00   7.75  ? 14  TYR B CB    1 
ATOM   850  C CG    . TYR B 1 14 ? 7.530   9.034   -19.025 1.00   8.00  ? 14  TYR B CG    1 
ATOM   851  C CD1   . TYR B 1 14 ? 7.039   10.066  -19.838 1.00   8.42  ? 14  TYR B CD1   1 
ATOM   852  C CD2   . TYR B 1 14 ? 8.595   9.317   -18.173 1.00   7.34  ? 14  TYR B CD2   1 
ATOM   853  C CE1   . TYR B 1 14 ? 7.579   11.349  -19.813 1.00   8.27  ? 14  TYR B CE1   1 
ATOM   854  C CE2   . TYR B 1 14 ? 9.127   10.581  -18.144 1.00   7.61  ? 14  TYR B CE2   1 
ATOM   855  C CZ    . TYR B 1 14 ? 8.630   11.599  -18.951 1.00   8.12  ? 14  TYR B CZ    1 
ATOM   856  O OH    . TYR B 1 14 ? 9.157   12.873  -18.944 1.00   8.72  ? 14  TYR B OH    1 
ATOM   857  N N     . ILE B 1 15 ? 3.553   6.565   -18.858 1.00   9.51  ? 15  ILE B N     1 
ATOM   858  C CA    . ILE B 1 15 ? 2.675   5.489   -19.347 1.00   10.50 ? 15  ILE B CA    1 
ATOM   859  C C     . ILE B 1 15 ? 2.492   5.669   -20.838 1.00   11.32 ? 15  ILE B C     1 
ATOM   860  O O     . ILE B 1 15 ? 1.397   5.848   -21.371 1.00   12.25 ? 15  ILE B O     1 
ATOM   861  C CB    . ILE B 1 15 ? 1.415   5.244   -18.483 1.00   10.38 ? 15  ILE B CB    1 
ATOM   862  C CG1   . ILE B 1 15 ? 1.907   4.735   -17.079 1.00   10.25 ? 15  ILE B CG1   1 
ATOM   863  C CG2   . ILE B 1 15 ? 0.416   4.239   -19.103 1.00   9.86  ? 15  ILE B CG2   1 
ATOM   864  C CD1   . ILE B 1 15 ? 0.834   4.781   -15.969 1.00   9.97  ? 15  ILE B CD1   1 
ATOM   865  N N     . GLU B 1 16 ? 3.643   5.581   -21.499 1.00   12.16 ? 16  GLU B N     1 
ATOM   866  C CA    . GLU B 1 16 ? 3.733   5.695   -22.964 1.00   12.29 ? 16  GLU B CA    1 
ATOM   867  C C     . GLU B 1 16 ? 3.757   7.166   -23.321 1.00   12.85 ? 16  GLU B C     1 
ATOM   868  O O     . GLU B 1 16 ? 2.800   7.646   -23.957 1.00   12.98 ? 16  GLU B O     1 
ATOM   869  C CB    . GLU B 1 16 ? 2.484   5.025   -23.590 1.00   12.23 ? 16  GLU B CB    1 
ATOM   870  C CG    . GLU B 1 16 ? 2.600   3.525   -23.411 1.00   12.20 ? 16  GLU B CG    1 
ATOM   871  C CD    . GLU B 1 16 ? 1.716   2.508   -24.018 1.00   12.49 ? 16  GLU B CD    1 
ATOM   872  O OE1   . GLU B 1 16 ? 0.543   2.932   -24.169 1.00   12.17 ? 16  GLU B OE1   1 
ATOM   873  O OE2   . GLU B 1 16 ? 2.142   1.368   -24.288 1.00   12.07 ? 16  GLU B OE2   1 
ATOM   874  N N     . GLY B 1 17 ? 4.858   7.754   -22.855 1.00   12.79 ? 17  GLY B N     1 
ATOM   875  C CA    . GLY B 1 17 ? 5.194   9.158   -23.016 1.00   12.85 ? 17  GLY B CA    1 
ATOM   876  C C     . GLY B 1 17 ? 4.440   10.110  -22.102 1.00   12.82 ? 17  GLY B C     1 
ATOM   877  O O     . GLY B 1 17 ? 4.798   11.278  -21.875 1.00   13.01 ? 17  GLY B O     1 
ATOM   878  N N     . GLN B 1 18 ? 3.359   9.591   -21.571 1.00   12.85 ? 18  GLN B N     1 
ATOM   879  C CA    . GLN B 1 18 ? 2.457   10.326  -20.671 1.00   12.66 ? 18  GLN B CA    1 
ATOM   880  C C     . GLN B 1 18 ? 3.111   10.309  -19.303 1.00   12.51 ? 18  GLN B C     1 
ATOM   881  O O     . GLN B 1 18 ? 3.210   9.230   -18.681 1.00   13.40 ? 18  GLN B O     1 
ATOM   882  C CB    . GLN B 1 18 ? 1.084   9.639   -20.673 1.00   12.97 ? 18  GLN B CB    1 
ATOM   883  C CG    . GLN B 1 18 ? 0.323   9.704   -21.975 1.00   13.68 ? 18  GLN B CG    1 
ATOM   884  C CD    . GLN B 1 18 ? -0.776  8.695   -22.152 1.00   14.32 ? 18  GLN B CD    1 
ATOM   885  O OE1   . GLN B 1 18 ? -1.986  8.940   -22.206 1.00   14.79 ? 18  GLN B OE1   1 
ATOM   886  N NE2   . GLN B 1 18 ? -0.449  7.405   -22.270 1.00   14.95 ? 18  GLN B NE2   1 
ATOM   887  N N     . PRO B 1 19 ? 3.567   11.458  -18.864 1.00   12.08 ? 19  PRO B N     1 
ATOM   888  C CA    . PRO B 1 19 ? 4.209   11.544  -17.531 1.00   11.46 ? 19  PRO B CA    1 
ATOM   889  C C     . PRO B 1 19 ? 3.109   11.467  -16.474 1.00   11.03 ? 19  PRO B C     1 
ATOM   890  O O     . PRO B 1 19 ? 2.082   12.124  -16.684 1.00   10.79 ? 19  PRO B O     1 
ATOM   891  C CB    . PRO B 1 19 ? 4.888   12.908  -17.558 1.00   11.37 ? 19  PRO B CB    1 
ATOM   892  C CG    . PRO B 1 19 ? 4.747   13.442  -18.955 1.00   11.67 ? 19  PRO B CG    1 
ATOM   893  C CD    . PRO B 1 19 ? 3.516   12.753  -19.540 1.00   11.67 ? 19  PRO B CD    1 
ATOM   894  N N     . VAL B 1 20 ? 3.290   10.723  -15.398 1.00   10.90 ? 20  VAL B N     1 
ATOM   895  C CA    . VAL B 1 20 ? 2.348   10.611  -14.287 1.00   10.83 ? 20  VAL B CA    1 
ATOM   896  C C     . VAL B 1 20 ? 3.096   10.524  -12.941 1.00   11.25 ? 20  VAL B C     1 
ATOM   897  O O     . VAL B 1 20 ? 4.229   10.006  -12.915 1.00   11.66 ? 20  VAL B O     1 
ATOM   898  C CB    . VAL B 1 20 ? 1.270   9.533   -14.413 1.00   10.37 ? 20  VAL B CB    1 
ATOM   899  C CG1   . VAL B 1 20 ? 0.377   9.613   -15.632 1.00   10.20 ? 20  VAL B CG1   1 
ATOM   900  C CG2   . VAL B 1 20 ? 1.783   8.131   -14.186 1.00   10.18 ? 20  VAL B CG2   1 
ATOM   901  N N     . GLU B 1 21 ? 2.493   11.001  -11.849 1.00   11.13 ? 21  GLU B N     1 
ATOM   902  C CA    . GLU B 1 21 ? 3.161   10.894  -10.542 1.00   11.17 ? 21  GLU B CA    1 
ATOM   903  C C     . GLU B 1 21 ? 2.565   9.716   -9.782  1.00   10.69 ? 21  GLU B C     1 
ATOM   904  O O     . GLU B 1 21 ? 1.437   9.817   -9.259  1.00   11.15 ? 21  GLU B O     1 
ATOM   905  C CB    . GLU B 1 21 ? 3.057   12.160  -9.736  1.00   12.56 ? 21  GLU B CB    1 
ATOM   906  C CG    . GLU B 1 21 ? 4.143   13.230  -9.811  1.00   14.76 ? 21  GLU B CG    1 
ATOM   907  C CD    . GLU B 1 21 ? 4.199   14.138  -8.615  1.00   16.20 ? 21  GLU B CD    1 
ATOM   908  O OE1   . GLU B 1 21 ? 3.954   13.533  -7.524  1.00   17.42 ? 21  GLU B OE1   1 
ATOM   909  O OE2   . GLU B 1 21 ? 4.465   15.341  -8.604  1.00   17.29 ? 21  GLU B OE2   1 
ATOM   910  N N     . VAL B 1 22 ? 3.256   8.590   -9.678  1.00   9.42  ? 22  VAL B N     1 
ATOM   911  C CA    . VAL B 1 22 ? 2.804   7.375   -9.018  1.00   7.39  ? 22  VAL B CA    1 
ATOM   912  C C     . VAL B 1 22 ? 3.454   7.003   -7.691  1.00   7.43  ? 22  VAL B C     1 
ATOM   913  O O     . VAL B 1 22 ? 4.665   7.115   -7.434  1.00   6.97  ? 22  VAL B O     1 
ATOM   914  C CB    . VAL B 1 22 ? 3.058   6.225   -10.041 1.00   7.03  ? 22  VAL B CB    1 
ATOM   915  C CG1   . VAL B 1 22 ? 2.398   6.458   -11.375 1.00   6.63  ? 22  VAL B CG1   1 
ATOM   916  C CG2   . VAL B 1 22 ? 4.556   6.031   -10.159 1.00   6.17  ? 22  VAL B CG2   1 
ATOM   917  N N     . LEU B 1 23 ? 2.576   6.444   -6.850  1.00   6.70  ? 23  LEU B N     1 
ATOM   918  C CA    . LEU B 1 23 ? 2.919   5.979   -5.497  1.00   6.14  ? 23  LEU B CA    1 
ATOM   919  C C     . LEU B 1 23 ? 3.441   4.546   -5.472  1.00   6.09  ? 23  LEU B C     1 
ATOM   920  O O     . LEU B 1 23 ? 2.784   3.651   -6.064  1.00   5.53  ? 23  LEU B O     1 
ATOM   921  C CB    . LEU B 1 23 ? 1.615   6.136   -4.677  1.00   5.63  ? 23  LEU B CB    1 
ATOM   922  C CG    . LEU B 1 23 ? 1.618   5.378   -3.364  1.00   5.21  ? 23  LEU B CG    1 
ATOM   923  C CD1   . LEU B 1 23 ? 2.603   5.995   -2.389  1.00   5.44  ? 23  LEU B CD1   1 
ATOM   924  C CD2   . LEU B 1 23 ? 0.228   5.353   -2.769  1.00   5.36  ? 23  LEU B CD2   1 
ATOM   925  N N     . LEU B 1 24 ? 4.552   4.370   -4.765  1.00   5.75  ? 24  LEU B N     1 
ATOM   926  C CA    . LEU B 1 24 ? 5.181   3.014   -4.660  1.00   5.52  ? 24  LEU B CA    1 
ATOM   927  C C     . LEU B 1 24 ? 4.473   2.223   -3.585  1.00   5.71  ? 24  LEU B C     1 
ATOM   928  O O     . LEU B 1 24 ? 4.791   2.314   -2.389  1.00   5.37  ? 24  LEU B O     1 
ATOM   929  C CB    . LEU B 1 24 ? 6.668   3.298   -4.460  1.00   5.04  ? 24  LEU B CB    1 
ATOM   930  C CG    . LEU B 1 24 ? 7.265   3.857   -5.751  1.00   4.64  ? 24  LEU B CG    1 
ATOM   931  C CD1   . LEU B 1 24 ? 8.715   4.208   -5.532  1.00   4.62  ? 24  LEU B CD1   1 
ATOM   932  C CD2   . LEU B 1 24 ? 7.000   2.864   -6.885  1.00   3.95  ? 24  LEU B CD2   1 
ATOM   933  N N     . ASP B 1 25 ? 3.506   1.459   -4.090  1.00   5.88  ? 25  ASP B N     1 
ATOM   934  C CA    . ASP B 1 25 ? 2.629   0.685   -3.185  1.00   6.28  ? 25  ASP B CA    1 
ATOM   935  C C     . ASP B 1 25 ? 2.824   -0.813  -3.155  1.00   6.14  ? 25  ASP B C     1 
ATOM   936  O O     . ASP B 1 25 ? 2.354   -1.479  -4.088  1.00   6.24  ? 25  ASP B O     1 
ATOM   937  C CB    . ASP B 1 25 ? 1.183   1.082   -3.582  1.00   6.62  ? 25  ASP B CB    1 
ATOM   938  C CG    . ASP B 1 25 ? 0.194   0.886   -2.445  1.00   6.76  ? 25  ASP B CG    1 
ATOM   939  O OD1   . ASP B 1 25 ? 0.719   0.418   -1.410  1.00   7.10  ? 25  ASP B OD1   1 
ATOM   940  O OD2   . ASP B 1 25 ? -1.002  1.177   -2.566  1.00   6.71  ? 25  ASP B OD2   1 
ATOM   941  N N     . THR B 1 26 ? 3.448   -1.300  -2.087  1.00   6.09  ? 26  THR B N     1 
ATOM   942  C CA    . THR B 1 26 ? 3.734   -2.726  -1.895  1.00   5.20  ? 26  THR B CA    1 
ATOM   943  C C     . THR B 1 26 ? 2.497   -3.492  -1.462  1.00   5.81  ? 26  THR B C     1 
ATOM   944  O O     . THR B 1 26 ? 2.473   -4.736  -1.438  1.00   6.12  ? 26  THR B O     1 
ATOM   945  C CB    . THR B 1 26 ? 4.933   -2.944  -0.883  1.00   4.13  ? 26  THR B CB    1 
ATOM   946  O OG1   . THR B 1 26 ? 4.349   -2.654  0.408   1.00   3.79  ? 26  THR B OG1   1 
ATOM   947  C CG2   . THR B 1 26 ? 6.132   -2.008  -1.070  1.00   4.21  ? 26  THR B CG2   1 
ATOM   948  N N     . GLY B 1 27 ? 1.458   -2.737  -1.134  1.00   6.64  ? 27  GLY B N     1 
ATOM   949  C CA    . GLY B 1 27 ? 0.182   -3.253  -0.665  1.00   7.58  ? 27  GLY B CA    1 
ATOM   950  C C     . GLY B 1 27 ? -0.875  -3.432  -1.732  1.00   8.46  ? 27  GLY B C     1 
ATOM   951  O O     . GLY B 1 27 ? -1.870  -4.116  -1.425  1.00   9.61  ? 27  GLY B O     1 
ATOM   952  N N     . ALA B 1 28 ? -0.722  -2.819  -2.882  1.00   8.70  ? 28  ALA B N     1 
ATOM   953  C CA    . ALA B 1 28 ? -1.653  -2.922  -4.014  1.00   8.79  ? 28  ALA B CA    1 
ATOM   954  C C     . ALA B 1 28 ? -1.209  -4.206  -4.716  1.00   9.54  ? 28  ALA B C     1 
ATOM   955  O O     . ALA B 1 28 ? -0.013  -4.528  -4.576  1.00   10.05 ? 28  ALA B O     1 
ATOM   956  C CB    . ALA B 1 28 ? -1.479  -1.760  -4.976  1.00   8.42  ? 28  ALA B CB    1 
ATOM   957  N N     . ASP B 1 29 ? -2.120  -4.875  -5.388  1.00   10.54 ? 29  ASP B N     1 
ATOM   958  C CA    . ASP B 1 29 ? -1.743  -6.123  -6.088  1.00   10.91 ? 29  ASP B CA    1 
ATOM   959  C C     . ASP B 1 29 ? -1.665  -5.804  -7.581  1.00   11.17 ? 29  ASP B C     1 
ATOM   960  O O     . ASP B 1 29 ? -0.949  -6.487  -8.327  1.00   11.64 ? 29  ASP B O     1 
ATOM   961  C CB    . ASP B 1 29 ? -2.586  -7.318  -5.728  1.00   11.63 ? 29  ASP B CB    1 
ATOM   962  C CG    . ASP B 1 29 ? -2.021  -8.109  -4.554  1.00   12.93 ? 29  ASP B CG    1 
ATOM   963  O OD1   . ASP B 1 29 ? -0.762  -8.216  -4.560  1.00   12.61 ? 29  ASP B OD1   1 
ATOM   964  O OD2   . ASP B 1 29 ? -2.782  -8.616  -3.683  1.00   13.85 ? 29  ASP B OD2   1 
ATOM   965  N N     . ASP B 1 30 ? -2.412  -4.766  -7.898  1.00   11.02 ? 30  ASP B N     1 
ATOM   966  C CA    . ASP B 1 30 ? -2.581  -4.200  -9.237  1.00   10.32 ? 30  ASP B CA    1 
ATOM   967  C C     . ASP B 1 30 ? -2.252  -2.706  -9.155  1.00   9.38  ? 30  ASP B C     1 
ATOM   968  O O     . ASP B 1 30 ? -1.929  -2.244  -8.062  1.00   9.17  ? 30  ASP B O     1 
ATOM   969  C CB    . ASP B 1 30 ? -3.977  -4.448  -9.785  1.00   12.02 ? 30  ASP B CB    1 
ATOM   970  C CG    . ASP B 1 30 ? -4.306  -5.913  -10.031 1.00   12.93 ? 30  ASP B CG    1 
ATOM   971  O OD1   . ASP B 1 30 ? -3.526  -6.704  -10.603 1.00   13.61 ? 30  ASP B OD1   1 
ATOM   972  O OD2   . ASP B 1 30 ? -5.441  -6.234  -9.614  1.00   13.41 ? 30  ASP B OD2   1 
ATOM   973  N N     . SER B 1 31 ? -2.348  -2.024  -10.278 1.00   7.88  ? 31  SER B N     1 
ATOM   974  C CA    . SER B 1 31 ? -2.000  -0.594  -10.348 1.00   6.16  ? 31  SER B CA    1 
ATOM   975  C C     . SER B 1 31 ? -3.107  0.150   -11.058 1.00   5.96  ? 31  SER B C     1 
ATOM   976  O O     . SER B 1 31 ? -3.640  -0.397  -12.025 1.00   5.49  ? 31  SER B O     1 
ATOM   977  C CB    . SER B 1 31 ? -0.692  -0.483  -11.142 1.00   5.76  ? 31  SER B CB    1 
ATOM   978  O OG    . SER B 1 31 ? 0.242   -1.427  -10.625 1.00   4.16  ? 31  SER B OG    1 
ATOM   979  N N     . ILE B 1 32 ? -3.385  1.332   -10.543 1.00   6.27  ? 32  ILE B N     1 
ATOM   980  C CA    . ILE B 1 32 ? -4.439  2.194   -11.094 1.00   6.98  ? 32  ILE B CA    1 
ATOM   981  C C     . ILE B 1 32 ? -3.920  3.611   -11.346 1.00   7.02  ? 32  ILE B C     1 
ATOM   982  O O     . ILE B 1 32 ? -3.110  4.064   -10.516 1.00   7.41  ? 32  ILE B O     1 
ATOM   983  C CB    . ILE B 1 32 ? -5.675  2.283   -10.110 1.00   6.83  ? 32  ILE B CB    1 
ATOM   984  C CG1   . ILE B 1 32 ? -6.028  0.879   -9.607  1.00   6.92  ? 32  ILE B CG1   1 
ATOM   985  C CG2   . ILE B 1 32 ? -6.871  2.972   -10.839 1.00   7.24  ? 32  ILE B CG2   1 
ATOM   986  C CD1   . ILE B 1 32 ? -7.417  0.710   -8.948  1.00   7.55  ? 32  ILE B CD1   1 
ATOM   987  N N     . VAL B 1 33 ? -4.384  4.228   -12.422 1.00   6.89  ? 33  VAL B N     1 
ATOM   988  C CA    . VAL B 1 33 ? -3.956  5.610   -12.712 1.00   7.14  ? 33  VAL B CA    1 
ATOM   989  C C     . VAL B 1 33 ? -5.133  6.320   -13.387 1.00   7.88  ? 33  VAL B C     1 
ATOM   990  O O     . VAL B 1 33 ? -6.002  5.670   -13.999 1.00   8.04  ? 33  VAL B O     1 
ATOM   991  C CB    . VAL B 1 33 ? -2.603  5.729   -13.381 1.00   6.79  ? 33  VAL B CB    1 
ATOM   992  C CG1   . VAL B 1 33 ? -1.755  4.467   -13.323 1.00   6.92  ? 33  VAL B CG1   1 
ATOM   993  C CG2   . VAL B 1 33 ? -2.593  6.372   -14.740 1.00   6.44  ? 33  VAL B CG2   1 
ATOM   994  N N     . ALA B 1 34 ? -5.134  7.634   -13.260 1.00   8.33  ? 34  ALA B N     1 
ATOM   995  C CA    . ALA B 1 34 ? -6.163  8.490   -13.826 1.00   9.38  ? 34  ALA B CA    1 
ATOM   996  C C     . ALA B 1 34 ? -5.748  9.387   -14.998 1.00   9.93  ? 34  ALA B C     1 
ATOM   997  O O     . ALA B 1 34 ? -4.605  9.844   -15.181 1.00   10.46 ? 34  ALA B O     1 
ATOM   998  C CB    . ALA B 1 34 ? -6.722  9.394   -12.712 1.00   8.77  ? 34  ALA B CB    1 
ATOM   999  N N     . GLY B 1 35 ? -6.779  9.662   -15.793 1.00   10.07 ? 35  GLY B N     1 
ATOM   1000 C CA    . GLY B 1 35 ? -6.741  10.525  -16.951 1.00   10.00 ? 35  GLY B CA    1 
ATOM   1001 C C     . GLY B 1 35 ? -5.612  10.137  -17.888 1.00   10.36 ? 35  GLY B C     1 
ATOM   1002 O O     . GLY B 1 35 ? -4.732  10.952  -18.232 1.00   10.81 ? 35  GLY B O     1 
ATOM   1003 N N     . ILE B 1 36 ? -5.694  8.885   -18.308 1.00   10.15 ? 36  ILE B N     1 
ATOM   1004 C CA    . ILE B 1 36 ? -4.653  8.336   -19.222 1.00   9.38  ? 36  ILE B CA    1 
ATOM   1005 C C     . ILE B 1 36 ? -5.343  7.677   -20.387 1.00   9.53  ? 36  ILE B C     1 
ATOM   1006 O O     . ILE B 1 36 ? -6.332  6.960   -20.187 1.00   9.34  ? 36  ILE B O     1 
ATOM   1007 C CB    . ILE B 1 36 ? -3.702  7.472   -18.339 1.00   8.87  ? 36  ILE B CB    1 
ATOM   1008 C CG1   . ILE B 1 36 ? -2.505  8.327   -17.892 1.00   8.93  ? 36  ILE B CG1   1 
ATOM   1009 C CG2   . ILE B 1 36 ? -3.358  6.037   -18.703 1.00   8.42  ? 36  ILE B CG2   1 
ATOM   1010 C CD1   . ILE B 1 36 ? -1.696  9.013   -19.007 1.00   9.09  ? 36  ILE B CD1   1 
ATOM   1011 N N     . GLU B 1 37 ? -4.828  7.944   -21.584 1.00   10.20 ? 37  GLU B N     1 
ATOM   1012 C CA    . GLU B 1 37 ? -5.445  7.300   -22.772 1.00   10.72 ? 37  GLU B CA    1 
ATOM   1013 C C     . GLU B 1 37 ? -4.618  6.037   -22.992 1.00   10.01 ? 37  GLU B C     1 
ATOM   1014 O O     . GLU B 1 37 ? -3.378  6.159   -23.127 1.00   10.92 ? 37  GLU B O     1 
ATOM   1015 C CB    . GLU B 1 37 ? -5.520  8.056   -24.076 1.00   11.35 ? 37  GLU B CB    1 
ATOM   1016 C CG    . GLU B 1 37 ? -6.170  7.228   -25.205 1.00   12.54 ? 37  GLU B CG    1 
ATOM   1017 C CD    . GLU B 1 37 ? -7.644  6.967   -25.006 1.00   13.06 ? 37  GLU B CD    1 
ATOM   1018 O OE1   . GLU B 1 37 ? -8.096  7.688   -24.070 1.00   12.85 ? 37  GLU B OE1   1 
ATOM   1019 O OE2   . GLU B 1 37 ? -8.291  6.174   -25.710 1.00   13.23 ? 37  GLU B OE2   1 
ATOM   1020 N N     . LEU B 1 38 ? -5.288  4.925   -22.961 1.00   8.95  ? 38  LEU B N     1 
ATOM   1021 C CA    . LEU B 1 38 ? -4.519  3.679   -23.122 1.00   8.49  ? 38  LEU B CA    1 
ATOM   1022 C C     . LEU B 1 38 ? -5.119  2.884   -24.266 1.00   8.78  ? 38  LEU B C     1 
ATOM   1023 O O     . LEU B 1 38 ? -4.608  1.770   -24.507 1.00   9.33  ? 38  LEU B O     1 
ATOM   1024 C CB    . LEU B 1 38 ? -4.445  2.936   -21.820 1.00   8.25  ? 38  LEU B CB    1 
ATOM   1025 C CG    . LEU B 1 38 ? -3.513  3.239   -20.676 1.00   7.36  ? 38  LEU B CG    1 
ATOM   1026 C CD1   . LEU B 1 38 ? -3.510  2.000   -19.766 1.00   7.11  ? 38  LEU B CD1   1 
ATOM   1027 C CD2   . LEU B 1 38 ? -2.124  3.460   -21.230 1.00   7.16  ? 38  LEU B CD2   1 
ATOM   1028 N N     . GLY B 1 39 ? -6.146  3.452   -24.900 1.00   8.73  ? 39  GLY B N     1 
ATOM   1029 C CA    . GLY B 1 39 ? -6.726  2.715   -26.039 1.00   8.30  ? 39  GLY B CA    1 
ATOM   1030 C C     . GLY B 1 39 ? -8.029  2.006   -25.706 1.00   8.46  ? 39  GLY B C     1 
ATOM   1031 O O     . GLY B 1 39 ? -8.594  2.216   -24.626 1.00   7.68  ? 39  GLY B O     1 
ATOM   1032 N N     . ASN B 1 40 ? -8.426  1.185   -26.695 1.00   8.27  ? 40  ASN B N     1 
ATOM   1033 C CA    . ASN B 1 40 ? -9.664  0.441   -26.631 1.00   8.57  ? 40  ASN B CA    1 
ATOM   1034 C C     . ASN B 1 40 ? -9.554  -1.042  -26.271 1.00   8.69  ? 40  ASN B C     1 
ATOM   1035 O O     . ASN B 1 40 ? -10.639 -1.717  -26.236 1.00   8.90  ? 40  ASN B O     1 
ATOM   1036 C CB    . ASN B 1 40 ? -10.558 0.734   -27.814 1.00   8.78  ? 40  ASN B CB    1 
ATOM   1037 C CG    . ASN B 1 40 ? -10.676 1.992   -28.573 1.00   8.81  ? 40  ASN B CG    1 
ATOM   1038 O OD1   . ASN B 1 40 ? -10.606 3.168   -28.221 1.00   8.97  ? 40  ASN B OD1   1 
ATOM   1039 N ND2   . ASN B 1 40 ? -10.921 1.863   -29.910 1.00   9.76  ? 40  ASN B ND2   1 
ATOM   1040 N N     . ASN B 1 41 ? -8.387  -1.596  -26.013 1.00   8.18  ? 41  ASN B N     1 
ATOM   1041 C CA    . ASN B 1 41 ? -8.280  -3.045  -25.658 1.00   7.98  ? 41  ASN B CA    1 
ATOM   1042 C C     . ASN B 1 41 ? -8.259  -3.275  -24.137 1.00   7.77  ? 41  ASN B C     1 
ATOM   1043 O O     . ASN B 1 41 ? -7.232  -3.783  -23.635 1.00   7.22  ? 41  ASN B O     1 
ATOM   1044 C CB    . ASN B 1 41 ? -7.036  -3.644  -26.336 1.00   7.75  ? 41  ASN B CB    1 
ATOM   1045 N N     . TYR B 1 42 ? -9.320  -2.940  -23.438 1.00   7.46  ? 42  TYR B N     1 
ATOM   1046 C CA    . TYR B 1 42 ? -9.461  -3.038  -21.985 1.00   7.44  ? 42  TYR B CA    1 
ATOM   1047 C C     . TYR B 1 42 ? -10.341 -4.153  -21.451 1.00   7.68  ? 42  TYR B C     1 
ATOM   1048 O O     . TYR B 1 42 ? -11.193 -4.716  -22.151 1.00   7.89  ? 42  TYR B O     1 
ATOM   1049 C CB    . TYR B 1 42 ? -10.007 -1.672  -21.479 1.00   6.73  ? 42  TYR B CB    1 
ATOM   1050 C CG    . TYR B 1 42 ? -11.246 -1.228  -22.245 1.00   6.44  ? 42  TYR B CG    1 
ATOM   1051 C CD1   . TYR B 1 42 ? -12.501 -1.697  -21.841 1.00   6.36  ? 42  TYR B CD1   1 
ATOM   1052 C CD2   . TYR B 1 42 ? -11.200 -0.360  -23.335 1.00   5.78  ? 42  TYR B CD2   1 
ATOM   1053 C CE1   . TYR B 1 42 ? -13.666 -1.334  -22.520 1.00   6.23  ? 42  TYR B CE1   1 
ATOM   1054 C CE2   . TYR B 1 42 ? -12.356 0.020   -24.001 1.00   5.62  ? 42  TYR B CE2   1 
ATOM   1055 C CZ    . TYR B 1 42 ? -13.594 -0.469  -23.607 1.00   5.80  ? 42  TYR B CZ    1 
ATOM   1056 O OH    . TYR B 1 42 ? -14.738 -0.116  -24.265 1.00   5.44  ? 42  TYR B OH    1 
ATOM   1057 N N     . SER B 1 43 ? -10.150 -4.459  -20.183 1.00   8.45  ? 43  SER B N     1 
ATOM   1058 C CA    . SER B 1 43 ? -10.891 -5.518  -19.445 1.00   9.37  ? 43  SER B CA    1 
ATOM   1059 C C     . SER B 1 43 ? -11.529 -4.822  -18.236 1.00   9.16  ? 43  SER B C     1 
ATOM   1060 O O     . SER B 1 43 ? -10.777 -4.317  -17.407 1.00   8.26  ? 43  SER B O     1 
ATOM   1061 C CB    . SER B 1 43 ? -9.909  -6.607  -19.006 1.00   10.61 ? 43  SER B CB    1 
ATOM   1062 O OG    . SER B 1 43 ? -10.490 -7.910  -18.888 1.00   11.66 ? 43  SER B OG    1 
ATOM   1063 N N     . PRO B 1 44 ? -12.846 -4.771  -18.232 1.00   9.71  ? 44  PRO B N     1 
ATOM   1064 C CA    . PRO B 1 44 ? -13.645 -4.114  -17.198 1.00   10.11 ? 44  PRO B CA    1 
ATOM   1065 C C     . PRO B 1 44 ? -13.581 -4.914  -15.907 1.00   10.54 ? 44  PRO B C     1 
ATOM   1066 O O     . PRO B 1 44 ? -13.778 -6.148  -15.921 1.00   11.26 ? 44  PRO B O     1 
ATOM   1067 C CB    . PRO B 1 44 ? -15.107 -4.083  -17.704 1.00   9.62  ? 44  PRO B CB    1 
ATOM   1068 C CG    . PRO B 1 44 ? -15.005 -4.438  -19.147 1.00   9.74  ? 44  PRO B CG    1 
ATOM   1069 C CD    . PRO B 1 44 ? -13.767 -5.355  -19.239 1.00   10.15 ? 44  PRO B CD    1 
ATOM   1070 N N     . LYS B 1 45 ? -13.309 -4.166  -14.843 1.00   10.80 ? 45  LYS B N     1 
ATOM   1071 C CA    . LYS B 1 45 ? -13.228 -4.906  -13.563 1.00   11.23 ? 45  LYS B CA    1 
ATOM   1072 C C     . LYS B 1 45 ? -13.491 -3.987  -12.394 1.00   11.57 ? 45  LYS B C     1 
ATOM   1073 O O     . LYS B 1 45 ? -13.429 -2.746  -12.568 1.00   12.05 ? 45  LYS B O     1 
ATOM   1074 C CB    . LYS B 1 45 ? -12.023 -5.751  -13.510 1.00   10.85 ? 45  LYS B CB    1 
ATOM   1075 C CG    . LYS B 1 45 ? -10.628 -5.603  -12.976 1.00   10.62 ? 45  LYS B CG    1 
ATOM   1076 C CD    . LYS B 1 45 ? -9.894  -6.947  -13.317 1.00   10.93 ? 45  LYS B CD    1 
ATOM   1077 C CE    . LYS B 1 45 ? -10.168 -7.159  -14.815 1.00   11.35 ? 45  LYS B CE    1 
ATOM   1078 N NZ    . LYS B 1 45 ? -10.205 -8.550  -15.282 1.00   11.60 ? 45  LYS B NZ    1 
ATOM   1079 N N     . ILE B 1 46 ? -13.817 -4.639  -11.280 1.00   11.39 ? 46  ILE B N     1 
ATOM   1080 C CA    . ILE B 1 46 ? -14.055 -3.816  -10.077 1.00   12.01 ? 46  ILE B CA    1 
ATOM   1081 C C     . ILE B 1 46 ? -12.998 -4.310  -9.100  1.00   11.90 ? 46  ILE B C     1 
ATOM   1082 O O     . ILE B 1 46 ? -12.661 -5.499  -9.150  1.00   12.16 ? 46  ILE B O     1 
ATOM   1083 C CB    . ILE B 1 46 ? -15.518 -3.927  -9.600  1.00   12.58 ? 46  ILE B CB    1 
ATOM   1084 C CG1   . ILE B 1 46 ? -15.739 -5.156  -8.687  1.00   13.47 ? 46  ILE B CG1   1 
ATOM   1085 C CG2   . ILE B 1 46 ? -16.510 -4.029  -10.804 1.00   13.28 ? 46  ILE B CG2   1 
ATOM   1086 C CD1   . ILE B 1 46 ? -17.262 -5.457  -8.464  1.00   14.24 ? 46  ILE B CD1   1 
ATOM   1087 N N     . VAL B 1 47 ? -12.530 -3.395  -8.305  1.00   11.85 ? 47  VAL B N     1 
ATOM   1088 C CA    . VAL B 1 47 ? -11.505 -3.660  -7.273  1.00   11.64 ? 47  VAL B CA    1 
ATOM   1089 C C     . VAL B 1 47 ? -12.087 -3.178  -5.941  1.00   11.10 ? 47  VAL B C     1 
ATOM   1090 O O     . VAL B 1 47 ? -12.914 -2.242  -5.962  1.00   11.23 ? 47  VAL B O     1 
ATOM   1091 C CB    . VAL B 1 47 ? -10.242 -2.886  -7.711  1.00   12.25 ? 47  VAL B CB    1 
ATOM   1092 C CG1   . VAL B 1 47 ? -10.106 -1.493  -7.081  1.00   12.41 ? 47  VAL B CG1   1 
ATOM   1093 C CG2   . VAL B 1 47 ? -8.964  -3.701  -7.590  1.00   12.63 ? 47  VAL B CG2   1 
ATOM   1094 N N     . GLY B 1 48 ? -11.665 -3.787  -4.848  1.00   10.78 ? 48  GLY B N     1 
ATOM   1095 C CA    . GLY B 1 48 ? -12.163 -3.385  -3.500  1.00   9.37  ? 48  GLY B CA    1 
ATOM   1096 C C     . GLY B 1 48 ? -10.972 -3.016  -2.627  1.00   8.33  ? 48  GLY B C     1 
ATOM   1097 O O     . GLY B 1 48 ? -9.843  -3.454  -2.873  1.00   9.07  ? 48  GLY B O     1 
ATOM   1098 N N     . GLY B 1 49 ? -11.202 -2.208  -1.630  1.00   7.60  ? 49  GLY B N     1 
ATOM   1099 C CA    . GLY B 1 49 ? -10.208 -1.732  -0.668  1.00   5.84  ? 49  GLY B CA    1 
ATOM   1100 C C     . GLY B 1 49 ? -10.985 -1.381  0.607   1.00   5.79  ? 49  GLY B C     1 
ATOM   1101 O O     . GLY B 1 49 ? -11.932 -2.092  0.993   1.00   5.55  ? 49  GLY B O     1 
ATOM   1102 N N     . ILE B 1 50 ? -10.533 -0.308  1.215   1.00   5.46  ? 50  ILE B N     1 
ATOM   1103 C CA    . ILE B 1 50 ? -11.088 0.281   2.453   1.00   4.49  ? 50  ILE B CA    1 
ATOM   1104 C C     . ILE B 1 50 ? -12.119 1.304   1.899   1.00   4.85  ? 50  ILE B C     1 
ATOM   1105 O O     . ILE B 1 50 ? -11.572 2.139   1.129   1.00   5.82  ? 50  ILE B O     1 
ATOM   1106 C CB    . ILE B 1 50 ? -10.003 1.217   3.121   1.00   3.69  ? 50  ILE B CB    1 
ATOM   1107 C CG1   . ILE B 1 50 ? -8.787  0.476   3.620   1.00   3.18  ? 50  ILE B CG1   1 
ATOM   1108 C CG2   . ILE B 1 50 ? -10.637 2.256   4.059   1.00   3.34  ? 50  ILE B CG2   1 
ATOM   1109 C CD1   . ILE B 1 50 ? -8.921  -0.717  4.561   1.00   3.45  ? 50  ILE B CD1   1 
ATOM   1110 N N     . GLY B 1 51 ? -13.364 1.203   2.271   1.00   4.38  ? 51  GLY B N     1 
ATOM   1111 C CA    . GLY B 1 51 ? -14.363 2.161   1.783   1.00   4.48  ? 51  GLY B CA    1 
ATOM   1112 C C     . GLY B 1 51 ? -15.222 1.567   0.681   1.00   5.16  ? 51  GLY B C     1 
ATOM   1113 O O     . GLY B 1 51 ? -16.280 2.105   0.340   1.00   4.45  ? 51  GLY B O     1 
ATOM   1114 N N     . GLY B 1 52 ? -14.737 0.465   0.129   1.00   6.02  ? 52  GLY B N     1 
ATOM   1115 C CA    . GLY B 1 52 ? -15.406 -0.276  -0.917  1.00   6.91  ? 52  GLY B CA    1 
ATOM   1116 C C     . GLY B 1 52 ? -14.687 -0.450  -2.235  1.00   7.48  ? 52  GLY B C     1 
ATOM   1117 O O     . GLY B 1 52 ? -13.461 -0.443  -2.320  1.00   7.77  ? 52  GLY B O     1 
ATOM   1118 N N     . PHE B 1 53 ? -15.501 -0.606  -3.267  1.00   7.96  ? 53  PHE B N     1 
ATOM   1119 C CA    . PHE B 1 53 ? -15.232 -0.845  -4.656  1.00   7.97  ? 53  PHE B CA    1 
ATOM   1120 C C     . PHE B 1 53 ? -15.248 0.330   -5.613  1.00   7.81  ? 53  PHE B C     1 
ATOM   1121 O O     . PHE B 1 53 ? -15.938 1.319   -5.403  1.00   8.39  ? 53  PHE B O     1 
ATOM   1122 C CB    . PHE B 1 53 ? -16.276 -1.851  -5.233  1.00   8.40  ? 53  PHE B CB    1 
ATOM   1123 C CG    . PHE B 1 53 ? -16.008 -3.180  -4.576  1.00   9.16  ? 53  PHE B CG    1 
ATOM   1124 C CD1   . PHE B 1 53 ? -16.497 -3.411  -3.288  1.00   9.64  ? 53  PHE B CD1   1 
ATOM   1125 C CD2   . PHE B 1 53 ? -15.269 -4.145  -5.236  1.00   9.20  ? 53  PHE B CD2   1 
ATOM   1126 C CE1   . PHE B 1 53 ? -16.257 -4.635  -2.645  1.00   10.07 ? 53  PHE B CE1   1 
ATOM   1127 C CE2   . PHE B 1 53 ? -15.007 -5.351  -4.621  1.00   9.99  ? 53  PHE B CE2   1 
ATOM   1128 C CZ    . PHE B 1 53 ? -15.496 -5.597  -3.329  1.00   10.02 ? 53  PHE B CZ    1 
ATOM   1129 N N     . ILE B 1 54 ? -14.476 0.121   -6.672  1.00   7.66  ? 54  ILE B N     1 
ATOM   1130 C CA    . ILE B 1 54 ? -14.298 1.013   -7.815  1.00   6.15  ? 54  ILE B CA    1 
ATOM   1131 C C     . ILE B 1 54 ? -14.111 0.124   -9.052  1.00   5.98  ? 54  ILE B C     1 
ATOM   1132 O O     . ILE B 1 54 ? -13.577 -0.994  -9.012  1.00   5.64  ? 54  ILE B O     1 
ATOM   1133 C CB    . ILE B 1 54 ? -13.252 2.135   -7.638  1.00   5.35  ? 54  ILE B CB    1 
ATOM   1134 C CG1   . ILE B 1 54 ? -11.813 1.665   -7.962  1.00   5.32  ? 54  ILE B CG1   1 
ATOM   1135 C CG2   . ILE B 1 54 ? -13.315 2.734   -6.209  1.00   5.13  ? 54  ILE B CG2   1 
ATOM   1136 C CD1   . ILE B 1 54 ? -10.818 2.856   -8.156  1.00   4.00  ? 54  ILE B CD1   1 
ATOM   1137 N N     . ASN B 1 55 ? -14.616 0.671   -10.135 1.00   5.97  ? 55  ASN B N     1 
ATOM   1138 C CA    . ASN B 1 55 ? -14.604 0.092   -11.489 1.00   5.78  ? 55  ASN B CA    1 
ATOM   1139 C C     . ASN B 1 55 ? -13.393 0.611   -12.273 1.00   5.33  ? 55  ASN B C     1 
ATOM   1140 O O     . ASN B 1 55 ? -13.269 1.853   -12.395 1.00   5.08  ? 55  ASN B O     1 
ATOM   1141 C CB    . ASN B 1 55 ? -15.899 0.468   -12.221 1.00   6.44  ? 55  ASN B CB    1 
ATOM   1142 C CG    . ASN B 1 55 ? -17.075 -0.370  -11.760 1.00   6.73  ? 55  ASN B CG    1 
ATOM   1143 O OD1   . ASN B 1 55 ? -17.456 -1.328  -12.471 1.00   7.42  ? 55  ASN B OD1   1 
ATOM   1144 N ND2   . ASN B 1 55 ? -17.610 -0.044  -10.594 1.00   7.21  ? 55  ASN B ND2   1 
ATOM   1145 N N     . THR B 1 56 ? -12.601 -0.329  -12.744 1.00   4.57  ? 56  THR B N     1 
ATOM   1146 C CA    . THR B 1 56 ? -11.403 0.059   -13.528 1.00   4.31  ? 56  THR B CA    1 
ATOM   1147 C C     . THR B 1 56 ? -11.570 -0.523  -14.921 1.00   4.14  ? 56  THR B C     1 
ATOM   1148 O O     . THR B 1 56 ? -12.637 -1.049  -15.260 1.00   4.62  ? 56  THR B O     1 
ATOM   1149 C CB    . THR B 1 56 ? -10.074 -0.311  -12.776 1.00   4.40  ? 56  THR B CB    1 
ATOM   1150 O OG1   . THR B 1 56 ? -9.932  -1.766  -12.739 1.00   4.21  ? 56  THR B OG1   1 
ATOM   1151 C CG2   . THR B 1 56 ? -9.982  0.276   -11.361 1.00   3.88  ? 56  THR B CG2   1 
ATOM   1152 N N     . LEU B 1 57 ? -10.583 -0.460  -15.751 1.00   4.14  ? 57  LEU B N     1 
ATOM   1153 C CA    . LEU B 1 57 ? -10.528 -0.990  -17.114 1.00   4.21  ? 57  LEU B CA    1 
ATOM   1154 C C     . LEU B 1 57 ? -9.096  -1.535  -17.250 1.00   4.28  ? 57  LEU B C     1 
ATOM   1155 O O     . LEU B 1 57 ? -8.153  -0.723  -17.236 1.00   4.29  ? 57  LEU B O     1 
ATOM   1156 C CB    . LEU B 1 57 ? -10.865 0.082   -18.120 1.00   4.25  ? 57  LEU B CB    1 
ATOM   1157 C CG    . LEU B 1 57 ? -12.187 0.771   -18.338 1.00   3.95  ? 57  LEU B CG    1 
ATOM   1158 C CD1   . LEU B 1 57 ? -12.050 1.697   -19.557 1.00   3.39  ? 57  LEU B CD1   1 
ATOM   1159 C CD2   . LEU B 1 57 ? -13.283 -0.262  -18.641 1.00   4.12  ? 57  LEU B CD2   1 
ATOM   1160 N N     . GLU B 1 58 ? -8.974  -2.831  -17.379 1.00   4.86  ? 58  GLU B N     1 
ATOM   1161 C CA    . GLU B 1 58 ? -7.641  -3.431  -17.454 1.00   5.88  ? 58  GLU B CA    1 
ATOM   1162 C C     . GLU B 1 58 ? -6.965  -3.511  -18.785 1.00   6.53  ? 58  GLU B C     1 
ATOM   1163 O O     . GLU B 1 58 ? -7.390  -4.197  -19.740 1.00   7.48  ? 58  GLU B O     1 
ATOM   1164 C CB    . GLU B 1 58 ? -7.665  -4.787  -16.771 1.00   6.52  ? 58  GLU B CB    1 
ATOM   1165 C CG    . GLU B 1 58 ? -6.499  -5.744  -16.741 1.00   7.05  ? 58  GLU B CG    1 
ATOM   1166 C CD    . GLU B 1 58 ? -6.733  -7.022  -15.982 1.00   7.56  ? 58  GLU B CD    1 
ATOM   1167 O OE1   . GLU B 1 58 ? -6.751  -7.026  -14.765 1.00   7.42  ? 58  GLU B OE1   1 
ATOM   1168 O OE2   . GLU B 1 58 ? -6.911  -8.022  -16.736 1.00   8.56  ? 58  GLU B OE2   1 
ATOM   1169 N N     . TYR B 1 59 ? -5.844  -2.813  -18.864 1.00   7.03  ? 59  TYR B N     1 
ATOM   1170 C CA    . TYR B 1 59 ? -4.997  -2.791  -20.065 1.00   7.37  ? 59  TYR B CA    1 
ATOM   1171 C C     . TYR B 1 59 ? -3.699  -3.563  -19.747 1.00   8.06  ? 59  TYR B C     1 
ATOM   1172 O O     . TYR B 1 59 ? -2.805  -3.158  -18.954 1.00   7.55  ? 59  TYR B O     1 
ATOM   1173 C CB    . TYR B 1 59 ? -4.750  -1.380  -20.565 1.00   7.42  ? 59  TYR B CB    1 
ATOM   1174 C CG    . TYR B 1 59 ? -5.898  -0.530  -21.002 1.00   7.49  ? 59  TYR B CG    1 
ATOM   1175 C CD1   . TYR B 1 59 ? -6.473  -0.647  -22.274 1.00   7.46  ? 59  TYR B CD1   1 
ATOM   1176 C CD2   . TYR B 1 59 ? -6.412  0.454   -20.145 1.00   7.66  ? 59  TYR B CD2   1 
ATOM   1177 C CE1   . TYR B 1 59 ? -7.532  0.166   -22.688 1.00   7.43  ? 59  TYR B CE1   1 
ATOM   1178 C CE2   . TYR B 1 59 ? -7.481  1.276   -20.534 1.00   7.82  ? 59  TYR B CE2   1 
ATOM   1179 C CZ    . TYR B 1 59 ? -8.033  1.136   -21.821 1.00   7.82  ? 59  TYR B CZ    1 
ATOM   1180 O OH    . TYR B 1 59 ? -9.068  1.934   -22.218 1.00   7.04  ? 59  TYR B OH    1 
ATOM   1181 N N     . LYS B 1 60 ? -3.635  -4.736  -20.376 1.00   8.30  ? 60  LYS B N     1 
ATOM   1182 C CA    . LYS B 1 60 ? -2.466  -5.613  -20.223 1.00   8.95  ? 60  LYS B CA    1 
ATOM   1183 C C     . LYS B 1 60 ? -1.435  -5.280  -21.317 1.00   9.12  ? 60  LYS B C     1 
ATOM   1184 O O     . LYS B 1 60 ? -1.855  -4.932  -22.413 1.00   9.27  ? 60  LYS B O     1 
ATOM   1185 C CB    . LYS B 1 60 ? -2.802  -7.092  -20.285 1.00   8.84  ? 60  LYS B CB    1 
ATOM   1186 C CG    . LYS B 1 60 ? -3.853  -7.544  -19.183 1.00   9.10  ? 60  LYS B CG    1 
ATOM   1187 C CD    . LYS B 1 60 ? -4.383  -8.850  -19.728 1.00   9.90  ? 60  LYS B CD    1 
ATOM   1188 C CE    . LYS B 1 60 ? -5.801  -9.149  -19.244 1.00   10.14 ? 60  LYS B CE    1 
ATOM   1189 N NZ    . LYS B 1 60 ? -6.101  -10.485 -19.931 1.00   10.70 ? 60  LYS B NZ    1 
ATOM   1190 N N     . ASN B 1 61 ? -0.175  -5.375  -20.970 1.00   9.19  ? 61  ASN B N     1 
ATOM   1191 C CA    . ASN B 1 61 ? 0.967   -5.117  -21.814 1.00   9.74  ? 61  ASN B CA    1 
ATOM   1192 C C     . ASN B 1 61 ? 1.113   -3.660  -22.217 1.00   10.42 ? 61  ASN B C     1 
ATOM   1193 O O     . ASN B 1 61 ? 1.170   -3.266  -23.398 1.00   11.05 ? 61  ASN B O     1 
ATOM   1194 C CB    . ASN B 1 61 ? 0.998   -6.136  -22.946 1.00   9.71  ? 61  ASN B CB    1 
ATOM   1195 C CG    . ASN B 1 61 ? 2.375   -6.264  -23.612 1.00   9.79  ? 61  ASN B CG    1 
ATOM   1196 O OD1   . ASN B 1 61 ? 2.458   -6.731  -24.763 1.00   8.89  ? 61  ASN B OD1   1 
ATOM   1197 N ND2   . ASN B 1 61 ? 3.420   -5.870  -22.880 1.00   9.11  ? 61  ASN B ND2   1 
ATOM   1198 N N     . VAL B 1 62 ? 1.214   -2.791  -21.239 1.00   11.13 ? 62  VAL B N     1 
ATOM   1199 C CA    . VAL B 1 62 ? 1.385   -1.326  -21.437 1.00   11.53 ? 62  VAL B CA    1 
ATOM   1200 C C     . VAL B 1 62 ? 2.881   -1.159  -21.087 1.00   12.82 ? 62  VAL B C     1 
ATOM   1201 O O     . VAL B 1 62 ? 3.229   -1.733  -20.019 1.00   13.39 ? 62  VAL B O     1 
ATOM   1202 C CB    . VAL B 1 62 ? 0.549   -0.623  -20.350 1.00   11.12 ? 62  VAL B CB    1 
ATOM   1203 C CG1   . VAL B 1 62 ? 0.977   0.803   -20.085 1.00   11.02 ? 62  VAL B CG1   1 
ATOM   1204 C CG2   . VAL B 1 62 ? -0.925  -0.797  -20.533 1.00   11.11 ? 62  VAL B CG2   1 
ATOM   1205 N N     . GLU B 1 63 ? 3.637   -0.495  -21.936 1.00   13.67 ? 63  GLU B N     1 
ATOM   1206 C CA    . GLU B 1 63 ? 5.058   -0.337  -21.608 1.00   14.13 ? 63  GLU B CA    1 
ATOM   1207 C C     . GLU B 1 63 ? 5.051   0.951   -20.754 1.00   14.27 ? 63  GLU B C     1 
ATOM   1208 O O     . GLU B 1 63 ? 4.381   1.928   -21.080 1.00   14.23 ? 63  GLU B O     1 
ATOM   1209 C CB    . GLU B 1 63 ? 6.022   -0.078  -22.728 1.00   15.11 ? 63  GLU B CB    1 
ATOM   1210 C CG    . GLU B 1 63 ? 6.392   1.389   -22.941 1.00   16.71 ? 63  GLU B CG    1 
ATOM   1211 C CD    . GLU B 1 63 ? 7.333   1.711   -24.061 1.00   17.67 ? 63  GLU B CD    1 
ATOM   1212 O OE1   . GLU B 1 63 ? 7.891   0.887   -24.785 1.00   18.28 ? 63  GLU B OE1   1 
ATOM   1213 O OE2   . GLU B 1 63 ? 7.483   2.962   -24.173 1.00   18.41 ? 63  GLU B OE2   1 
ATOM   1214 N N     . ILE B 1 64 ? 5.819   0.839   -19.710 1.00   14.10 ? 64  ILE B N     1 
ATOM   1215 C CA    . ILE B 1 64 ? 6.056   1.854   -18.684 1.00   13.48 ? 64  ILE B CA    1 
ATOM   1216 C C     . ILE B 1 64 ? 7.570   2.084   -18.628 1.00   13.46 ? 64  ILE B C     1 
ATOM   1217 O O     . ILE B 1 64 ? 8.324   1.270   -19.158 1.00   13.14 ? 64  ILE B O     1 
ATOM   1218 C CB    . ILE B 1 64 ? 5.598   1.101   -17.352 1.00   13.19 ? 64  ILE B CB    1 
ATOM   1219 C CG1   . ILE B 1 64 ? 4.122   0.687   -17.559 1.00   13.05 ? 64  ILE B CG1   1 
ATOM   1220 C CG2   . ILE B 1 64 ? 5.870   1.947   -16.102 1.00   13.13 ? 64  ILE B CG2   1 
ATOM   1221 C CD1   . ILE B 1 64 ? 3.709   -0.556  -16.726 1.00   12.95 ? 64  ILE B CD1   1 
ATOM   1222 N N     . GLU B 1 65 ? 7.964   3.138   -17.979 1.00   13.95 ? 65  GLU B N     1 
ATOM   1223 C CA    . GLU B 1 65 ? 9.378   3.491   -17.796 1.00   14.33 ? 65  GLU B CA    1 
ATOM   1224 C C     . GLU B 1 65 ? 9.531   4.253   -16.477 1.00   14.12 ? 65  GLU B C     1 
ATOM   1225 O O     . GLU B 1 65 ? 9.163   5.449   -16.442 1.00   14.71 ? 65  GLU B O     1 
ATOM   1226 C CB    . GLU B 1 65 ? 9.773   4.449   -18.915 1.00   15.21 ? 65  GLU B CB    1 
ATOM   1227 C CG    . GLU B 1 65 ? 11.208  4.978   -19.007 1.00   16.14 ? 65  GLU B CG    1 
ATOM   1228 C CD    . GLU B 1 65 ? 11.322  6.135   -19.968 1.00   16.65 ? 65  GLU B CD    1 
ATOM   1229 O OE1   . GLU B 1 65 ? 10.501  6.036   -20.917 1.00   17.63 ? 65  GLU B OE1   1 
ATOM   1230 O OE2   . GLU B 1 65 ? 12.089  7.077   -19.877 1.00   17.18 ? 65  GLU B OE2   1 
ATOM   1231 N N     . VAL B 1 66 ? 10.043  3.598   -15.455 1.00   12.99 ? 66  VAL B N     1 
ATOM   1232 C CA    . VAL B 1 66 ? 10.225  4.229   -14.143 1.00   12.11 ? 66  VAL B CA    1 
ATOM   1233 C C     . VAL B 1 66 ? 11.671  4.021   -13.691 1.00   11.96 ? 66  VAL B C     1 
ATOM   1234 O O     . VAL B 1 66 ? 12.339  3.077   -14.141 1.00   11.78 ? 66  VAL B O     1 
ATOM   1235 C CB    . VAL B 1 66 ? 9.233   3.591   -13.140 1.00   12.02 ? 66  VAL B CB    1 
ATOM   1236 C CG1   . VAL B 1 66 ? 8.870   4.578   -12.046 1.00   11.87 ? 66  VAL B CG1   1 
ATOM   1237 C CG2   . VAL B 1 66 ? 8.008   2.987   -13.755 1.00   11.59 ? 66  VAL B CG2   1 
ATOM   1238 N N     . LEU B 1 67 ? 12.098  4.865   -12.790 1.00   11.77 ? 67  LEU B N     1 
ATOM   1239 C CA    . LEU B 1 67 ? 13.433  4.877   -12.185 1.00   11.73 ? 67  LEU B CA    1 
ATOM   1240 C C     . LEU B 1 67 ? 14.525  4.297   -13.084 1.00   12.02 ? 67  LEU B C     1 
ATOM   1241 O O     . LEU B 1 67 ? 15.240  3.362   -12.674 1.00   12.45 ? 67  LEU B O     1 
ATOM   1242 C CB    . LEU B 1 67 ? 13.308  4.044   -10.902 1.00   11.15 ? 67  LEU B CB    1 
ATOM   1243 C CG    . LEU B 1 67 ? 12.312  4.464   -9.850  1.00   10.21 ? 67  LEU B CG    1 
ATOM   1244 C CD1   . LEU B 1 67 ? 12.284  3.405   -8.754  1.00   10.10 ? 67  LEU B CD1   1 
ATOM   1245 C CD2   . LEU B 1 67 ? 12.808  5.803   -9.316  1.00   9.94  ? 67  LEU B CD2   1 
ATOM   1246 N N     . ASN B 1 68 ? 14.641  4.848   -14.263 1.00   12.19 ? 68  ASN B N     1 
ATOM   1247 C CA    . ASN B 1 68 ? 15.595  4.463   -15.298 1.00   12.13 ? 68  ASN B CA    1 
ATOM   1248 C C     . ASN B 1 68 ? 15.488  3.004   -15.702 1.00   11.85 ? 68  ASN B C     1 
ATOM   1249 O O     . ASN B 1 68 ? 16.522  2.408   -16.064 1.00   12.59 ? 68  ASN B O     1 
ATOM   1250 C CB    . ASN B 1 68 ? 16.986  4.986   -14.975 1.00   12.41 ? 68  ASN B CB    1 
ATOM   1251 C CG    . ASN B 1 68 ? 17.099  6.476   -14.708 1.00   12.91 ? 68  ASN B CG    1 
ATOM   1252 O OD1   . ASN B 1 68 ? 16.763  7.385   -15.497 1.00   12.97 ? 68  ASN B OD1   1 
ATOM   1253 N ND2   . ASN B 1 68 ? 17.639  6.843   -13.529 1.00   13.14 ? 68  ASN B ND2   1 
ATOM   1254 N N     . LYS B 1 69 ? 14.333  2.401   -15.699 1.00   11.34 ? 69  LYS B N     1 
ATOM   1255 C CA    . LYS B 1 69 ? 14.049  1.021   -16.055 1.00   11.23 ? 69  LYS B CA    1 
ATOM   1256 C C     . LYS B 1 69 ? 12.772  0.996   -16.912 1.00   10.92 ? 69  LYS B C     1 
ATOM   1257 O O     . LYS B 1 69 ? 11.825  1.698   -16.516 1.00   11.28 ? 69  LYS B O     1 
ATOM   1258 C CB    . LYS B 1 69 ? 13.669  0.170   -14.841 1.00   12.12 ? 69  LYS B CB    1 
ATOM   1259 C CG    . LYS B 1 69 ? 14.708  -0.435  -13.945 1.00   12.86 ? 69  LYS B CG    1 
ATOM   1260 C CD    . LYS B 1 69 ? 15.459  0.577   -13.090 1.00   13.84 ? 69  LYS B CD    1 
ATOM   1261 C CE    . LYS B 1 69 ? 16.882  0.074   -12.818 1.00   14.83 ? 69  LYS B CE    1 
ATOM   1262 N NZ    . LYS B 1 69 ? 17.742  1.058   -12.093 1.00   14.85 ? 69  LYS B NZ    1 
ATOM   1263 N N     . LYS B 1 70 ? 12.741  0.192   -17.937 1.00   10.30 ? 70  LYS B N     1 
ATOM   1264 C CA    . LYS B 1 70 ? 11.565  0.056   -18.835 1.00   10.40 ? 70  LYS B CA    1 
ATOM   1265 C C     . LYS B 1 70 ? 10.850  -1.248  -18.529 1.00   10.02 ? 70  LYS B C     1 
ATOM   1266 O O     . LYS B 1 70 ? 11.546  -2.285  -18.497 1.00   11.19 ? 70  LYS B O     1 
ATOM   1267 C CB    . LYS B 1 70 ? 11.993  0.133   -20.300 1.00   9.58  ? 70  LYS B CB    1 
ATOM   1268 N N     . VAL B 1 71 ? 9.565   -1.299  -18.274 1.00   9.96  ? 71  VAL B N     1 
ATOM   1269 C CA    . VAL B 1 71 ? 8.872   -2.563  -17.934 1.00   9.91  ? 71  VAL B CA    1 
ATOM   1270 C C     . VAL B 1 71 ? 7.636   -2.623  -18.826 1.00   10.41 ? 71  VAL B C     1 
ATOM   1271 O O     . VAL B 1 71 ? 7.310   -1.551  -19.345 1.00   11.19 ? 71  VAL B O     1 
ATOM   1272 C CB    . VAL B 1 71 ? 8.461   -2.600  -16.458 1.00   9.41  ? 71  VAL B CB    1 
ATOM   1273 C CG1   . VAL B 1 71 ? 9.626   -2.492  -15.499 1.00   9.66  ? 71  VAL B CG1   1 
ATOM   1274 C CG2   . VAL B 1 71 ? 7.486   -1.466  -16.141 1.00   9.78  ? 71  VAL B CG2   1 
ATOM   1275 N N     . ARG B 1 72 ? 7.067   -3.783  -18.959 1.00   10.85 ? 72  ARG B N     1 
ATOM   1276 C CA    . ARG B 1 72 ? 5.838   -3.974  -19.776 1.00   11.59 ? 72  ARG B CA    1 
ATOM   1277 C C     . ARG B 1 72 ? 4.900   -4.685  -18.784 1.00   11.45 ? 72  ARG B C     1 
ATOM   1278 O O     . ARG B 1 72 ? 5.119   -5.901  -18.595 1.00   12.18 ? 72  ARG B O     1 
ATOM   1279 C CB    . ARG B 1 72 ? 6.079   -4.833  -21.002 1.00   12.18 ? 72  ARG B CB    1 
ATOM   1280 C CG    . ARG B 1 72 ? 6.475   -4.153  -22.294 1.00   13.08 ? 72  ARG B CG    1 
ATOM   1281 C CD    . ARG B 1 72 ? 5.391   -4.043  -23.312 1.00   13.18 ? 72  ARG B CD    1 
ATOM   1282 N NE    . ARG B 1 72 ? 5.757   -3.130  -24.386 1.00   14.40 ? 72  ARG B NE    1 
ATOM   1283 C CZ    . ARG B 1 72 ? 4.959   -2.801  -25.413 1.00   15.18 ? 72  ARG B CZ    1 
ATOM   1284 N NH1   . ARG B 1 72 ? 3.735   -3.336  -25.580 1.00   15.73 ? 72  ARG B NH1   1 
ATOM   1285 N NH2   . ARG B 1 72 ? 5.332   -1.849  -26.291 1.00   15.25 ? 72  ARG B NH2   1 
ATOM   1286 N N     . ALA B 1 73 ? 3.995   -3.945  -18.172 1.00   10.97 ? 73  ALA B N     1 
ATOM   1287 C CA    . ALA B 1 73 ? 3.083   -4.533  -17.163 1.00   10.46 ? 73  ALA B CA    1 
ATOM   1288 C C     . ALA B 1 73 ? 1.617   -4.316  -17.516 1.00   10.15 ? 73  ALA B C     1 
ATOM   1289 O O     . ALA B 1 73 ? 1.309   -3.998  -18.675 1.00   10.91 ? 73  ALA B O     1 
ATOM   1290 C CB    . ALA B 1 73 ? 3.451   -4.039  -15.771 1.00   9.78  ? 73  ALA B CB    1 
ATOM   1291 N N     . THR B 1 74 ? 0.740   -4.511  -16.579 1.00   9.70  ? 74  THR B N     1 
ATOM   1292 C CA    . THR B 1 74 ? -0.701  -4.367  -16.622 1.00   9.23  ? 74  THR B CA    1 
ATOM   1293 C C     . THR B 1 74 ? -1.141  -3.198  -15.703 1.00   9.21  ? 74  THR B C     1 
ATOM   1294 O O     . THR B 1 74 ? -0.752  -3.095  -14.519 1.00   8.24  ? 74  THR B O     1 
ATOM   1295 C CB    . THR B 1 74 ? -1.422  -5.660  -15.996 1.00   9.34  ? 74  THR B CB    1 
ATOM   1296 O OG1   . THR B 1 74 ? -1.136  -6.790  -16.839 1.00   8.83  ? 74  THR B OG1   1 
ATOM   1297 C CG2   . THR B 1 74 ? -2.909  -5.425  -15.710 1.00   8.92  ? 74  THR B CG2   1 
ATOM   1298 N N     . ILE B 1 75 ? -1.993  -2.351  -16.261 1.00   9.05  ? 75  ILE B N     1 
ATOM   1299 C CA    . ILE B 1 75 ? -2.542  -1.209  -15.512 1.00   8.55  ? 75  ILE B CA    1 
ATOM   1300 C C     . ILE B 1 75 ? -4.044  -1.119  -15.856 1.00   8.68  ? 75  ILE B C     1 
ATOM   1301 O O     . ILE B 1 75 ? -4.504  -1.506  -16.942 1.00   8.01  ? 75  ILE B O     1 
ATOM   1302 C CB    . ILE B 1 75 ? -1.832  0.156   -15.585 1.00   8.33  ? 75  ILE B CB    1 
ATOM   1303 C CG1   . ILE B 1 75 ? -2.141  0.870   -16.932 1.00   7.66  ? 75  ILE B CG1   1 
ATOM   1304 C CG2   . ILE B 1 75 ? -0.309  0.215   -15.310 1.00   8.25  ? 75  ILE B CG2   1 
ATOM   1305 C CD1   . ILE B 1 75 ? -2.653  2.319   -16.657 1.00   7.72  ? 75  ILE B CD1   1 
ATOM   1306 N N     . MET B 1 76 ? -4.755  -0.626  -14.865 1.00   8.92  ? 76  MET B N     1 
ATOM   1307 C CA    . MET B 1 76 ? -6.205  -0.440  -14.959 1.00   9.82  ? 76  MET B CA    1 
ATOM   1308 C C     . MET B 1 76 ? -6.540  1.054   -14.818 1.00   10.14 ? 76  MET B C     1 
ATOM   1309 O O     . MET B 1 76 ? -5.859  1.752   -14.039 1.00   10.33 ? 76  MET B O     1 
ATOM   1310 C CB    . MET B 1 76 ? -6.931  -1.156  -13.819 1.00   9.70  ? 76  MET B CB    1 
ATOM   1311 C CG    . MET B 1 76 ? -6.411  -2.550  -13.607 1.00   9.86  ? 76  MET B CG    1 
ATOM   1312 S SD    . MET B 1 76 ? -7.363  -3.134  -12.156 1.00   10.16 ? 76  MET B SD    1 
ATOM   1313 C CE    . MET B 1 76 ? -7.022  -4.889  -12.301 1.00   11.09 ? 76  MET B CE    1 
ATOM   1314 N N     . THR B 1 77 ? -7.599  1.431   -15.525 1.00   10.38 ? 77  THR B N     1 
ATOM   1315 C CA    . THR B 1 77 ? -7.998  2.824   -15.416 1.00   11.50 ? 77  THR B CA    1 
ATOM   1316 C C     . THR B 1 77 ? -9.266  3.006   -14.616 1.00   11.39 ? 77  THR B C     1 
ATOM   1317 O O     . THR B 1 77 ? -10.350 2.682   -15.070 1.00   11.55 ? 77  THR B O     1 
ATOM   1318 C CB    . THR B 1 77 ? -7.880  3.701   -16.705 1.00   12.08 ? 77  THR B CB    1 
ATOM   1319 O OG1   . THR B 1 77 ? -6.813  3.098   -17.533 1.00   12.73 ? 77  THR B OG1   1 
ATOM   1320 C CG2   . THR B 1 77 ? -7.431  5.153   -16.342 1.00   11.92 ? 77  THR B CG2   1 
ATOM   1321 N N     . GLY B 1 78 ? -9.086  3.570   -13.437 1.00   12.14 ? 78  GLY B N     1 
ATOM   1322 C CA    . GLY B 1 78 ? -10.115 3.907   -12.444 1.00   12.39 ? 78  GLY B CA    1 
ATOM   1323 C C     . GLY B 1 78 ? -9.813  5.315   -11.901 1.00   12.69 ? 78  GLY B C     1 
ATOM   1324 O O     . GLY B 1 78 ? -8.702  5.832   -12.122 1.00   12.75 ? 78  GLY B O     1 
ATOM   1325 N N     . ASP B 1 79 ? -10.787 5.892   -11.211 1.00   12.73 ? 79  ASP B N     1 
ATOM   1326 C CA    . ASP B 1 79 ? -10.636 7.223   -10.614 1.00   12.63 ? 79  ASP B CA    1 
ATOM   1327 C C     . ASP B 1 79 ? -10.167 7.105   -9.149  1.00   12.25 ? 79  ASP B C     1 
ATOM   1328 O O     . ASP B 1 79 ? -10.920 6.686   -8.265  1.00   11.81 ? 79  ASP B O     1 
ATOM   1329 C CB    . ASP B 1 79 ? -11.913 8.061   -10.584 1.00   13.52 ? 79  ASP B CB    1 
ATOM   1330 C CG    . ASP B 1 79 ? -12.592 8.188   -11.933 1.00   13.93 ? 79  ASP B CG    1 
ATOM   1331 O OD1   . ASP B 1 79 ? -11.850 8.230   -12.929 1.00   14.18 ? 79  ASP B OD1   1 
ATOM   1332 O OD2   . ASP B 1 79 ? -13.850 8.230   -11.897 1.00   14.22 ? 79  ASP B OD2   1 
ATOM   1333 N N     . THR B 1 80 ? -8.948  7.540   -8.969  1.00   11.67 ? 80  THR B N     1 
ATOM   1334 C CA    . THR B 1 80 ? -8.256  7.558   -7.664  1.00   10.20 ? 80  THR B CA    1 
ATOM   1335 C C     . THR B 1 80 ? -7.671  8.959   -7.535  1.00   9.82  ? 80  THR B C     1 
ATOM   1336 O O     . THR B 1 80 ? -7.306  9.548   -8.570  1.00   10.35 ? 80  THR B O     1 
ATOM   1337 C CB    . THR B 1 80 ? -7.131  6.443   -7.728  1.00   9.59  ? 80  THR B CB    1 
ATOM   1338 O OG1   . THR B 1 80 ? -6.375  6.503   -6.496  1.00   9.52  ? 80  THR B OG1   1 
ATOM   1339 C CG2   . THR B 1 80 ? -6.156  6.632   -8.888  1.00   9.62  ? 80  THR B CG2   1 
ATOM   1340 N N     . PRO B 1 81 ? -7.577  9.458   -6.316  1.00   9.64  ? 81  PRO B N     1 
ATOM   1341 C CA    . PRO B 1 81 ? -6.974  10.781  -6.054  1.00   8.92  ? 81  PRO B CA    1 
ATOM   1342 C C     . PRO B 1 81 ? -5.470  10.741  -6.353  1.00   8.19  ? 81  PRO B C     1 
ATOM   1343 O O     . PRO B 1 81 ? -4.836  11.743  -6.694  1.00   8.26  ? 81  PRO B O     1 
ATOM   1344 C CB    . PRO B 1 81 ? -7.148  10.970  -4.542  1.00   9.23  ? 81  PRO B CB    1 
ATOM   1345 C CG    . PRO B 1 81 ? -7.423  9.605   -3.960  1.00   9.18  ? 81  PRO B CG    1 
ATOM   1346 C CD    . PRO B 1 81 ? -8.012  8.775   -5.067  1.00   9.40  ? 81  PRO B CD    1 
ATOM   1347 N N     . ILE B 1 82 ? -4.904  9.562   -6.171  1.00   7.97  ? 82  ILE B N     1 
ATOM   1348 C CA    . ILE B 1 82 ? -3.502  9.181   -6.336  1.00   7.38  ? 82  ILE B CA    1 
ATOM   1349 C C     . ILE B 1 82 ? -3.294  7.864   -7.077  1.00   6.99  ? 82  ILE B C     1 
ATOM   1350 O O     . ILE B 1 82 ? -3.860  6.814   -6.755  1.00   7.02  ? 82  ILE B O     1 
ATOM   1351 C CB    . ILE B 1 82 ? -2.810  9.140   -4.895  1.00   7.34  ? 82  ILE B CB    1 
ATOM   1352 C CG1   . ILE B 1 82 ? -2.861  10.579  -4.348  1.00   7.39  ? 82  ILE B CG1   1 
ATOM   1353 C CG2   . ILE B 1 82 ? -1.379  8.564   -4.876  1.00   6.63  ? 82  ILE B CG2   1 
ATOM   1354 C CD1   . ILE B 1 82 ? -2.754  10.831  -2.841  1.00   7.73  ? 82  ILE B CD1   1 
ATOM   1355 N N     . ASN B 1 83 ? -2.432  7.945   -8.075  1.00   6.64  ? 83  ASN B N     1 
ATOM   1356 C CA    . ASN B 1 83 ? -2.047  6.815   -8.942  1.00   6.07  ? 83  ASN B CA    1 
ATOM   1357 C C     . ASN B 1 83 ? -1.167  5.884   -8.097  1.00   5.35  ? 83  ASN B C     1 
ATOM   1358 O O     . ASN B 1 83 ? -0.309  6.345   -7.316  1.00   5.56  ? 83  ASN B O     1 
ATOM   1359 C CB    . ASN B 1 83 ? -1.370  7.268   -10.234 1.00   6.15  ? 83  ASN B CB    1 
ATOM   1360 C CG    . ASN B 1 83 ? -2.124  8.380   -10.944 1.00   6.48  ? 83  ASN B CG    1 
ATOM   1361 O OD1   . ASN B 1 83 ? -3.373  8.461   -10.825 1.00   6.72  ? 83  ASN B OD1   1 
ATOM   1362 N ND2   . ASN B 1 83 ? -1.375  9.228   -11.655 1.00   6.47  ? 83  ASN B ND2   1 
ATOM   1363 N N     . ILE B 1 84 ? -1.406  4.619   -8.318  1.00   4.46  ? 84  ILE B N     1 
ATOM   1364 C CA    . ILE B 1 84 ? -0.685  3.564   -7.592  1.00   3.98  ? 84  ILE B CA    1 
ATOM   1365 C C     . ILE B 1 84 ? 0.064   2.647   -8.555  1.00   3.41  ? 84  ILE B C     1 
ATOM   1366 O O     . ILE B 1 84 ? -0.473  2.355   -9.625  1.00   3.35  ? 84  ILE B O     1 
ATOM   1367 C CB    . ILE B 1 84 ? -1.792  2.676   -6.845  1.00   3.89  ? 84  ILE B CB    1 
ATOM   1368 C CG1   . ILE B 1 84 ? -2.666  3.608   -5.992  1.00   3.77  ? 84  ILE B CG1   1 
ATOM   1369 C CG2   . ILE B 1 84 ? -1.146  1.513   -6.054  1.00   3.74  ? 84  ILE B CG2   1 
ATOM   1370 C CD1   . ILE B 1 84 ? -4.177  3.324   -5.930  1.00   3.38  ? 84  ILE B CD1   1 
ATOM   1371 N N     . PHE B 1 85 ? 1.219   2.232   -8.131  1.00   2.84  ? 85  PHE B N     1 
ATOM   1372 C CA    . PHE B 1 85 ? 2.088   1.280   -8.840  1.00   2.50  ? 85  PHE B CA    1 
ATOM   1373 C C     . PHE B 1 85 ? 2.274   0.163   -7.796  1.00   2.91  ? 85  PHE B C     1 
ATOM   1374 O O     . PHE B 1 85 ? 3.165   0.230   -6.938  1.00   4.18  ? 85  PHE B O     1 
ATOM   1375 C CB    . PHE B 1 85 ? 3.326   1.856   -9.425  1.00   2.00  ? 85  PHE B CB    1 
ATOM   1376 C CG    . PHE B 1 85 ? 3.356   2.417   -10.811 1.00   2.00  ? 85  PHE B CG    1 
ATOM   1377 C CD1   . PHE B 1 85 ? 2.204   2.747   -11.514 1.00   2.00  ? 85  PHE B CD1   1 
ATOM   1378 C CD2   . PHE B 1 85 ? 4.595   2.584   -11.456 1.00   2.00  ? 85  PHE B CD2   1 
ATOM   1379 C CE1   . PHE B 1 85 ? 2.238   3.248   -12.804 1.00   2.00  ? 85  PHE B CE1   1 
ATOM   1380 C CE2   . PHE B 1 85 ? 4.691   3.094   -12.731 1.00   2.00  ? 85  PHE B CE2   1 
ATOM   1381 C CZ    . PHE B 1 85 ? 3.494   3.401   -13.384 1.00   2.00  ? 85  PHE B CZ    1 
ATOM   1382 N N     . GLY B 1 86 ? 1.391   -0.801  -7.799  1.00   3.10  ? 86  GLY B N     1 
ATOM   1383 C CA    . GLY B 1 86 ? 1.390   -1.911  -6.846  1.00   3.06  ? 86  GLY B CA    1 
ATOM   1384 C C     . GLY B 1 86 ? 2.531   -2.864  -7.183  1.00   3.33  ? 86  GLY B C     1 
ATOM   1385 O O     . GLY B 1 86 ? 3.433   -2.504  -7.928  1.00   3.52  ? 86  GLY B O     1 
ATOM   1386 N N     . ARG B 1 87 ? 2.459   -4.049  -6.607  1.00   3.57  ? 87  ARG B N     1 
ATOM   1387 C CA    . ARG B 1 87 ? 3.436   -5.089  -6.776  1.00   3.61  ? 87  ARG B CA    1 
ATOM   1388 C C     . ARG B 1 87 ? 3.607   -5.563  -8.195  1.00   3.20  ? 87  ARG B C     1 
ATOM   1389 O O     . ARG B 1 87 ? 4.748   -5.935  -8.541  1.00   3.92  ? 87  ARG B O     1 
ATOM   1390 C CB    . ARG B 1 87 ? 3.325   -6.269  -5.801  1.00   4.15  ? 87  ARG B CB    1 
ATOM   1391 C CG    . ARG B 1 87 ? 4.407   -6.188  -4.729  1.00   5.20  ? 87  ARG B CG    1 
ATOM   1392 C CD    . ARG B 1 87 ? 4.347   -7.275  -3.734  1.00   6.51  ? 87  ARG B CD    1 
ATOM   1393 N NE    . ARG B 1 87 ? 3.108   -7.416  -3.032  1.00   7.21  ? 87  ARG B NE    1 
ATOM   1394 C CZ    . ARG B 1 87 ? 2.070   -8.147  -3.396  1.00   7.68  ? 87  ARG B CZ    1 
ATOM   1395 N NH1   . ARG B 1 87 ? 2.065   -8.968  -4.429  1.00   7.84  ? 87  ARG B NH1   1 
ATOM   1396 N NH2   . ARG B 1 87 ? 0.950   -7.898  -2.681  1.00   8.98  ? 87  ARG B NH2   1 
ATOM   1397 N N     . ASN B 1 88 ? 2.561   -5.567  -8.986  1.00   2.36  ? 88  ASN B N     1 
ATOM   1398 C CA    . ASN B 1 88 ? 2.761   -6.061  -10.356 1.00   2.00  ? 88  ASN B CA    1 
ATOM   1399 C C     . ASN B 1 88 ? 4.002   -5.400  -10.945 1.00   2.00  ? 88  ASN B C     1 
ATOM   1400 O O     . ASN B 1 88 ? 4.822   -6.083  -11.598 1.00   2.74  ? 88  ASN B O     1 
ATOM   1401 C CB    . ASN B 1 88 ? 1.467   -5.997  -11.133 1.00   2.06  ? 88  ASN B CB    1 
ATOM   1402 C CG    . ASN B 1 88 ? 0.998   -4.605  -11.521 1.00   2.00  ? 88  ASN B CG    1 
ATOM   1403 O OD1   . ASN B 1 88 ? 1.065   -3.703  -10.665 1.00   2.85  ? 88  ASN B OD1   1 
ATOM   1404 N ND2   . ASN B 1 88 ? 0.558   -4.399  -12.753 1.00   2.00  ? 88  ASN B ND2   1 
ATOM   1405 N N     . ILE B 1 89 ? 4.171   -4.114  -10.761 1.00   2.00  ? 89  ILE B N     1 
ATOM   1406 C CA    . ILE B 1 89 ? 5.250   -3.262  -11.266 1.00   2.00  ? 89  ILE B CA    1 
ATOM   1407 C C     . ILE B 1 89 ? 6.508   -3.262  -10.403 1.00   2.00  ? 89  ILE B C     1 
ATOM   1408 O O     . ILE B 1 89 ? 7.645   -3.200  -10.943 1.00   2.00  ? 89  ILE B O     1 
ATOM   1409 C CB    . ILE B 1 89 ? 4.669   -1.833  -11.564 1.00   2.00  ? 89  ILE B CB    1 
ATOM   1410 C CG1   . ILE B 1 89 ? 3.510   -1.925  -12.588 1.00   2.00  ? 89  ILE B CG1   1 
ATOM   1411 C CG2   . ILE B 1 89 ? 5.629   -0.723  -11.997 1.00   2.00  ? 89  ILE B CG2   1 
ATOM   1412 C CD1   . ILE B 1 89 ? 3.289   -0.533  -13.258 1.00   2.00  ? 89  ILE B CD1   1 
ATOM   1413 N N     . LEU B 1 90 ? 6.336   -3.300  -9.098  1.00   2.00  ? 90  LEU B N     1 
ATOM   1414 C CA    . LEU B 1 90 ? 7.445   -3.298  -8.168  1.00   2.00  ? 90  LEU B CA    1 
ATOM   1415 C C     . LEU B 1 90 ? 8.333   -4.535  -8.350  1.00   2.84  ? 90  LEU B C     1 
ATOM   1416 O O     . LEU B 1 90 ? 9.583   -4.453  -8.359  1.00   3.29  ? 90  LEU B O     1 
ATOM   1417 C CB    . LEU B 1 90 ? 6.897   -3.147  -6.774  1.00   2.00  ? 90  LEU B CB    1 
ATOM   1418 C CG    . LEU B 1 90 ? 6.311   -1.890  -6.202  1.00   2.00  ? 90  LEU B CG    1 
ATOM   1419 C CD1   . LEU B 1 90 ? 6.564   -1.883  -4.692  1.00   2.00  ? 90  LEU B CD1   1 
ATOM   1420 C CD2   . LEU B 1 90 ? 6.872   -0.652  -6.870  1.00   2.00  ? 90  LEU B CD2   1 
ATOM   1421 N N     . THR B 1 91 ? 7.668   -5.679  -8.469  1.00   3.55  ? 91  THR B N     1 
ATOM   1422 C CA    . THR B 1 91 ? 8.309   -6.974  -8.690  1.00   3.65  ? 91  THR B CA    1 
ATOM   1423 C C     . THR B 1 91 ? 9.033   -6.988  -10.060 1.00   3.65  ? 91  THR B C     1 
ATOM   1424 O O     . THR B 1 91 ? 10.075  -7.656  -10.173 1.00   3.79  ? 91  THR B O     1 
ATOM   1425 C CB    . THR B 1 91 ? 7.295   -8.189  -8.721  1.00   3.67  ? 91  THR B CB    1 
ATOM   1426 O OG1   . THR B 1 91 ? 6.659   -8.144  -10.044 1.00   3.46  ? 91  THR B OG1   1 
ATOM   1427 C CG2   . THR B 1 91 ? 6.374   -8.262  -7.529  1.00   3.25  ? 91  THR B CG2   1 
ATOM   1428 N N     . ALA B 1 92 ? 8.464   -6.313  -11.025 1.00   3.52  ? 92  ALA B N     1 
ATOM   1429 C CA    . ALA B 1 92 ? 9.016   -6.209  -12.373 1.00   4.11  ? 92  ALA B CA    1 
ATOM   1430 C C     . ALA B 1 92 ? 10.212  -5.258  -12.420 1.00   4.60  ? 92  ALA B C     1 
ATOM   1431 O O     . ALA B 1 92 ? 11.148  -5.493  -13.186 1.00   4.89  ? 92  ALA B O     1 
ATOM   1432 C CB    . ALA B 1 92 ? 8.000   -5.617  -13.358 1.00   3.95  ? 92  ALA B CB    1 
ATOM   1433 N N     . LEU B 1 93 ? 10.089  -4.182  -11.656 1.00   5.80  ? 93  LEU B N     1 
ATOM   1434 C CA    . LEU B 1 93 ? 11.133  -3.137  -11.568 1.00   5.81  ? 93  LEU B CA    1 
ATOM   1435 C C     . LEU B 1 93 ? 12.337  -3.745  -10.857 1.00   5.93  ? 93  LEU B C     1 
ATOM   1436 O O     . LEU B 1 93 ? 13.456  -3.272  -11.004 1.00   6.20  ? 93  LEU B O     1 
ATOM   1437 C CB    . LEU B 1 93 ? 10.572  -1.868  -10.982 1.00   5.82  ? 93  LEU B CB    1 
ATOM   1438 C CG    . LEU B 1 93 ? 10.067  -0.721  -11.797 1.00   5.90  ? 93  LEU B CG    1 
ATOM   1439 C CD1   . LEU B 1 93 ? 9.750   0.496   -10.925 1.00   6.49  ? 93  LEU B CD1   1 
ATOM   1440 C CD2   . LEU B 1 93 ? 11.134  -0.253  -12.778 1.00   6.44  ? 93  LEU B CD2   1 
ATOM   1441 N N     . GLY B 1 94 ? 12.060  -4.799  -10.123 1.00   6.62  ? 94  GLY B N     1 
ATOM   1442 C CA    . GLY B 1 94 ? 13.068  -5.564  -9.368  1.00   7.39  ? 94  GLY B CA    1 
ATOM   1443 C C     . GLY B 1 94 ? 13.214  -4.960  -7.965  1.00   7.96  ? 94  GLY B C     1 
ATOM   1444 O O     . GLY B 1 94 ? 14.314  -5.008  -7.368  1.00   8.41  ? 94  GLY B O     1 
ATOM   1445 N N     . MET B 1 95 ? 12.084  -4.420  -7.505  1.00   7.69  ? 95  MET B N     1 
ATOM   1446 C CA    . MET B 1 95 ? 12.007  -3.764  -6.217  1.00   7.59  ? 95  MET B CA    1 
ATOM   1447 C C     . MET B 1 95 ? 11.824  -4.693  -5.033  1.00   7.92  ? 95  MET B C     1 
ATOM   1448 O O     . MET B 1 95 ? 11.051  -5.650  -5.094  1.00   7.36  ? 95  MET B O     1 
ATOM   1449 C CB    . MET B 1 95 ? 11.006  -2.616  -6.292  1.00   7.95  ? 95  MET B CB    1 
ATOM   1450 C CG    . MET B 1 95 ? 11.646  -1.335  -6.806  1.00   7.61  ? 95  MET B CG    1 
ATOM   1451 S SD    . MET B 1 95 ? 11.022  -0.013  -5.685  1.00   7.74  ? 95  MET B SD    1 
ATOM   1452 C CE    . MET B 1 95 ? 12.111  1.351   -6.190  1.00   6.50  ? 95  MET B CE    1 
ATOM   1453 N N     . SER B 1 96 ? 12.549  -4.354  -3.957  1.00   8.51  ? 96  SER B N     1 
ATOM   1454 C CA    . SER B 1 96 ? 12.574  -5.048  -2.672  1.00   8.94  ? 96  SER B CA    1 
ATOM   1455 C C     . SER B 1 96 ? 12.310  -4.122  -1.468  1.00   9.49  ? 96  SER B C     1 
ATOM   1456 O O     . SER B 1 96 ? 12.481  -2.897  -1.517  1.00   9.50  ? 96  SER B O     1 
ATOM   1457 C CB    . SER B 1 96 ? 13.977  -5.621  -2.414  1.00   8.76  ? 96  SER B CB    1 
ATOM   1458 O OG    . SER B 1 96 ? 14.625  -4.803  -1.447  1.00   8.72  ? 96  SER B OG    1 
ATOM   1459 N N     . LEU B 1 97 ? 11.960  -4.737  -0.357  1.00   9.98  ? 97  LEU B N     1 
ATOM   1460 C CA    . LEU B 1 97 ? 11.695  -3.975  0.907   1.00   11.01 ? 97  LEU B CA    1 
ATOM   1461 C C     . LEU B 1 97 ? 12.758  -4.353  1.932   1.00   11.47 ? 97  LEU B C     1 
ATOM   1462 O O     . LEU B 1 97 ? 12.498  -5.364  2.616   1.00   11.86 ? 97  LEU B O     1 
ATOM   1463 C CB    . LEU B 1 97 ? 10.291  -4.445  1.328   1.00   10.46 ? 97  LEU B CB    1 
ATOM   1464 C CG    . LEU B 1 97 ? 9.317   -3.626  2.095   1.00   10.07 ? 97  LEU B CG    1 
ATOM   1465 C CD1   . LEU B 1 97 ? 8.984   -2.287  1.456   1.00   10.25 ? 97  LEU B CD1   1 
ATOM   1466 C CD2   . LEU B 1 97 ? 7.984   -4.368  2.235   1.00   10.32 ? 97  LEU B CD2   1 
ATOM   1467 N N     . ASN B 1 98 ? 13.863  -3.668  2.113   1.00   12.26 ? 98  ASN B N     1 
ATOM   1468 C CA    . ASN B 1 98 ? 14.825  -4.122  3.127   1.00   13.52 ? 98  ASN B CA    1 
ATOM   1469 C C     . ASN B 1 98 ? 14.810  -3.410  4.476   1.00   14.19 ? 98  ASN B C     1 
ATOM   1470 O O     . ASN B 1 98 ? 14.223  -2.377  4.792   1.00   14.09 ? 98  ASN B O     1 
ATOM   1471 C CB    . ASN B 1 98 ? 16.209  -4.090  2.472   1.00   13.92 ? 98  ASN B CB    1 
ATOM   1472 C CG    . ASN B 1 98 ? 16.605  -2.610  2.512   1.00   14.85 ? 98  ASN B CG    1 
ATOM   1473 O OD1   . ASN B 1 98 ? 16.698  -2.041  3.618   1.00   15.28 ? 98  ASN B OD1   1 
ATOM   1474 N ND2   . ASN B 1 98 ? 16.751  -2.048  1.321   1.00   15.12 ? 98  ASN B ND2   1 
ATOM   1475 N N     . LEU B 1 99 ? 15.614  -3.974  5.377   1.00   15.50 ? 99  LEU B N     1 
ATOM   1476 C CA    . LEU B 1 99 ? 15.764  -3.525  6.765   1.00   16.21 ? 99  LEU B CA    1 
ATOM   1477 C C     . LEU B 1 99 ? 17.173  -3.024  7.083   1.00   16.87 ? 99  LEU B C     1 
ATOM   1478 O O     . LEU B 1 99 ? 18.048  -3.898  6.822   1.00   18.03 ? 99  LEU B O     1 
ATOM   1479 C CB    . LEU B 1 99 ? 15.416  -4.802  7.539   1.00   16.23 ? 99  LEU B CB    1 
ATOM   1480 C CG    . LEU B 1 99 ? 14.558  -4.686  8.772   1.00   16.63 ? 99  LEU B CG    1 
ATOM   1481 C CD1   . LEU B 1 99 ? 13.522  -3.562  8.647   1.00   16.81 ? 99  LEU B CD1   1 
ATOM   1482 C CD2   . LEU B 1 99 ? 13.798  -6.030  8.871   1.00   16.67 ? 99  LEU B CD2   1 
HETATM 1483 O O     . 0PX C 2 .  ? -2.869  6.243   2.773   1.00   8.92  ? 100 0PX A O     1 
HETATM 1484 C C     . 0PX C 2 .  ? -4.075  6.223   2.463   1.00   7.96  ? 100 0PX A C     1 
HETATM 1485 N N1    . 0PX C 2 .  ? -6.172  7.418   1.469   1.00   7.33  ? 100 0PX A N1    1 
HETATM 1486 C C2    . 0PX C 2 .  ? -4.843  7.454   2.126   1.00   7.78  ? 100 0PX A C2    1 
HETATM 1487 C C3    . 0PX C 2 .  ? -4.464  8.868   2.411   1.00   7.58  ? 100 0PX A C3    1 
HETATM 1488 C C4    . 0PX C 2 .  ? -4.640  9.759   1.402   1.00   7.02  ? 100 0PX A C4    1 
HETATM 1489 C C4A   . 0PX C 2 .  ? -6.004  9.694   0.844   1.00   6.26  ? 100 0PX A C4A   1 
HETATM 1490 C C5    . 0PX C 2 .  ? -6.568  10.805  0.249   1.00   6.38  ? 100 0PX A C5    1 
HETATM 1491 C C6    . 0PX C 2 .  ? -7.854  10.764  -0.259  1.00   6.21  ? 100 0PX A C6    1 
HETATM 1492 C C7    . 0PX C 2 .  ? -8.560  9.576   -0.212  1.00   6.37  ? 100 0PX A C7    1 
HETATM 1493 C C8    . 0PX C 2 .  ? -7.981  8.447   0.344   1.00   6.17  ? 100 0PX A C8    1 
HETATM 1494 C C8A   . 0PX C 2 .  ? -6.717  8.506   0.880   1.00   6.27  ? 100 0PX A C8A   1 
HETATM 1495 N N     . 0PX C 2 .  ? -4.791  5.127   2.416   1.00   8.18  ? 100 0PX A N     1 
HETATM 1496 C CA    . 0PX C 2 .  ? -4.303  3.761   2.702   1.00   8.29  ? 100 0PX A CA    1 
HETATM 1497 C C1    . 0PX C 2 .  ? -4.782  2.953   1.476   1.00   8.77  ? 100 0PX A C1    1 
HETATM 1498 O O1    . 0PX C 2 .  ? -5.969  2.614   1.350   1.00   8.06  ? 100 0PX A O1    1 
HETATM 1499 C CB    . 0PX C 2 .  ? -4.825  3.264   4.035   1.00   7.92  ? 100 0PX A CB    1 
HETATM 1500 C CG    . 0PX C 2 .  ? -4.435  4.162   5.194   1.00   7.93  ? 100 0PX A CG    1 
HETATM 1501 O OD1   . 0PX C 2 .  ? -3.360  3.923   5.773   1.00   7.79  ? 100 0PX A OD1   1 
HETATM 1502 N ND2   . 0PX C 2 .  ? -5.268  5.147   5.547   1.00   7.37  ? 100 0PX A ND2   1 
HETATM 1503 N N2    . 0PX C 2 .  ? -3.778  2.769   0.622   1.00   9.57  ? 100 0PX A N2    1 
HETATM 1504 C CA1   . 0PX C 2 .  ? -3.934  2.087   -0.668  1.00   10.23 ? 100 0PX A CA1   1 
HETATM 1505 C CB1   . 0PX C 2 .  ? -3.754  2.785   -1.857  1.00   10.52 ? 100 0PX A CB1   1 
HETATM 1506 C CG1   . 0PX C 2 .  ? -4.277  4.163   -2.226  1.00   10.80 ? 100 0PX A CG1   1 
HETATM 1507 C CD1   . 0PX C 2 .  ? -3.613  5.366   -1.539  1.00   11.12 ? 100 0PX A CD1   1 
HETATM 1508 C CD2   . 0PX C 2 .  ? -5.791  4.358   -2.395  1.00   10.85 ? 100 0PX A CD2   1 
HETATM 1509 C CE1   . 0PX C 2 .  ? -4.016  6.732   -2.120  1.00   11.02 ? 100 0PX A CE1   1 
HETATM 1510 C CE2   . 0PX C 2 .  ? -6.109  5.711   -3.070  1.00   10.59 ? 100 0PX A CE2   1 
HETATM 1511 C CZ    . 0PX C 2 .  ? -5.546  6.892   -2.255  1.00   10.84 ? 100 0PX A CZ    1 
HETATM 1512 C CH    . 0PX C 2 .  ? -3.488  0.619   -0.575  1.00   10.44 ? 100 0PX A CH    1 
HETATM 1513 O OH    . 0PX C 2 .  ? -2.400  0.411   0.008   1.00   9.92  ? 100 0PX A OH    1 
HETATM 1514 C CB11  . 0PX C 2 .  ? -4.675  -0.140  -0.016  1.00   11.30 ? 100 0PX A CB11  1 
HETATM 1515 C "CA'" . 0PX C 2 .  ? -4.741  -1.621  -0.520  1.00   12.67 ? 100 0PX A "CA'" 1 
HETATM 1516 C "CB'" . 0PX C 2 .  ? -5.213  -2.479  0.724   1.00   12.54 ? 100 0PX A "CB'" 1 
HETATM 1517 C CG11  . 0PX C 2 .  ? -4.745  -3.902  0.932   1.00   12.17 ? 100 0PX A CG11  1 
HETATM 1518 C CG2   . 0PX C 2 .  ? -6.615  -2.217  1.230   1.00   11.95 ? 100 0PX A CG2   1 
HETATM 1519 C C9    . 0PX C 2 .  ? -5.780  -1.720  -1.651  1.00   13.58 ? 100 0PX A C9    1 
HETATM 1520 O O2    . 0PX C 2 .  ? -6.939  -1.264  -1.533  1.00   14.76 ? 100 0PX A O2    1 
HETATM 1521 N N3    . 0PX C 2 .  ? -5.419  -2.347  -2.745  1.00   14.17 ? 100 0PX A N3    1 
HETATM 1522 C C11   . 0PX C 2 .  ? -6.325  -2.547  -3.899  1.00   14.14 ? 100 0PX A C11   1 
HETATM 1523 C C21   . 0PX C 2 .  ? -6.096  -1.406  -4.943  1.00   14.17 ? 100 0PX A C21   1 
HETATM 1524 C C31   . 0PX C 2 .  ? -4.630  -1.324  -5.417  1.00   14.61 ? 100 0PX A C31   1 
HETATM 1525 C C41   . 0PX C 2 .  ? -6.398  -0.119  -4.147  1.00   14.66 ? 100 0PX A C41   1 
HETATM 1526 C C51   . 0PX C 2 .  ? -6.964  -1.610  -6.178  1.00   14.12 ? 100 0PX A C51   1 
HETATM 1527 O O     . HOH D 3 .  ? 10.539  -8.571  -6.107  -99.00 14.99 ? 300 HOH A O     1 
HETATM 1528 O O     . HOH D 3 .  ? 1.525   -12.454 -5.153  1.00   10.84 ? 301 HOH A O     1 
HETATM 1529 O O     . HOH D 3 .  ? 7.967   -11.676 12.602  0.96   11.66 ? 302 HOH A O     1 
HETATM 1530 O O     . HOH D 3 .  ? -1.417  -7.948  28.016  0.98   19.42 ? 303 HOH A O     1 
HETATM 1531 O O     . HOH D 3 .  ? -5.333  -6.976  23.672  1.00   7.48  ? 304 HOH A O     1 
HETATM 1532 O O     . HOH D 3 .  ? -4.970  -4.355  25.889  1.00   5.63  ? 305 HOH A O     1 
HETATM 1533 O O     . HOH D 3 .  ? -0.447  7.540   12.115  0.97   10.03 ? 306 HOH A O     1 
HETATM 1534 O O     . HOH D 3 .  ? -2.442  3.631   13.203  0.69   4.06  ? 307 HOH A O     1 
HETATM 1535 O O     . HOH D 3 .  ? -8.869  -9.992  12.155  1.00   9.42  ? 308 HOH A O     1 
HETATM 1536 O O     . HOH D 3 .  ? -6.103  7.650   20.899  0.97   11.00 ? 309 HOH A O     1 
HETATM 1537 O O     . HOH D 3 .  ? 13.526  4.083   9.140   0.72   5.70  ? 311 HOH A O     1 
HETATM 1538 O O     . HOH D 3 .  ? -6.444  -10.626 17.891  0.97   16.37 ? 333 HOH A O     1 
HETATM 1539 O O     . HOH D 3 .  ? -7.539  -12.620 16.070  0.86   18.23 ? 334 HOH A O     1 
HETATM 1540 O O     . HOH D 3 .  ? -4.702  -10.058 7.776   0.67   7.49  ? 335 HOH A O     1 
HETATM 1541 O O     . HOH D 3 .  ? -0.842  6.867   1.137   0.91   11.22 ? 336 HOH A O     1 
HETATM 1542 O O     . HOH D 3 .  ? 3.598   7.622   8.865   0.94   23.33 ? 337 HOH A O     1 
HETATM 1543 O O     . HOH D 3 .  ? -2.825  2.955   23.951  0.71   6.71  ? 339 HOH A O     1 
HETATM 1544 O O     . HOH D 3 .  ? -3.336  7.103   24.858  0.77   10.87 ? 340 HOH A O     1 
HETATM 1545 O O     . HOH D 3 .  ? 2.906   5.677   15.486  0.66   2.00  ? 341 HOH A O     1 
HETATM 1546 O O     . HOH E 3 .  ? -14.137 -0.415  4.382   0.99   5.37  ? 310 HOH B O     1 
HETATM 1547 O O     . HOH E 3 .  ? 11.916  4.842   6.612   0.71   7.05  ? 312 HOH B O     1 
HETATM 1548 O O     . HOH E 3 .  ? 9.781   8.242   0.650   0.77   10.46 ? 313 HOH B O     1 
HETATM 1549 O O     . HOH E 3 .  ? 10.811  8.311   -15.950 0.81   19.37 ? 314 HOH B O     1 
HETATM 1550 O O     . HOH E 3 .  ? 9.086   7.372   -22.469 0.92   26.98 ? 315 HOH B O     1 
HETATM 1551 O O     . HOH E 3 .  ? -0.672  10.728  -7.999  0.94   6.18  ? 316 HOH B O     1 
HETATM 1552 O O     . HOH E 3 .  ? -2.447  -3.255  -12.322 0.81   4.49  ? 317 HOH B O     1 
HETATM 1553 O O     . HOH E 3 .  ? -2.442  11.385  -14.225 0.68   18.02 ? 318 HOH B O     1 
HETATM 1554 O O     . HOH E 3 .  ? -9.469  8.521   -16.120 1.00   16.73 ? 319 HOH B O     1 
HETATM 1555 O O     . HOH E 3 .  ? -8.436  4.630   -21.042 0.99   10.37 ? 320 HOH B O     1 
HETATM 1556 O O     . HOH E 3 .  ? -2.420  5.256   -25.940 0.94   5.54  ? 321 HOH B O     1 
HETATM 1557 O O     . HOH E 3 .  ? -5.573  -1.002  -25.317 0.74   9.14  ? 322 HOH B O     1 
HETATM 1558 O O     . HOH E 3 .  ? -6.377  -6.026  -22.018 0.78   2.00  ? 323 HOH B O     1 
HETATM 1559 O O     . HOH E 3 .  ? -7.616  0.085   -28.646 0.61   10.66 ? 324 HOH B O     1 
HETATM 1560 O O     . HOH E 3 .  ? -14.093 -2.460  -27.990 0.76   8.16  ? 325 HOH B O     1 
HETATM 1561 O O     . HOH E 3 .  ? -14.283 -4.724  0.228   0.89   25.59 ? 326 HOH B O     1 
HETATM 1562 O O     . HOH E 3 .  ? -13.505 3.735   -13.750 0.80   8.17  ? 327 HOH B O     1 
HETATM 1563 O O     . HOH E 3 .  ? -17.837 3.454   -13.797 0.78   2.00  ? 328 HOH B O     1 
HETATM 1564 O O     . HOH E 3 .  ? -17.963 4.127   -17.610 0.84   27.35 ? 329 HOH B O     1 
HETATM 1565 O O     . HOH E 3 .  ? -15.469 -1.075  -15.348 0.94   3.97  ? 330 HOH B O     1 
HETATM 1566 O O     . HOH E 3 .  ? 18.528  4.942   -11.046 1.00   24.77 ? 331 HOH B O     1 
HETATM 1567 O O     . HOH E 3 .  ? 5.199   -8.637  -11.688 0.75   6.19  ? 332 HOH B O     1 
HETATM 1568 O O     . HOH E 3 .  ? -18.872 3.363   -1.521  0.88   10.58 ? 338 HOH B O     1 
HETATM 1569 O O     . HOH E 3 .  ? 1.521   14.127  -12.667 0.62   20.44 ? 342 HOH B O     1 
HETATM 1570 O O     . HOH E 3 .  ? -1.898  15.004  -8.517  0.87   10.22 ? 343 HOH B O     1 
HETATM 1571 O O     . HOH E 3 .  ? 23.651  5.454   1.802   0.74   13.47 ? 344 HOH B O     1 
HETATM 1572 O O     . HOH E 3 .  ? 16.402  7.203   -18.938 0.80   20.39 ? 345 HOH B O     1 
# 
